data_6VWY
#
_entry.id   6VWY
#
_cell.length_a   65.560
_cell.length_b   147.360
_cell.length_c   66.050
_cell.angle_alpha   90.000
_cell.angle_beta   110.780
_cell.angle_gamma   90.000
#
_symmetry.space_group_name_H-M   'P 1 21 1'
#
loop_
_entity.id
_entity.type
_entity.pdbx_description
1 polymer 'Carbon monoxide dehydrogenase'
2 non-polymer 'IRON/SULFUR CLUSTER'
3 non-polymer 'FE(4)-NI(1)-S(4) CLUSTER'
4 non-polymer 'Fe(4)-Ni(1)-S(4) cluster, oxidized'
5 non-polymer GLYCEROL
6 water water
#
_entity_poly.entity_id   1
_entity_poly.type   'polypeptide(L)'
_entity_poly.pdbx_seq_one_letter_code
;MSSSKTIRSRSIWDDAHAMLEKAKAEGISTVWDRAAEQTPACKFGELGTCCRNCIMGPCRIANRKDGKMRLGVCGADADV
IVARNFGRFIAGGAAGHSDHGRDLIETLEAVAEGKAPGYTIRDVAKLRRIAAELGVADAATRPAHDVAADLVTICYNDFG
SRRNALAFLARAPQVRRDLWQRLGMTPRGVDREIAEMMHRTHMGCDNDHTSLLVHAARTALADGWGGSMIGTELSDILFG
TPRPRQSTVNLGVLRKDAVNILVHGHNPVVSEMILAATREPAVRQAAQDAGAADINVAGLCCTGNELLMRQGIPMAGNHL
MTELAIVTGAADAIVADYQCIMPSLVQIAACYHTRFVTTSPKGRFTGATHVEVHPHNAQERCREIVMLAIDAYTRRDPAR
VDIPSQPVSIMSGFSNEAILEALGGTPKPLIDAVVAGQIRGFVGIVGCNNPKIRQDSANVTLTRELIRRDIMVLATGCVT
TAAGKAGLLVPEAASKAGEGLAAVCRSLGVPPVLHMGSCVDNSRILQLCALLATTLGVDISDLPVGASSPEWYSEKAAAI
AMYAVASGIPTHLGLPPNILGSENVTAMALHGLQDVVGAAFMVEPDPVKAADMLEAHIVARRARLGLTS
;
_entity_poly.pdbx_strand_id   A,B
#
loop_
_chem_comp.id
_chem_comp.type
_chem_comp.name
_chem_comp.formula
CUV non-polymer 'Fe(4)-Ni(1)-S(4) cluster, oxidized' 'Fe4 Ni S4'
GOL non-polymer GLYCEROL 'C3 H8 O3'
SF4 non-polymer 'IRON/SULFUR CLUSTER' 'Fe4 S4'
XCC non-polymer 'FE(4)-NI(1)-S(4) CLUSTER' 'Fe4 Ni S4'
#
# COMPACT_ATOMS: atom_id res chain seq x y z
N SER A 4 40.06 -5.81 -17.57
CA SER A 4 38.92 -5.72 -18.48
C SER A 4 38.29 -4.35 -18.36
N LYS A 5 38.08 -3.70 -19.51
CA LYS A 5 37.44 -2.39 -19.51
C LYS A 5 36.01 -2.46 -19.01
N THR A 6 35.30 -3.55 -19.30
CA THR A 6 33.93 -3.68 -18.83
C THR A 6 33.88 -3.80 -17.32
N ILE A 7 34.75 -4.63 -16.73
CA ILE A 7 34.75 -4.82 -15.29
C ILE A 7 35.12 -3.52 -14.59
N ARG A 8 36.15 -2.83 -15.09
CA ARG A 8 36.55 -1.56 -14.47
C ARG A 8 35.39 -0.56 -14.49
N SER A 9 34.57 -0.58 -15.53
CA SER A 9 33.47 0.38 -15.61
C SER A 9 32.36 0.08 -14.61
N ARG A 10 32.33 -1.10 -14.01
CA ARG A 10 31.21 -1.43 -13.14
C ARG A 10 31.39 -0.97 -11.71
N SER A 11 32.63 -0.70 -11.29
CA SER A 11 32.88 -0.32 -9.91
C SER A 11 34.20 0.43 -9.85
N ILE A 12 34.35 1.25 -8.81
CA ILE A 12 35.65 1.88 -8.57
C ILE A 12 36.57 1.06 -7.67
N TRP A 13 36.08 -0.06 -7.11
CA TRP A 13 36.82 -0.78 -6.07
C TRP A 13 37.55 -2.01 -6.58
N ASP A 14 38.80 -2.18 -6.09
CA ASP A 14 39.60 -3.36 -6.42
C ASP A 14 38.93 -4.66 -5.96
N ASP A 15 38.31 -4.66 -4.77
CA ASP A 15 37.72 -5.92 -4.33
C ASP A 15 36.52 -6.30 -5.18
N ALA A 16 35.78 -5.32 -5.70
CA ALA A 16 34.73 -5.62 -6.68
C ALA A 16 35.31 -6.11 -8.01
N HIS A 17 36.34 -5.41 -8.52
CA HIS A 17 36.97 -5.86 -9.77
C HIS A 17 37.41 -7.31 -9.68
N ALA A 18 38.05 -7.67 -8.57
CA ALA A 18 38.58 -9.02 -8.41
C ALA A 18 37.48 -10.07 -8.44
N MET A 19 36.36 -9.80 -7.74
CA MET A 19 35.26 -10.77 -7.73
C MET A 19 34.48 -10.76 -9.03
N LEU A 20 34.39 -9.62 -9.71
CA LEU A 20 33.80 -9.58 -11.04
C LEU A 20 34.58 -10.44 -12.04
N GLU A 21 35.92 -10.39 -11.98
CA GLU A 21 36.74 -11.29 -12.79
C GLU A 21 36.46 -12.74 -12.43
N LYS A 22 36.44 -13.03 -11.13
CA LYS A 22 36.20 -14.40 -10.68
C LYS A 22 34.81 -14.87 -11.08
N ALA A 23 33.79 -14.02 -10.89
CA ALA A 23 32.44 -14.40 -11.30
C ALA A 23 32.40 -14.71 -12.80
N LYS A 24 33.05 -13.87 -13.61
CA LYS A 24 33.08 -14.14 -15.04
C LYS A 24 33.81 -15.45 -15.35
N ALA A 25 34.92 -15.70 -14.65
CA ALA A 25 35.66 -16.95 -14.88
C ALA A 25 34.80 -18.16 -14.55
N GLU A 26 33.97 -18.07 -13.52
CA GLU A 26 33.16 -19.21 -13.08
C GLU A 26 31.78 -19.22 -13.70
N GLY A 27 31.51 -18.35 -14.66
CA GLY A 27 30.22 -18.33 -15.33
C GLY A 27 29.05 -17.93 -14.46
N ILE A 28 29.27 -17.10 -13.45
CA ILE A 28 28.21 -16.64 -12.56
C ILE A 28 27.77 -15.26 -13.01
N SER A 29 26.48 -15.12 -13.32
CA SER A 29 25.96 -13.83 -13.74
C SER A 29 25.67 -12.97 -12.53
N THR A 30 25.86 -11.67 -12.69
CA THR A 30 25.68 -10.73 -11.59
C THR A 30 24.60 -9.71 -11.93
N VAL A 31 24.30 -8.87 -10.94
CA VAL A 31 23.34 -7.78 -11.12
C VAL A 31 23.71 -6.90 -12.31
N TRP A 32 25.02 -6.70 -12.56
CA TRP A 32 25.41 -5.90 -13.72
C TRP A 32 25.07 -6.60 -15.03
N ASP A 33 25.22 -7.93 -15.07
CA ASP A 33 24.87 -8.68 -16.28
C ASP A 33 23.36 -8.65 -16.52
N ARG A 34 22.59 -8.75 -15.45
CA ARG A 34 21.13 -8.69 -15.60
C ARG A 34 20.68 -7.28 -15.96
N ALA A 35 21.38 -6.26 -15.47
CA ALA A 35 21.04 -4.90 -15.87
C ALA A 35 21.29 -4.70 -17.36
N ALA A 36 22.36 -5.30 -17.89
CA ALA A 36 22.65 -5.21 -19.31
C ALA A 36 21.59 -5.90 -20.15
N GLU A 37 21.11 -7.06 -19.69
CA GLU A 37 20.05 -7.77 -20.41
C GLU A 37 18.75 -6.98 -20.44
N GLN A 38 18.50 -6.14 -19.43
CA GLN A 38 17.28 -5.35 -19.34
C GLN A 38 17.43 -3.95 -19.93
N THR A 39 18.49 -3.71 -20.70
CA THR A 39 18.76 -2.45 -21.40
C THR A 39 18.68 -2.69 -22.90
N PRO A 40 17.94 -1.87 -23.67
CA PRO A 40 17.13 -0.71 -23.28
C PRO A 40 15.82 -1.09 -22.60
N ALA A 41 15.42 -0.32 -21.60
CA ALA A 41 14.20 -0.59 -20.85
C ALA A 41 13.02 0.11 -21.52
N CYS A 42 11.81 -0.34 -21.17
CA CYS A 42 10.62 0.24 -21.77
C CYS A 42 10.50 1.72 -21.45
N LYS A 43 10.29 2.53 -22.48
CA LYS A 43 10.25 3.98 -22.29
C LYS A 43 9.06 4.41 -21.42
N PHE A 44 7.91 3.75 -21.59
CA PHE A 44 6.77 4.12 -20.77
C PHE A 44 7.07 3.87 -19.30
N GLY A 45 7.68 2.72 -19.00
CA GLY A 45 8.09 2.46 -17.64
C GLY A 45 9.08 3.49 -17.12
N GLU A 46 10.06 3.87 -17.95
CA GLU A 46 11.06 4.85 -17.50
C GLU A 46 10.40 6.20 -17.23
N LEU A 47 9.45 6.60 -18.08
CA LEU A 47 8.79 7.90 -17.96
C LEU A 47 7.68 7.93 -16.91
N GLY A 48 7.21 6.77 -16.46
CA GLY A 48 6.08 6.70 -15.55
C GLY A 48 4.71 6.74 -16.23
N THR A 49 4.66 6.74 -17.55
CA THR A 49 3.42 6.88 -18.33
C THR A 49 2.75 5.56 -18.67
N CYS A 50 2.81 4.59 -17.78
CA CYS A 50 2.15 3.31 -17.97
C CYS A 50 1.34 3.05 -16.71
N CYS A 51 0.13 2.57 -16.87
CA CYS A 51 -0.75 2.32 -15.74
C CYS A 51 -1.32 0.92 -15.86
N ARG A 52 -1.28 0.17 -14.76
CA ARG A 52 -1.85 -1.17 -14.70
C ARG A 52 -2.73 -1.33 -13.46
N ASN A 53 -3.36 -0.24 -13.02
CA ASN A 53 -4.11 -0.26 -11.76
C ASN A 53 -5.52 -0.85 -11.89
N CYS A 54 -5.95 -1.23 -13.09
CA CYS A 54 -7.20 -1.97 -13.25
C CYS A 54 -7.10 -2.74 -14.56
N ILE A 55 -8.06 -3.65 -14.80
CA ILE A 55 -7.99 -4.44 -16.03
C ILE A 55 -8.91 -3.88 -17.12
N MET A 56 -9.34 -2.62 -17.01
CA MET A 56 -9.59 -1.88 -18.25
C MET A 56 -8.27 -1.57 -18.95
N GLY A 57 -7.19 -1.50 -18.18
CA GLY A 57 -5.86 -1.42 -18.73
C GLY A 57 -5.33 -2.79 -19.12
N PRO A 58 -4.01 -2.88 -19.37
CA PRO A 58 -3.00 -1.83 -19.18
C PRO A 58 -3.18 -0.61 -20.10
N CYS A 59 -2.78 0.55 -19.61
CA CYS A 59 -2.83 1.77 -20.39
C CYS A 59 -1.44 2.37 -20.48
N ARG A 60 -1.15 3.00 -21.62
CA ARG A 60 0.07 3.77 -21.73
C ARG A 60 -0.24 5.08 -22.43
N ILE A 61 0.46 6.14 -22.02
CA ILE A 61 0.21 7.50 -22.49
C ILE A 61 1.34 7.88 -23.42
N ALA A 62 1.01 8.22 -24.66
CA ALA A 62 1.96 8.76 -25.60
C ALA A 62 1.73 10.25 -25.77
N ASN A 63 2.69 10.92 -26.39
CA ASN A 63 2.61 12.34 -26.69
C ASN A 63 2.43 12.46 -28.20
N ARG A 64 1.18 12.33 -28.66
CA ARG A 64 0.89 12.24 -30.08
C ARG A 64 0.17 13.49 -30.57
N LYS A 65 0.57 13.97 -31.74
CA LYS A 65 -0.04 15.18 -32.29
C LYS A 65 -1.52 14.97 -32.59
N ASP A 66 -1.93 13.75 -32.95
CA ASP A 66 -3.35 13.51 -33.20
C ASP A 66 -4.15 13.29 -31.92
N GLY A 67 -3.54 13.42 -30.74
CA GLY A 67 -4.27 13.31 -29.51
C GLY A 67 -4.66 11.90 -29.10
N LYS A 68 -4.25 10.88 -29.85
CA LYS A 68 -4.55 9.50 -29.49
C LYS A 68 -3.63 9.04 -28.37
N MET A 69 -4.15 8.13 -27.55
CA MET A 69 -3.47 7.62 -26.36
C MET A 69 -3.00 8.74 -25.45
N ARG A 70 -3.78 9.82 -25.40
CA ARG A 70 -3.49 10.88 -24.44
C ARG A 70 -4.02 10.52 -23.05
N LEU A 71 -5.05 9.68 -22.97
CA LEU A 71 -5.70 9.34 -21.71
C LEU A 71 -5.77 7.83 -21.56
N GLY A 72 -5.78 7.37 -20.32
CA GLY A 72 -6.07 5.97 -20.05
C GLY A 72 -7.54 5.67 -20.34
N VAL A 73 -7.90 4.39 -20.21
CA VAL A 73 -9.28 4.02 -20.56
C VAL A 73 -10.27 4.74 -19.65
N CYS A 74 -9.92 4.94 -18.38
CA CYS A 74 -10.79 5.66 -17.47
C CYS A 74 -10.78 7.17 -17.69
N GLY A 75 -9.92 7.67 -18.57
CA GLY A 75 -9.77 9.11 -18.76
C GLY A 75 -8.59 9.75 -18.05
N ALA A 76 -7.80 8.99 -17.30
CA ALA A 76 -6.69 9.58 -16.56
C ALA A 76 -5.59 10.02 -17.51
N ASP A 77 -5.03 11.21 -17.25
CA ASP A 77 -3.99 11.75 -18.11
C ASP A 77 -2.61 11.43 -17.52
N ALA A 78 -1.57 11.87 -18.23
CA ALA A 78 -0.20 11.54 -17.82
C ALA A 78 0.12 12.10 -16.44
N ASP A 79 -0.36 13.30 -16.14
CA ASP A 79 -0.14 13.88 -14.81
C ASP A 79 -0.65 12.97 -13.70
N VAL A 80 -1.88 12.47 -13.84
CA VAL A 80 -2.45 11.61 -12.81
C VAL A 80 -1.71 10.28 -12.76
N ILE A 81 -1.46 9.69 -13.93
CA ILE A 81 -0.86 8.35 -13.97
C ILE A 81 0.54 8.37 -13.35
N VAL A 82 1.36 9.35 -13.75
CA VAL A 82 2.71 9.49 -13.20
C VAL A 82 2.65 9.74 -11.69
N ALA A 83 1.76 10.65 -11.27
CA ALA A 83 1.69 10.98 -9.85
C ALA A 83 1.21 9.81 -9.00
N ARG A 84 0.24 9.03 -9.52
CA ARG A 84 -0.19 7.83 -8.79
C ARG A 84 0.93 6.80 -8.72
N ASN A 85 1.65 6.57 -9.82
CA ASN A 85 2.75 5.63 -9.79
C ASN A 85 3.82 6.06 -8.79
N PHE A 86 4.13 7.37 -8.78
CA PHE A 86 5.10 7.88 -7.81
C PHE A 86 4.58 7.73 -6.38
N GLY A 87 3.28 7.94 -6.18
CA GLY A 87 2.73 7.81 -4.85
C GLY A 87 2.82 6.38 -4.34
N ARG A 88 2.47 5.40 -5.20
CA ARG A 88 2.61 4.00 -4.79
C ARG A 88 4.07 3.63 -4.56
N PHE A 89 4.96 4.19 -5.37
CA PHE A 89 6.40 4.00 -5.17
C PHE A 89 6.83 4.45 -3.77
N ILE A 90 6.41 5.66 -3.38
CA ILE A 90 6.74 6.15 -2.04
C ILE A 90 6.13 5.29 -0.96
N ALA A 91 4.87 4.87 -1.16
CA ALA A 91 4.20 4.07 -0.16
C ALA A 91 4.94 2.77 0.09
N GLY A 92 5.46 2.16 -0.98
CA GLY A 92 6.23 0.93 -0.82
C GLY A 92 7.49 1.14 0.01
N GLY A 93 8.15 2.27 -0.19
CA GLY A 93 9.29 2.61 0.64
C GLY A 93 8.91 2.88 2.08
N ALA A 94 7.86 3.67 2.29
CA ALA A 94 7.41 3.94 3.66
C ALA A 94 7.00 2.65 4.36
N ALA A 95 6.38 1.73 3.62
CA ALA A 95 5.96 0.45 4.21
C ALA A 95 7.15 -0.40 4.61
N GLY A 96 8.23 -0.37 3.81
CA GLY A 96 9.42 -1.11 4.19
C GLY A 96 9.95 -0.68 5.55
N HIS A 97 10.02 0.63 5.78
CA HIS A 97 10.46 1.11 7.08
C HIS A 97 9.40 0.92 8.15
N SER A 98 8.12 1.08 7.79
CA SER A 98 7.03 0.95 8.74
C SER A 98 7.00 -0.42 9.38
N ASP A 99 7.01 -1.47 8.57
CA ASP A 99 6.92 -2.81 9.11
C ASP A 99 8.13 -3.16 9.95
N HIS A 100 9.29 -2.60 9.61
N HIS A 100 9.29 -2.64 9.56
CA HIS A 100 10.46 -2.84 10.44
CA HIS A 100 10.52 -2.74 10.36
C HIS A 100 10.33 -2.15 11.79
C HIS A 100 10.30 -2.15 11.75
N GLY A 101 9.86 -0.90 11.80
CA GLY A 101 9.60 -0.26 13.08
C GLY A 101 8.57 -1.03 13.90
N ARG A 102 7.55 -1.57 13.22
CA ARG A 102 6.54 -2.34 13.94
C ARG A 102 7.15 -3.56 14.62
N ASP A 103 8.09 -4.24 13.94
CA ASP A 103 8.74 -5.40 14.55
C ASP A 103 9.51 -5.02 15.81
N LEU A 104 10.12 -3.83 15.83
CA LEU A 104 10.81 -3.36 17.03
C LEU A 104 9.83 -3.11 18.19
N ILE A 105 8.64 -2.58 17.89
CA ILE A 105 7.65 -2.42 18.95
C ILE A 105 7.32 -3.77 19.56
N GLU A 106 7.08 -4.76 18.70
CA GLU A 106 6.72 -6.09 19.17
C GLU A 106 7.83 -6.70 19.99
N THR A 107 9.08 -6.44 19.58
CA THR A 107 10.21 -6.98 20.32
C THR A 107 10.31 -6.34 21.70
N LEU A 108 10.13 -5.03 21.79
CA LEU A 108 10.19 -4.38 23.10
C LEU A 108 9.05 -4.85 23.98
N GLU A 109 7.87 -5.04 23.40
CA GLU A 109 6.75 -5.58 24.17
C GLU A 109 7.08 -6.96 24.73
N ALA A 110 7.70 -7.82 23.90
CA ALA A 110 8.04 -9.16 24.37
C ALA A 110 9.04 -9.11 25.52
N VAL A 111 10.02 -8.20 25.44
CA VAL A 111 10.96 -7.99 26.55
C VAL A 111 10.22 -7.51 27.79
N ALA A 112 9.32 -6.53 27.61
CA ALA A 112 8.60 -6.00 28.77
C ALA A 112 7.70 -7.05 29.40
N GLU A 113 7.20 -8.00 28.61
CA GLU A 113 6.38 -9.09 29.15
C GLU A 113 7.21 -10.23 29.69
N GLY A 114 8.53 -10.24 29.47
CA GLY A 114 9.34 -11.37 29.88
C GLY A 114 9.24 -12.59 28.98
N LYS A 115 8.97 -12.40 27.70
CA LYS A 115 8.78 -13.48 26.74
C LYS A 115 9.75 -13.38 25.56
N ALA A 116 10.99 -13.00 25.84
CA ALA A 116 12.03 -12.91 24.80
C ALA A 116 13.36 -13.33 25.39
N PRO A 117 13.57 -14.64 25.57
CA PRO A 117 14.82 -15.11 26.21
C PRO A 117 16.06 -14.63 25.44
N GLY A 118 17.03 -14.11 26.19
CA GLY A 118 18.22 -13.53 25.61
C GLY A 118 18.11 -12.06 25.26
N TYR A 119 16.92 -11.50 25.30
CA TYR A 119 16.75 -10.07 25.05
C TYR A 119 16.58 -9.33 26.36
N THR A 120 16.96 -8.07 26.36
CA THR A 120 16.80 -7.23 27.53
C THR A 120 16.71 -5.78 27.07
N ILE A 121 16.47 -4.89 28.03
CA ILE A 121 16.54 -3.46 27.77
C ILE A 121 17.98 -3.05 28.01
N ARG A 122 18.75 -2.90 26.93
CA ARG A 122 20.17 -2.63 27.10
C ARG A 122 20.46 -1.18 27.47
N ASP A 123 19.59 -0.25 27.09
CA ASP A 123 19.78 1.15 27.46
C ASP A 123 18.52 1.64 28.21
N VAL A 124 18.48 1.37 29.52
CA VAL A 124 17.35 1.81 30.32
C VAL A 124 17.33 3.33 30.44
N ALA A 125 18.50 3.98 30.50
CA ALA A 125 18.51 5.44 30.57
C ALA A 125 17.84 6.06 29.35
N LYS A 126 18.11 5.54 28.16
CA LYS A 126 17.44 6.07 26.97
C LYS A 126 15.96 5.73 26.99
N LEU A 127 15.61 4.53 27.47
CA LEU A 127 14.20 4.18 27.60
C LEU A 127 13.46 5.22 28.43
N ARG A 128 13.99 5.57 29.59
CA ARG A 128 13.31 6.52 30.45
C ARG A 128 13.24 7.91 29.81
N ARG A 129 14.29 8.30 29.10
CA ARG A 129 14.30 9.61 28.46
C ARG A 129 13.27 9.69 27.34
N ILE A 130 13.24 8.68 26.47
CA ILE A 130 12.29 8.66 25.35
C ILE A 130 10.86 8.61 25.87
N ALA A 131 10.61 7.73 26.84
CA ALA A 131 9.27 7.61 27.40
C ALA A 131 8.82 8.92 28.06
N ALA A 132 9.73 9.57 28.80
CA ALA A 132 9.39 10.88 29.37
C ALA A 132 9.09 11.90 28.28
N GLU A 133 9.90 11.90 27.23
CA GLU A 133 9.69 12.82 26.11
C GLU A 133 8.30 12.65 25.51
N LEU A 134 7.83 11.42 25.41
CA LEU A 134 6.57 11.12 24.76
C LEU A 134 5.38 11.13 25.71
N GLY A 135 5.60 11.41 26.99
CA GLY A 135 4.52 11.64 27.93
C GLY A 135 4.22 10.55 28.94
N VAL A 136 5.06 9.52 29.07
CA VAL A 136 4.83 8.48 30.06
C VAL A 136 5.00 9.06 31.46
N ALA A 137 4.02 8.81 32.34
CA ALA A 137 4.04 9.35 33.68
C ALA A 137 5.10 8.66 34.54
N ASP A 138 5.88 9.45 35.28
CA ASP A 138 6.89 8.94 36.21
C ASP A 138 7.89 8.00 35.51
N ALA A 139 8.22 8.32 34.26
CA ALA A 139 9.15 7.49 33.50
C ALA A 139 10.51 7.40 34.16
N ALA A 140 10.87 8.39 34.97
CA ALA A 140 12.20 8.43 35.58
C ALA A 140 12.36 7.44 36.72
N THR A 141 11.27 7.01 37.35
CA THR A 141 11.34 6.23 38.58
C THR A 141 10.59 4.91 38.56
N ARG A 142 9.58 4.74 37.71
CA ARG A 142 8.79 3.52 37.70
C ARG A 142 9.62 2.33 37.20
N PRO A 143 9.19 1.10 37.49
CA PRO A 143 9.93 -0.07 37.02
C PRO A 143 10.14 -0.06 35.51
N ALA A 144 11.35 -0.46 35.10
CA ALA A 144 11.73 -0.33 33.69
C ALA A 144 10.74 -1.03 32.76
N HIS A 145 10.27 -2.23 33.13
CA HIS A 145 9.38 -2.93 32.21
C HIS A 145 7.99 -2.30 32.15
N ASP A 146 7.58 -1.61 33.22
CA ASP A 146 6.32 -0.86 33.17
C ASP A 146 6.44 0.33 32.25
N VAL A 147 7.54 1.08 32.36
CA VAL A 147 7.80 2.20 31.46
C VAL A 147 7.84 1.71 30.01
N ALA A 148 8.51 0.58 29.77
CA ALA A 148 8.58 0.02 28.42
C ALA A 148 7.19 -0.33 27.90
N ALA A 149 6.33 -0.91 28.75
CA ALA A 149 4.97 -1.23 28.31
C ALA A 149 4.20 0.03 27.93
N ASP A 150 4.42 1.13 28.65
CA ASP A 150 3.74 2.38 28.31
C ASP A 150 4.31 2.99 27.03
N LEU A 151 5.63 2.85 26.81
CA LEU A 151 6.20 3.32 25.55
C LEU A 151 5.70 2.48 24.39
N VAL A 152 5.56 1.17 24.59
CA VAL A 152 5.01 0.29 23.55
C VAL A 152 3.61 0.75 23.16
N THR A 153 2.81 1.14 24.14
CA THR A 153 1.45 1.60 23.86
C THR A 153 1.46 2.87 23.01
N ILE A 154 2.33 3.82 23.35
CA ILE A 154 2.44 5.05 22.57
C ILE A 154 2.86 4.76 21.13
N CYS A 155 3.84 3.87 20.94
CA CYS A 155 4.31 3.57 19.60
C CYS A 155 3.25 2.83 18.79
N TYR A 156 2.55 1.89 19.43
CA TYR A 156 1.46 1.20 18.76
C TYR A 156 0.33 2.16 18.39
N ASN A 157 0.06 3.15 19.23
CA ASN A 157 -0.98 4.12 18.89
C ASN A 157 -0.63 4.92 17.64
N ASP A 158 0.67 5.11 17.35
CA ASP A 158 1.04 5.74 16.09
C ASP A 158 0.81 4.83 14.90
N PHE A 159 0.64 3.53 15.12
CA PHE A 159 0.24 2.57 14.09
C PHE A 159 -1.26 2.33 14.10
N GLY A 160 -2.01 3.21 14.78
CA GLY A 160 -3.44 3.18 14.77
C GLY A 160 -4.00 4.37 14.00
N SER A 161 -5.32 4.55 14.13
CA SER A 161 -6.05 5.46 13.26
C SER A 161 -6.73 6.58 14.02
N ARG A 162 -6.28 6.89 15.24
CA ARG A 162 -6.98 7.88 16.05
C ARG A 162 -6.15 9.11 16.39
N ARG A 163 -4.90 9.20 15.93
N ARG A 163 -4.90 9.21 15.95
CA ARG A 163 -4.07 10.36 16.21
CA ARG A 163 -4.09 10.38 16.27
C ARG A 163 -4.34 11.47 15.21
C ARG A 163 -4.26 11.46 15.21
N ASN A 164 -4.08 12.72 15.64
CA ASN A 164 -4.01 13.84 14.71
C ASN A 164 -2.60 14.12 14.25
N ALA A 165 -1.60 13.63 14.97
CA ALA A 165 -0.21 13.82 14.62
C ALA A 165 0.61 12.75 15.32
N LEU A 166 1.63 12.23 14.64
CA LEU A 166 2.50 11.22 15.22
C LEU A 166 3.24 11.74 16.45
N ALA A 167 3.63 10.81 17.31
CA ALA A 167 4.21 11.15 18.61
C ALA A 167 5.52 11.93 18.46
N PHE A 168 6.42 11.45 17.60
CA PHE A 168 7.73 12.09 17.47
C PHE A 168 7.68 13.39 16.68
N LEU A 169 6.54 13.74 16.09
CA LEU A 169 6.45 15.00 15.35
C LEU A 169 6.71 16.19 16.26
N ALA A 170 6.48 16.05 17.56
CA ALA A 170 6.76 17.13 18.50
C ALA A 170 8.22 17.56 18.47
N ARG A 171 9.11 16.74 17.93
CA ARG A 171 10.51 17.16 17.83
C ARG A 171 10.67 18.29 16.81
N ALA A 172 9.84 18.30 15.78
CA ALA A 172 9.99 19.32 14.76
C ALA A 172 9.62 20.70 15.32
N PRO A 173 10.30 21.75 14.87
CA PRO A 173 9.99 23.10 15.38
C PRO A 173 8.55 23.48 15.06
N GLN A 174 8.00 24.36 15.90
CA GLN A 174 6.60 24.73 15.76
C GLN A 174 6.29 25.26 14.37
N VAL A 175 7.19 26.07 13.80
CA VAL A 175 6.92 26.66 12.50
C VAL A 175 6.75 25.58 11.44
N ARG A 176 7.53 24.49 11.56
CA ARG A 176 7.41 23.39 10.60
C ARG A 176 6.12 22.60 10.81
N ARG A 177 5.72 22.37 12.06
CA ARG A 177 4.45 21.66 12.30
C ARG A 177 3.25 22.51 11.85
N ASP A 178 3.33 23.82 12.04
CA ASP A 178 2.28 24.71 11.57
C ASP A 178 2.16 24.65 10.05
N LEU A 179 3.29 24.61 9.35
CA LEU A 179 3.28 24.56 7.89
C LEU A 179 2.68 23.25 7.38
N TRP A 180 3.14 22.13 7.93
CA TRP A 180 2.54 20.84 7.57
C TRP A 180 1.04 20.83 7.81
N GLN A 181 0.59 21.41 8.92
CA GLN A 181 -0.83 21.42 9.18
C GLN A 181 -1.59 22.25 8.14
N ARG A 182 -1.06 23.44 7.80
N ARG A 182 -1.07 23.43 7.79
CA ARG A 182 -1.68 24.29 6.79
CA ARG A 182 -1.72 24.27 6.79
C ARG A 182 -1.76 23.58 5.43
C ARG A 182 -1.77 23.60 5.43
N LEU A 183 -0.73 22.82 5.09
CA LEU A 183 -0.68 22.14 3.80
C LEU A 183 -1.43 20.82 3.79
N GLY A 184 -1.90 20.33 4.95
CA GLY A 184 -2.52 19.03 4.99
C GLY A 184 -1.53 17.89 4.89
N MET A 185 -0.30 18.10 5.36
CA MET A 185 0.80 17.13 5.25
C MET A 185 1.11 16.41 6.54
N THR A 186 0.52 16.83 7.65
CA THR A 186 0.86 16.27 8.95
C THR A 186 0.65 14.76 8.95
N PRO A 187 1.67 13.96 9.24
CA PRO A 187 1.45 12.50 9.32
C PRO A 187 0.65 12.16 10.57
N ARG A 188 -0.36 11.30 10.39
CA ARG A 188 -1.29 10.96 11.47
C ARG A 188 -1.14 9.53 11.98
N GLY A 189 -0.94 8.59 11.08
CA GLY A 189 -0.75 7.20 11.47
C GLY A 189 0.14 6.53 10.46
N VAL A 190 1.09 5.71 10.95
CA VAL A 190 2.12 5.16 10.08
C VAL A 190 1.50 4.26 9.02
N ASP A 191 0.66 3.31 9.44
CA ASP A 191 -0.04 2.45 8.49
C ASP A 191 -1.13 3.21 7.76
N ARG A 192 -1.78 4.15 8.43
CA ARG A 192 -2.89 4.85 7.82
C ARG A 192 -2.47 5.58 6.54
N GLU A 193 -1.34 6.29 6.58
CA GLU A 193 -0.97 7.06 5.39
C GLU A 193 -0.68 6.15 4.21
N ILE A 194 -0.10 4.97 4.48
CA ILE A 194 0.17 4.01 3.41
C ILE A 194 -1.13 3.49 2.82
N ALA A 195 -2.07 3.08 3.68
CA ALA A 195 -3.36 2.58 3.20
C ALA A 195 -4.11 3.67 2.43
N GLU A 196 -4.11 4.90 2.94
CA GLU A 196 -4.80 5.96 2.21
C GLU A 196 -4.14 6.21 0.85
N MET A 197 -2.82 6.05 0.75
CA MET A 197 -2.20 6.20 -0.55
C MET A 197 -2.70 5.13 -1.52
N MET A 198 -2.79 3.89 -1.05
CA MET A 198 -3.27 2.84 -1.93
C MET A 198 -4.72 3.10 -2.35
N HIS A 199 -5.54 3.64 -1.44
CA HIS A 199 -6.90 4.04 -1.80
C HIS A 199 -6.89 5.16 -2.84
N ARG A 200 -6.13 6.22 -2.59
CA ARG A 200 -6.07 7.34 -3.52
C ARG A 200 -5.67 6.90 -4.91
N THR A 201 -4.84 5.87 -5.03
CA THR A 201 -4.32 5.53 -6.34
C THR A 201 -5.15 4.48 -7.07
N HIS A 202 -6.22 3.97 -6.45
CA HIS A 202 -7.23 3.16 -7.13
C HIS A 202 -7.87 3.99 -8.24
N MET A 203 -8.34 3.32 -9.30
CA MET A 203 -9.04 4.03 -10.37
C MET A 203 -10.14 4.89 -9.78
N GLY A 204 -10.25 6.12 -10.28
CA GLY A 204 -11.40 6.95 -9.96
C GLY A 204 -11.44 7.42 -8.53
N CYS A 205 -10.29 7.52 -7.86
CA CYS A 205 -10.24 8.15 -6.54
C CYS A 205 -9.50 9.47 -6.70
N ASP A 206 -8.23 9.56 -6.30
CA ASP A 206 -7.52 10.83 -6.42
C ASP A 206 -7.03 10.98 -7.85
N ASN A 207 -7.57 11.99 -8.54
CA ASN A 207 -7.20 12.27 -9.92
C ASN A 207 -6.75 13.72 -10.05
N ASP A 208 -5.94 14.16 -9.10
CA ASP A 208 -5.29 15.46 -9.15
C ASP A 208 -3.83 15.28 -8.75
N HIS A 209 -2.91 15.62 -9.64
CA HIS A 209 -1.51 15.30 -9.37
C HIS A 209 -0.97 16.09 -8.18
N THR A 210 -1.47 17.32 -7.96
CA THR A 210 -1.01 18.07 -6.79
C THR A 210 -1.42 17.39 -5.50
N SER A 211 -2.68 16.97 -5.43
CA SER A 211 -3.18 16.28 -4.24
C SER A 211 -2.40 14.99 -3.99
N LEU A 212 -2.13 14.22 -5.05
CA LEU A 212 -1.38 12.98 -4.92
C LEU A 212 0.03 13.22 -4.38
N LEU A 213 0.71 14.27 -4.86
CA LEU A 213 2.06 14.52 -4.38
C LEU A 213 2.07 15.05 -2.96
N VAL A 214 1.05 15.84 -2.59
CA VAL A 214 0.95 16.25 -1.19
C VAL A 214 0.76 15.03 -0.28
N HIS A 215 -0.09 14.08 -0.68
CA HIS A 215 -0.25 12.91 0.18
C HIS A 215 1.00 12.04 0.15
N ALA A 216 1.74 12.03 -0.96
CA ALA A 216 3.02 11.33 -0.97
C ALA A 216 3.97 11.93 0.07
N ALA A 217 3.98 13.26 0.20
CA ALA A 217 4.81 13.88 1.24
C ALA A 217 4.32 13.48 2.63
N ARG A 218 3.00 13.48 2.85
CA ARG A 218 2.46 13.05 4.13
C ARG A 218 2.86 11.60 4.44
N THR A 219 2.83 10.75 3.41
CA THR A 219 3.14 9.33 3.61
C THR A 219 4.61 9.15 3.95
N ALA A 220 5.50 9.88 3.27
CA ALA A 220 6.93 9.83 3.58
C ALA A 220 7.22 10.39 4.95
N LEU A 221 6.54 11.47 5.34
CA LEU A 221 6.72 12.00 6.69
C LEU A 221 6.32 11.00 7.77
N ALA A 222 5.29 10.20 7.51
CA ALA A 222 4.87 9.17 8.47
C ALA A 222 5.94 8.11 8.65
N ASP A 223 6.85 7.99 7.69
CA ASP A 223 8.02 7.12 7.78
C ASP A 223 9.13 7.80 8.60
N GLY A 224 9.62 8.96 8.14
CA GLY A 224 10.77 9.59 8.77
C GLY A 224 10.52 9.98 10.22
N TRP A 225 9.32 10.48 10.51
CA TRP A 225 8.95 10.88 11.87
C TRP A 225 8.11 9.83 12.58
N GLY A 226 7.95 8.65 11.98
CA GLY A 226 7.15 7.60 12.56
C GLY A 226 7.84 6.26 12.47
N GLY A 227 7.60 5.50 11.39
CA GLY A 227 8.16 4.16 11.30
C GLY A 227 9.66 4.10 11.48
N SER A 228 10.40 4.97 10.79
CA SER A 228 11.86 4.92 10.91
C SER A 228 12.31 5.43 12.27
N MET A 229 11.71 6.51 12.75
CA MET A 229 12.16 7.10 14.01
C MET A 229 11.86 6.18 15.18
N ILE A 230 10.69 5.52 15.16
CA ILE A 230 10.40 4.49 16.15
C ILE A 230 11.40 3.34 16.04
N GLY A 231 11.69 2.90 14.81
CA GLY A 231 12.65 1.83 14.64
C GLY A 231 14.02 2.16 15.24
N THR A 232 14.52 3.36 14.95
CA THR A 232 15.84 3.77 15.44
C THR A 232 15.85 3.85 16.96
N GLU A 233 14.86 4.56 17.54
CA GLU A 233 14.93 4.81 18.98
C GLU A 233 14.68 3.52 19.78
N LEU A 234 13.76 2.66 19.33
CA LEU A 234 13.59 1.38 20.03
C LEU A 234 14.78 0.46 19.83
N SER A 235 15.41 0.48 18.65
CA SER A 235 16.62 -0.34 18.45
C SER A 235 17.73 0.07 19.41
N ASP A 236 17.88 1.37 19.64
CA ASP A 236 18.85 1.83 20.63
C ASP A 236 18.50 1.33 22.02
N ILE A 237 17.21 1.39 22.39
CA ILE A 237 16.81 0.97 23.73
C ILE A 237 17.07 -0.52 23.93
N LEU A 238 16.76 -1.33 22.92
CA LEU A 238 16.88 -2.77 23.03
C LEU A 238 18.33 -3.24 22.87
N PHE A 239 19.11 -2.59 21.99
CA PHE A 239 20.42 -3.13 21.64
C PHE A 239 21.57 -2.18 21.94
N GLY A 240 21.29 -0.99 22.45
CA GLY A 240 22.33 -0.08 22.90
C GLY A 240 22.40 1.16 22.02
N THR A 241 22.72 2.26 22.63
CA THR A 241 22.91 3.51 21.89
C THR A 241 24.35 3.56 21.36
N PRO A 242 24.55 3.75 20.06
CA PRO A 242 25.91 3.72 19.49
C PRO A 242 26.81 4.78 20.10
N ARG A 243 28.07 4.40 20.31
CA ARG A 243 29.15 5.30 20.68
C ARG A 243 30.31 5.06 19.73
N PRO A 244 31.22 6.04 19.60
CA PRO A 244 32.25 5.92 18.56
C PRO A 244 33.18 4.74 18.81
N ARG A 245 33.44 3.97 17.74
CA ARG A 245 34.32 2.83 17.88
C ARG A 245 34.97 2.52 16.53
N GLN A 246 36.08 1.78 16.59
CA GLN A 246 36.85 1.40 15.42
C GLN A 246 36.34 0.10 14.84
N SER A 247 36.42 0.00 13.50
CA SER A 247 36.11 -1.26 12.83
C SER A 247 36.78 -1.25 11.46
N THR A 248 36.35 -2.15 10.58
CA THR A 248 36.95 -2.31 9.26
C THR A 248 35.85 -2.59 8.25
N VAL A 249 36.21 -2.45 6.97
CA VAL A 249 35.26 -2.57 5.87
C VAL A 249 35.99 -3.17 4.67
N ASN A 250 35.21 -3.92 3.88
CA ASN A 250 35.44 -4.45 2.53
C ASN A 250 35.53 -5.98 2.59
N LEU A 251 35.65 -6.63 1.44
CA LEU A 251 35.51 -8.08 1.41
C LEU A 251 36.61 -8.77 2.20
N GLY A 252 37.72 -8.09 2.46
CA GLY A 252 38.80 -8.63 3.27
C GLY A 252 38.46 -8.81 4.73
N VAL A 253 37.28 -8.38 5.18
CA VAL A 253 36.87 -8.69 6.55
C VAL A 253 36.49 -10.15 6.68
N LEU A 254 36.29 -10.84 5.56
CA LEU A 254 36.13 -12.29 5.60
C LEU A 254 37.48 -12.94 5.85
N ARG A 255 37.46 -14.06 6.57
CA ARG A 255 38.70 -14.72 6.98
C ARG A 255 38.72 -16.17 6.53
N LYS A 256 39.76 -16.57 5.81
CA LYS A 256 39.85 -17.92 5.29
C LYS A 256 39.82 -18.97 6.40
N ASP A 257 40.46 -18.68 7.53
CA ASP A 257 40.57 -19.67 8.61
C ASP A 257 39.38 -19.66 9.58
N ALA A 258 38.35 -18.86 9.33
CA ALA A 258 37.19 -18.80 10.20
C ALA A 258 35.94 -19.28 9.49
N VAL A 259 34.92 -19.62 10.29
CA VAL A 259 33.57 -19.74 9.77
C VAL A 259 33.03 -18.32 9.54
N ASN A 260 32.69 -18.00 8.29
CA ASN A 260 32.21 -16.67 7.94
C ASN A 260 30.69 -16.65 7.81
N ILE A 261 30.04 -15.82 8.63
CA ILE A 261 28.60 -15.66 8.62
C ILE A 261 28.30 -14.22 8.23
N LEU A 262 27.60 -14.05 7.11
CA LEU A 262 27.21 -12.72 6.65
C LEU A 262 25.76 -12.50 7.04
N VAL A 263 25.49 -11.38 7.70
CA VAL A 263 24.10 -11.02 8.03
C VAL A 263 23.66 -9.97 7.04
N HIS A 264 22.43 -10.10 6.53
CA HIS A 264 21.98 -9.31 5.40
C HIS A 264 20.52 -8.96 5.63
N GLY A 265 20.12 -7.77 5.17
CA GLY A 265 18.79 -7.26 5.43
C GLY A 265 18.84 -6.02 6.31
N HIS A 266 17.86 -5.91 7.22
N HIS A 266 17.90 -5.94 7.25
CA HIS A 266 17.62 -4.68 7.97
CA HIS A 266 17.68 -4.70 7.99
C HIS A 266 17.39 -4.87 9.46
C HIS A 266 17.42 -4.88 9.47
N ASN A 267 16.95 -6.03 9.93
CA ASN A 267 16.46 -6.16 11.30
C ASN A 267 17.53 -6.66 12.26
N PRO A 268 18.02 -5.82 13.18
CA PRO A 268 19.02 -6.31 14.15
C PRO A 268 18.45 -7.28 15.19
N VAL A 269 17.12 -7.45 15.26
CA VAL A 269 16.58 -8.41 16.22
C VAL A 269 17.15 -9.79 15.95
N VAL A 270 17.45 -10.09 14.69
CA VAL A 270 18.09 -11.37 14.35
C VAL A 270 19.60 -11.26 14.51
N SER A 271 20.20 -10.26 13.88
CA SER A 271 21.67 -10.22 13.80
C SER A 271 22.33 -10.10 15.16
N GLU A 272 21.69 -9.42 16.12
CA GLU A 272 22.28 -9.31 17.45
C GLU A 272 22.28 -10.67 18.14
N MET A 273 21.30 -11.52 17.85
CA MET A 273 21.25 -12.82 18.48
C MET A 273 22.09 -13.84 17.74
N ILE A 274 22.27 -13.69 16.42
CA ILE A 274 23.30 -14.46 15.73
C ILE A 274 24.66 -14.19 16.36
N LEU A 275 25.00 -12.92 16.54
CA LEU A 275 26.28 -12.58 17.14
C LEU A 275 26.42 -13.16 18.55
N ALA A 276 25.32 -13.17 19.32
CA ALA A 276 25.36 -13.75 20.65
C ALA A 276 25.65 -15.26 20.58
N ALA A 277 24.95 -15.97 19.68
CA ALA A 277 25.18 -17.41 19.56
C ALA A 277 26.64 -17.71 19.20
N THR A 278 27.26 -16.90 18.34
CA THR A 278 28.63 -17.21 17.93
C THR A 278 29.62 -17.11 19.07
N ARG A 279 29.24 -16.46 20.17
CA ARG A 279 30.12 -16.30 21.32
C ARG A 279 29.82 -17.29 22.44
N GLU A 280 28.88 -18.22 22.24
CA GLU A 280 28.67 -19.26 23.23
C GLU A 280 29.79 -20.29 23.16
N PRO A 281 30.31 -20.75 24.32
CA PRO A 281 31.45 -21.68 24.30
C PRO A 281 31.21 -22.96 23.52
N ALA A 282 30.05 -23.60 23.69
CA ALA A 282 29.77 -24.84 22.98
C ALA A 282 29.73 -24.64 21.47
N VAL A 283 29.27 -23.47 21.03
CA VAL A 283 29.21 -23.21 19.60
C VAL A 283 30.61 -22.95 19.04
N ARG A 284 31.42 -22.18 19.77
CA ARG A 284 32.81 -21.98 19.36
C ARG A 284 33.60 -23.29 19.37
N GLN A 285 33.29 -24.19 20.30
CA GLN A 285 33.98 -25.48 20.30
C GLN A 285 33.59 -26.30 19.08
N ALA A 286 32.33 -26.20 18.65
CA ALA A 286 31.89 -26.88 17.42
C ALA A 286 32.66 -26.35 16.20
N ALA A 287 32.84 -25.04 16.11
CA ALA A 287 33.62 -24.50 15.00
C ALA A 287 35.08 -24.93 15.08
N GLN A 288 35.65 -24.97 16.30
CA GLN A 288 36.99 -25.51 16.48
C GLN A 288 37.07 -26.96 16.04
N ASP A 289 36.07 -27.77 16.40
CA ASP A 289 36.09 -29.17 16.00
C ASP A 289 36.01 -29.33 14.48
N ALA A 290 35.34 -28.40 13.81
CA ALA A 290 35.24 -28.43 12.34
C ALA A 290 36.53 -28.01 11.66
N GLY A 291 37.51 -27.49 12.39
CA GLY A 291 38.78 -27.07 11.84
C GLY A 291 38.94 -25.57 11.69
N ALA A 292 37.97 -24.79 12.13
CA ALA A 292 38.03 -23.33 12.02
C ALA A 292 38.74 -22.73 13.23
N ALA A 293 39.44 -21.62 12.99
CA ALA A 293 40.13 -20.90 14.05
C ALA A 293 39.23 -19.94 14.80
N ASP A 294 38.04 -19.64 14.28
CA ASP A 294 37.18 -18.62 14.84
C ASP A 294 35.85 -18.66 14.10
N ILE A 295 34.85 -18.00 14.67
CA ILE A 295 33.60 -17.71 13.97
C ILE A 295 33.58 -16.21 13.71
N ASN A 296 33.39 -15.83 12.45
CA ASN A 296 33.57 -14.46 11.98
C ASN A 296 32.25 -13.94 11.42
N VAL A 297 31.60 -13.01 12.14
CA VAL A 297 30.37 -12.39 11.67
C VAL A 297 30.75 -11.10 10.96
N ALA A 298 30.20 -10.89 9.76
CA ALA A 298 30.42 -9.65 9.03
C ALA A 298 29.10 -9.19 8.44
N GLY A 299 28.97 -7.90 8.26
CA GLY A 299 27.69 -7.31 7.91
C GLY A 299 27.55 -6.97 6.44
N LEU A 300 26.31 -7.01 5.96
CA LEU A 300 25.91 -6.46 4.68
C LEU A 300 24.71 -5.53 4.88
N CYS A 301 24.73 -4.43 4.12
N CYS A 301 24.57 -4.55 4.00
CA CYS A 301 23.66 -3.44 4.06
CA CYS A 301 23.33 -3.74 3.89
C CYS A 301 23.24 -2.99 5.45
C CYS A 301 23.11 -3.02 5.22
N CYS A 302 21.95 -2.78 5.68
N CYS A 302 21.87 -2.90 5.68
CA CYS A 302 21.56 -2.03 6.86
CA CYS A 302 21.57 -2.08 6.85
C CYS A 302 21.61 -2.84 8.14
C CYS A 302 21.78 -2.85 8.15
N THR A 303 21.40 -4.16 8.07
N THR A 303 21.45 -4.13 8.20
CA THR A 303 21.72 -5.00 9.23
CA THR A 303 21.74 -4.88 9.41
C THR A 303 23.20 -4.88 9.58
C THR A 303 23.24 -4.99 9.63
N GLY A 304 24.05 -4.91 8.57
CA GLY A 304 25.48 -4.71 8.79
C GLY A 304 25.75 -3.33 9.39
N ASN A 305 25.13 -2.30 8.83
CA ASN A 305 25.28 -0.95 9.40
C ASN A 305 24.94 -0.95 10.89
N GLU A 306 23.82 -1.59 11.27
CA GLU A 306 23.40 -1.63 12.66
C GLU A 306 24.43 -2.31 13.55
N LEU A 307 24.95 -3.47 13.11
CA LEU A 307 25.92 -4.20 13.93
C LEU A 307 27.25 -3.46 14.01
N LEU A 308 27.58 -2.72 12.95
CA LEU A 308 28.75 -1.85 13.00
C LEU A 308 28.59 -0.74 14.02
N MET A 309 27.44 -0.04 13.98
CA MET A 309 27.18 1.08 14.90
C MET A 309 27.23 0.64 16.36
N ARG A 310 26.64 -0.51 16.67
CA ARG A 310 26.46 -0.91 18.06
C ARG A 310 27.53 -1.85 18.57
N GLN A 311 28.05 -2.74 17.73
CA GLN A 311 29.01 -3.73 18.17
C GLN A 311 30.36 -3.64 17.49
N GLY A 312 30.53 -2.74 16.53
CA GLY A 312 31.79 -2.63 15.83
C GLY A 312 32.06 -3.78 14.89
N ILE A 313 31.03 -4.52 14.51
CA ILE A 313 31.22 -5.69 13.64
C ILE A 313 31.58 -5.22 12.24
N PRO A 314 32.64 -5.75 11.63
CA PRO A 314 33.09 -5.24 10.33
C PRO A 314 32.06 -5.48 9.25
N MET A 315 32.02 -4.53 8.30
CA MET A 315 31.06 -4.56 7.21
C MET A 315 31.75 -5.08 5.96
N ALA A 316 31.20 -6.15 5.38
CA ALA A 316 31.79 -6.73 4.19
C ALA A 316 31.48 -5.91 2.94
N GLY A 317 30.31 -5.28 2.86
CA GLY A 317 29.99 -4.61 1.62
C GLY A 317 28.63 -3.97 1.65
N ASN A 318 28.38 -3.18 0.61
CA ASN A 318 27.09 -2.56 0.39
C ASN A 318 26.36 -3.29 -0.74
N HIS A 319 25.24 -2.70 -1.19
CA HIS A 319 24.28 -3.34 -2.09
C HIS A 319 24.94 -4.10 -3.25
N LEU A 320 25.73 -3.43 -4.09
CA LEU A 320 26.25 -4.16 -5.25
C LEU A 320 27.45 -5.04 -4.92
N MET A 321 27.94 -5.02 -3.67
CA MET A 321 28.92 -6.01 -3.26
C MET A 321 28.32 -7.33 -2.83
N THR A 322 27.00 -7.39 -2.61
CA THR A 322 26.43 -8.56 -1.91
C THR A 322 26.69 -9.86 -2.67
N GLU A 323 26.46 -9.86 -3.99
CA GLU A 323 26.72 -11.09 -4.75
C GLU A 323 28.21 -11.43 -4.72
N LEU A 324 29.05 -10.41 -4.78
CA LEU A 324 30.49 -10.63 -4.86
C LEU A 324 31.04 -11.22 -3.56
N ALA A 325 30.38 -10.94 -2.43
CA ALA A 325 30.82 -11.51 -1.16
C ALA A 325 30.70 -13.03 -1.18
N ILE A 326 29.68 -13.57 -1.86
CA ILE A 326 29.58 -15.02 -2.01
C ILE A 326 30.63 -15.53 -3.00
N VAL A 327 30.94 -14.75 -4.04
CA VAL A 327 31.92 -15.16 -5.03
C VAL A 327 33.33 -15.28 -4.44
N THR A 328 33.60 -14.70 -3.26
CA THR A 328 34.88 -14.97 -2.61
C THR A 328 35.06 -16.45 -2.31
N GLY A 329 33.98 -17.22 -2.23
CA GLY A 329 34.08 -18.62 -1.88
C GLY A 329 34.23 -18.89 -0.40
N ALA A 330 34.21 -17.85 0.44
CA ALA A 330 34.44 -18.00 1.86
C ALA A 330 33.19 -17.74 2.69
N ALA A 331 32.05 -17.40 2.07
CA ALA A 331 30.80 -17.16 2.80
C ALA A 331 30.19 -18.51 3.12
N ASP A 332 30.21 -18.88 4.39
CA ASP A 332 29.67 -20.18 4.77
C ASP A 332 28.18 -20.11 5.03
N ALA A 333 27.67 -18.96 5.46
CA ALA A 333 26.23 -18.75 5.48
C ALA A 333 25.94 -17.28 5.27
N ILE A 334 24.83 -17.00 4.60
CA ILE A 334 24.18 -15.69 4.56
C ILE A 334 22.91 -15.84 5.39
N VAL A 335 22.75 -14.99 6.40
CA VAL A 335 21.57 -15.01 7.26
C VAL A 335 20.76 -13.78 6.91
N ALA A 336 19.62 -13.98 6.26
CA ALA A 336 18.82 -12.91 5.69
C ALA A 336 17.55 -12.68 6.50
N ASP A 337 17.13 -11.41 6.61
CA ASP A 337 15.81 -11.11 7.15
C ASP A 337 14.97 -10.50 6.03
N TYR A 338 14.95 -9.18 5.85
CA TYR A 338 14.12 -8.63 4.78
C TYR A 338 14.68 -7.32 4.24
N GLN A 339 14.30 -7.03 2.98
CA GLN A 339 14.50 -5.80 2.22
C GLN A 339 15.89 -5.69 1.59
N CYS A 340 15.93 -5.38 0.29
N CYS A 340 15.92 -5.38 0.29
CA CYS A 340 17.15 -5.20 -0.50
CA CYS A 340 17.16 -5.21 -0.47
C CYS A 340 17.97 -6.48 -0.65
C CYS A 340 18.03 -6.47 -0.45
N ILE A 341 17.41 -7.63 -0.28
CA ILE A 341 18.11 -8.91 -0.36
C ILE A 341 17.83 -9.48 -1.75
N MET A 342 18.79 -9.36 -2.66
CA MET A 342 18.56 -9.78 -4.03
C MET A 342 18.35 -11.30 -4.09
N PRO A 343 17.28 -11.78 -4.71
CA PRO A 343 17.04 -13.23 -4.77
C PRO A 343 18.06 -13.97 -5.60
N SER A 344 18.82 -13.27 -6.45
CA SER A 344 19.96 -13.89 -7.11
C SER A 344 20.92 -14.53 -6.11
N LEU A 345 20.99 -14.00 -4.88
CA LEU A 345 21.91 -14.58 -3.90
C LEU A 345 21.59 -16.03 -3.60
N VAL A 346 20.33 -16.44 -3.73
CA VAL A 346 20.02 -17.85 -3.53
C VAL A 346 20.70 -18.70 -4.59
N GLN A 347 20.66 -18.24 -5.84
CA GLN A 347 21.23 -19.02 -6.93
C GLN A 347 22.76 -19.02 -6.86
N ILE A 348 23.35 -17.88 -6.49
CA ILE A 348 24.80 -17.81 -6.40
C ILE A 348 25.30 -18.66 -5.22
N ALA A 349 24.60 -18.61 -4.09
CA ALA A 349 24.97 -19.47 -2.96
C ALA A 349 24.97 -20.94 -3.36
N ALA A 350 24.01 -21.34 -4.20
CA ALA A 350 23.94 -22.73 -4.65
C ALA A 350 25.08 -23.10 -5.59
N CYS A 351 25.78 -22.12 -6.16
CA CYS A 351 27.00 -22.38 -6.90
C CYS A 351 28.17 -22.74 -5.99
N TYR A 352 28.03 -22.49 -4.68
CA TYR A 352 29.07 -22.83 -3.72
C TYR A 352 28.51 -23.76 -2.65
N HIS A 353 29.16 -23.76 -1.49
CA HIS A 353 28.73 -24.49 -0.30
C HIS A 353 27.83 -23.65 0.59
N THR A 354 27.73 -22.36 0.31
CA THR A 354 27.09 -21.38 1.18
C THR A 354 25.64 -21.74 1.49
N ARG A 355 25.28 -21.75 2.78
CA ARG A 355 23.87 -21.83 3.16
C ARG A 355 23.24 -20.44 3.08
N PHE A 356 22.06 -20.37 2.47
CA PHE A 356 21.28 -19.15 2.43
C PHE A 356 20.07 -19.36 3.35
N VAL A 357 20.09 -18.70 4.51
CA VAL A 357 19.13 -18.93 5.57
C VAL A 357 18.23 -17.70 5.66
N THR A 358 16.92 -17.90 5.52
CA THR A 358 15.93 -16.86 5.76
C THR A 358 15.38 -17.00 7.18
N THR A 359 15.02 -15.87 7.78
CA THR A 359 14.60 -15.84 9.18
C THR A 359 13.24 -15.17 9.41
N SER A 360 12.71 -14.46 8.43
CA SER A 360 11.51 -13.68 8.65
C SER A 360 10.33 -14.28 7.90
N PRO A 361 9.14 -14.28 8.50
CA PRO A 361 7.95 -14.68 7.72
C PRO A 361 7.66 -13.76 6.56
N LYS A 362 8.22 -12.56 6.54
CA LYS A 362 8.03 -11.65 5.42
C LYS A 362 9.10 -11.79 4.35
N GLY A 363 10.28 -12.30 4.69
CA GLY A 363 11.37 -12.45 3.75
C GLY A 363 11.55 -13.88 3.29
N ARG A 364 10.58 -14.40 2.52
CA ARG A 364 10.64 -15.75 2.01
C ARG A 364 11.27 -15.77 0.62
N PHE A 365 12.16 -16.73 0.39
CA PHE A 365 12.90 -16.88 -0.86
C PHE A 365 12.80 -18.34 -1.28
N THR A 366 12.19 -18.59 -2.44
CA THR A 366 12.06 -19.97 -2.92
C THR A 366 13.44 -20.60 -3.02
N GLY A 367 13.63 -21.74 -2.35
CA GLY A 367 14.91 -22.42 -2.35
C GLY A 367 15.80 -22.15 -1.15
N ALA A 368 15.44 -21.18 -0.31
CA ALA A 368 16.25 -20.89 0.85
C ALA A 368 15.98 -21.89 1.97
N THR A 369 16.90 -21.95 2.91
CA THR A 369 16.71 -22.72 4.13
C THR A 369 16.02 -21.81 5.14
N HIS A 370 14.77 -22.12 5.49
CA HIS A 370 14.00 -21.22 6.33
C HIS A 370 14.06 -21.65 7.78
N VAL A 371 14.61 -20.79 8.63
CA VAL A 371 14.68 -21.02 10.08
C VAL A 371 14.06 -19.76 10.70
N GLU A 372 12.75 -19.78 10.90
CA GLU A 372 12.05 -18.55 11.27
C GLU A 372 12.38 -18.14 12.70
N VAL A 373 12.60 -16.84 12.89
CA VAL A 373 13.08 -16.29 14.14
C VAL A 373 12.07 -15.29 14.66
N HIS A 374 11.67 -15.45 15.91
CA HIS A 374 10.84 -14.50 16.63
C HIS A 374 11.50 -14.29 17.99
N PRO A 375 11.16 -13.21 18.69
CA PRO A 375 11.77 -12.99 20.02
C PRO A 375 11.65 -14.18 20.97
N HIS A 376 10.51 -14.88 20.98
CA HIS A 376 10.35 -15.98 21.92
C HIS A 376 11.28 -17.15 21.64
N ASN A 377 11.79 -17.29 20.40
CA ASN A 377 12.63 -18.44 20.09
C ASN A 377 13.99 -18.07 19.50
N ALA A 378 14.32 -16.78 19.40
CA ALA A 378 15.53 -16.37 18.69
C ALA A 378 16.77 -17.03 19.24
N GLN A 379 16.89 -17.11 20.57
CA GLN A 379 18.11 -17.62 21.18
C GLN A 379 18.34 -19.07 20.79
N GLU A 380 17.28 -19.88 20.78
CA GLU A 380 17.42 -21.26 20.34
C GLU A 380 17.65 -21.35 18.83
N ARG A 381 16.90 -20.56 18.06
CA ARG A 381 16.95 -20.65 16.60
C ARG A 381 18.26 -20.10 16.05
N CYS A 382 18.77 -19.01 16.60
CA CYS A 382 20.03 -18.45 16.12
C CYS A 382 21.20 -19.40 16.40
N ARG A 383 21.13 -20.14 17.50
CA ARG A 383 22.13 -21.18 17.74
C ARG A 383 22.07 -22.24 16.64
N GLU A 384 20.87 -22.65 16.24
CA GLU A 384 20.72 -23.62 15.18
C GLU A 384 21.27 -23.08 13.86
N ILE A 385 21.07 -21.80 13.60
CA ILE A 385 21.56 -21.19 12.36
C ILE A 385 23.09 -21.17 12.34
N VAL A 386 23.72 -20.83 13.46
CA VAL A 386 25.19 -20.84 13.46
C VAL A 386 25.72 -22.25 13.26
N MET A 387 25.07 -23.25 13.84
CA MET A 387 25.51 -24.63 13.62
C MET A 387 25.39 -25.03 12.14
N LEU A 388 24.34 -24.54 11.45
CA LEU A 388 24.24 -24.71 10.00
C LEU A 388 25.44 -24.12 9.28
N ALA A 389 25.86 -22.91 9.70
CA ALA A 389 27.02 -22.26 9.10
C ALA A 389 28.29 -23.06 9.33
N ILE A 390 28.46 -23.57 10.55
CA ILE A 390 29.64 -24.39 10.84
C ILE A 390 29.64 -25.64 9.98
N ASP A 391 28.48 -26.27 9.84
CA ASP A 391 28.38 -27.44 8.98
C ASP A 391 28.72 -27.10 7.54
N ALA A 392 28.22 -25.97 7.03
CA ALA A 392 28.55 -25.56 5.67
C ALA A 392 30.05 -25.32 5.53
N TYR A 393 30.67 -24.74 6.56
CA TYR A 393 32.12 -24.53 6.55
C TYR A 393 32.88 -25.82 6.26
N THR A 394 32.43 -26.96 6.81
CA THR A 394 33.17 -28.21 6.58
C THR A 394 33.12 -28.67 5.14
N ARG A 395 32.24 -28.11 4.32
CA ARG A 395 32.12 -28.43 2.90
C ARG A 395 32.67 -27.33 2.00
N ARG A 396 33.33 -26.33 2.56
CA ARG A 396 33.89 -25.28 1.72
C ARG A 396 34.97 -25.87 0.82
N ASP A 397 34.86 -25.60 -0.47
CA ASP A 397 35.89 -25.95 -1.43
C ASP A 397 37.08 -25.00 -1.27
N PRO A 398 38.23 -25.44 -0.77
CA PRO A 398 39.33 -24.49 -0.55
C PRO A 398 39.91 -23.94 -1.84
N ALA A 399 39.70 -24.61 -2.97
CA ALA A 399 40.28 -24.16 -4.23
C ALA A 399 39.54 -22.99 -4.85
N ARG A 400 38.32 -22.68 -4.39
CA ARG A 400 37.54 -21.60 -4.94
C ARG A 400 37.51 -20.39 -4.03
N VAL A 401 38.34 -20.37 -2.99
CA VAL A 401 38.38 -19.25 -2.05
C VAL A 401 39.33 -18.19 -2.59
N ASP A 402 38.84 -16.96 -2.67
CA ASP A 402 39.69 -15.84 -3.08
C ASP A 402 39.15 -14.61 -2.36
N ILE A 403 39.73 -14.30 -1.21
CA ILE A 403 39.40 -13.08 -0.46
C ILE A 403 40.38 -12.00 -0.92
N PRO A 404 39.92 -10.97 -1.63
CA PRO A 404 40.82 -10.22 -2.53
C PRO A 404 41.58 -9.05 -1.94
N SER A 405 41.28 -8.60 -0.74
CA SER A 405 41.82 -7.33 -0.27
C SER A 405 42.13 -7.43 1.22
N GLN A 406 42.89 -6.46 1.70
CA GLN A 406 43.04 -6.17 3.12
C GLN A 406 41.96 -5.18 3.56
N PRO A 407 41.38 -5.38 4.74
CA PRO A 407 40.31 -4.49 5.19
C PRO A 407 40.82 -3.07 5.42
N VAL A 408 39.89 -2.12 5.38
CA VAL A 408 40.18 -0.70 5.55
C VAL A 408 39.60 -0.23 6.87
N SER A 409 40.42 0.47 7.65
N SER A 409 40.41 0.47 7.65
CA SER A 409 39.99 0.96 8.95
CA SER A 409 39.97 0.95 8.96
C SER A 409 38.91 2.03 8.82
C SER A 409 38.91 2.04 8.82
N ILE A 410 37.92 2.00 9.72
CA ILE A 410 36.85 2.98 9.77
C ILE A 410 36.54 3.28 11.24
N MET A 411 35.86 4.40 11.45
CA MET A 411 35.25 4.73 12.74
C MET A 411 33.75 4.89 12.55
N SER A 412 32.97 4.30 13.44
CA SER A 412 31.52 4.29 13.34
C SER A 412 30.95 4.72 14.69
N GLY A 413 29.62 4.69 14.80
CA GLY A 413 28.98 4.85 16.08
C GLY A 413 28.55 6.25 16.43
N PHE A 414 28.34 7.12 15.44
CA PHE A 414 27.94 8.51 15.72
C PHE A 414 26.42 8.66 15.74
N SER A 415 25.83 8.13 16.81
CA SER A 415 24.47 8.52 17.19
C SER A 415 24.45 10.01 17.58
N ASN A 416 23.26 10.61 17.60
CA ASN A 416 23.19 11.98 18.10
C ASN A 416 23.65 12.06 19.55
N GLU A 417 23.42 11.00 20.33
CA GLU A 417 23.93 10.96 21.70
C GLU A 417 25.45 11.04 21.72
N ALA A 418 26.13 10.30 20.84
CA ALA A 418 27.59 10.36 20.79
C ALA A 418 28.08 11.72 20.32
N ILE A 419 27.43 12.28 19.28
CA ILE A 419 27.81 13.60 18.78
C ILE A 419 27.72 14.64 19.88
N LEU A 420 26.58 14.69 20.57
CA LEU A 420 26.43 15.65 21.66
C LEU A 420 27.46 15.41 22.76
N GLU A 421 27.75 14.15 23.05
CA GLU A 421 28.79 13.84 24.04
C GLU A 421 30.16 14.32 23.58
N ALA A 422 30.47 14.14 22.29
CA ALA A 422 31.74 14.63 21.76
C ALA A 422 31.81 16.15 21.79
N LEU A 423 30.68 16.83 21.83
CA LEU A 423 30.63 18.30 21.88
C LEU A 423 30.56 18.82 23.30
N GLY A 424 30.61 17.97 24.31
CA GLY A 424 30.56 18.43 25.68
C GLY A 424 29.17 18.60 26.25
N GLY A 425 28.14 18.04 25.60
CA GLY A 425 26.82 17.97 26.17
C GLY A 425 25.78 18.86 25.51
N THR A 426 26.18 19.89 24.78
CA THR A 426 25.26 20.78 24.09
C THR A 426 25.69 20.93 22.64
N PRO A 427 24.80 21.40 21.77
CA PRO A 427 25.21 21.70 20.39
C PRO A 427 25.95 23.01 20.23
N LYS A 428 26.22 23.73 21.32
CA LYS A 428 26.81 25.06 21.19
C LYS A 428 28.17 25.07 20.50
N PRO A 429 29.11 24.15 20.75
CA PRO A 429 30.34 24.15 19.94
C PRO A 429 30.10 23.93 18.46
N LEU A 430 29.06 23.18 18.10
CA LEU A 430 28.76 22.97 16.68
C LEU A 430 28.15 24.23 16.07
N ILE A 431 27.25 24.89 16.79
CA ILE A 431 26.66 26.13 16.31
C ILE A 431 27.72 27.21 16.13
N ASP A 432 28.63 27.32 17.10
CA ASP A 432 29.71 28.29 16.99
C ASP A 432 30.58 28.01 15.77
N ALA A 433 30.91 26.74 15.53
CA ALA A 433 31.69 26.39 14.35
C ALA A 433 30.98 26.82 13.08
N VAL A 434 29.66 26.60 13.02
CA VAL A 434 28.90 26.95 11.82
C VAL A 434 28.80 28.47 11.68
N VAL A 435 28.57 29.16 12.79
CA VAL A 435 28.48 30.63 12.75
C VAL A 435 29.79 31.24 12.29
N ALA A 436 30.91 30.71 12.79
CA ALA A 436 32.22 31.24 12.39
C ALA A 436 32.62 30.82 10.99
N GLY A 437 31.91 29.88 10.38
CA GLY A 437 32.24 29.44 9.04
C GLY A 437 33.27 28.33 8.96
N GLN A 438 33.68 27.76 10.10
CA GLN A 438 34.59 26.61 10.04
C GLN A 438 33.92 25.41 9.40
N ILE A 439 32.68 25.14 9.79
CA ILE A 439 31.81 24.19 9.12
C ILE A 439 30.75 25.01 8.42
N ARG A 440 30.76 25.00 7.09
CA ARG A 440 29.81 25.84 6.37
C ARG A 440 28.42 25.23 6.34
N GLY A 441 28.32 23.91 6.42
CA GLY A 441 27.03 23.26 6.51
C GLY A 441 27.23 21.77 6.64
N PHE A 442 26.11 21.05 6.60
CA PHE A 442 26.11 19.59 6.71
C PHE A 442 25.28 19.01 5.58
N VAL A 443 25.73 17.88 5.04
CA VAL A 443 24.95 17.14 4.06
C VAL A 443 24.90 15.69 4.47
N GLY A 444 23.69 15.14 4.58
CA GLY A 444 23.53 13.72 4.76
C GLY A 444 23.63 13.05 3.40
N ILE A 445 24.62 12.17 3.20
CA ILE A 445 24.72 11.41 1.98
C ILE A 445 24.26 10.00 2.31
N VAL A 446 23.17 9.58 1.68
CA VAL A 446 22.39 8.44 2.08
C VAL A 446 22.13 7.58 0.84
N GLY A 447 21.51 6.45 1.02
CA GLY A 447 21.14 5.77 -0.21
C GLY A 447 22.17 4.77 -0.74
N CYS A 448 21.85 4.27 -1.94
N CYS A 448 21.86 4.29 -1.94
CA CYS A 448 22.22 2.92 -2.35
CA CYS A 448 22.17 2.95 -2.39
C CYS A 448 23.34 2.91 -3.38
C CYS A 448 23.35 2.90 -3.36
N ASN A 449 23.44 1.80 -4.09
CA ASN A 449 24.16 1.67 -5.35
C ASN A 449 23.11 1.41 -6.41
N ASN A 450 23.48 1.58 -7.67
CA ASN A 450 22.54 1.34 -8.75
C ASN A 450 23.42 0.97 -9.95
N PRO A 451 23.17 -0.15 -10.61
CA PRO A 451 24.07 -0.59 -11.70
C PRO A 451 24.17 0.42 -12.82
N LYS A 452 23.24 1.37 -12.90
N LYS A 452 23.26 1.39 -12.90
CA LYS A 452 23.33 2.43 -13.91
CA LYS A 452 23.34 2.42 -13.93
C LYS A 452 24.56 3.30 -13.71
C LYS A 452 24.43 3.45 -13.66
N ILE A 453 25.06 3.39 -12.48
CA ILE A 453 26.18 4.27 -12.14
C ILE A 453 27.34 3.38 -11.68
N ARG A 454 28.53 3.64 -12.20
CA ARG A 454 29.73 2.95 -11.74
C ARG A 454 29.78 2.96 -10.22
N GLN A 455 29.86 1.79 -9.60
CA GLN A 455 29.53 1.66 -8.19
C GLN A 455 30.40 2.57 -7.31
N ASP A 456 29.74 3.39 -6.51
CA ASP A 456 30.31 4.31 -5.51
C ASP A 456 31.12 5.44 -6.12
N SER A 457 31.18 5.55 -7.46
CA SER A 457 31.87 6.66 -8.11
C SER A 457 31.29 8.01 -7.71
N ALA A 458 29.96 8.13 -7.77
CA ALA A 458 29.32 9.38 -7.37
C ALA A 458 29.29 9.54 -5.86
N ASN A 459 29.05 8.45 -5.13
CA ASN A 459 29.04 8.51 -3.66
C ASN A 459 30.34 9.10 -3.13
N VAL A 460 31.47 8.58 -3.61
CA VAL A 460 32.76 9.02 -3.09
C VAL A 460 33.09 10.41 -3.60
N THR A 461 32.87 10.67 -4.88
CA THR A 461 33.23 11.99 -5.41
C THR A 461 32.46 13.08 -4.69
N LEU A 462 31.15 12.89 -4.47
CA LEU A 462 30.37 13.89 -3.78
C LEU A 462 30.87 14.11 -2.36
N THR A 463 31.19 13.02 -1.65
CA THR A 463 31.73 13.13 -0.29
C THR A 463 33.03 13.92 -0.28
N ARG A 464 33.94 13.61 -1.20
CA ARG A 464 35.23 14.32 -1.24
C ARG A 464 35.02 15.80 -1.52
N GLU A 465 34.18 16.11 -2.52
CA GLU A 465 33.92 17.50 -2.87
C GLU A 465 33.35 18.29 -1.70
N LEU A 466 32.42 17.70 -0.95
CA LEU A 466 31.78 18.45 0.13
C LEU A 466 32.75 18.68 1.29
N ILE A 467 33.49 17.66 1.71
CA ILE A 467 34.40 17.90 2.82
C ILE A 467 35.52 18.87 2.42
N ARG A 468 35.91 18.88 1.14
CA ARG A 468 36.91 19.84 0.69
C ARG A 468 36.41 21.28 0.80
N ARG A 469 35.09 21.47 0.72
CA ARG A 469 34.43 22.76 0.83
C ARG A 469 33.96 23.06 2.25
N ASP A 470 34.49 22.34 3.25
CA ASP A 470 34.18 22.56 4.65
C ASP A 470 32.72 22.25 4.98
N ILE A 471 32.11 21.34 4.24
CA ILE A 471 30.77 20.85 4.51
C ILE A 471 30.92 19.45 5.09
N MET A 472 30.56 19.28 6.35
CA MET A 472 30.63 17.98 7.00
C MET A 472 29.58 17.04 6.41
N VAL A 473 29.96 15.76 6.26
CA VAL A 473 29.09 14.77 5.66
C VAL A 473 28.61 13.81 6.74
N LEU A 474 27.31 13.55 6.75
CA LEU A 474 26.72 12.51 7.59
C LEU A 474 26.38 11.35 6.67
N ALA A 475 26.94 10.18 6.92
CA ALA A 475 26.81 9.02 6.03
C ALA A 475 25.91 7.96 6.65
N THR A 476 24.98 7.44 5.84
CA THR A 476 24.15 6.30 6.24
C THR A 476 23.99 5.34 5.08
N GLY A 477 23.45 4.16 5.38
CA GLY A 477 23.13 3.18 4.36
C GLY A 477 24.36 2.70 3.61
N CYS A 478 24.19 2.47 2.32
N CYS A 478 24.17 2.44 2.31
CA CYS A 478 25.30 1.92 1.55
CA CYS A 478 25.26 1.98 1.44
C CYS A 478 26.35 2.98 1.18
C CYS A 478 26.43 2.94 1.45
N VAL A 479 26.15 4.24 1.55
CA VAL A 479 27.20 5.25 1.46
C VAL A 479 28.28 5.00 2.51
N THR A 480 27.89 4.42 3.65
CA THR A 480 28.84 4.10 4.70
C THR A 480 30.01 3.30 4.15
N THR A 481 29.70 2.26 3.38
CA THR A 481 30.77 1.42 2.84
C THR A 481 31.64 2.19 1.86
N ALA A 482 31.04 3.08 1.09
CA ALA A 482 31.79 3.85 0.10
C ALA A 482 32.74 4.84 0.78
N ALA A 483 32.24 5.59 1.75
CA ALA A 483 33.12 6.50 2.49
C ALA A 483 34.16 5.72 3.27
N GLY A 484 33.79 4.57 3.81
CA GLY A 484 34.76 3.75 4.55
C GLY A 484 35.89 3.24 3.68
N LYS A 485 35.55 2.67 2.52
CA LYS A 485 36.59 2.16 1.61
C LYS A 485 37.43 3.28 1.02
N ALA A 486 36.85 4.47 0.89
CA ALA A 486 37.59 5.64 0.45
C ALA A 486 38.57 6.15 1.53
N GLY A 487 38.53 5.57 2.73
CA GLY A 487 39.39 6.04 3.81
C GLY A 487 38.92 7.31 4.49
N LEU A 488 37.64 7.66 4.36
CA LEU A 488 37.15 8.95 4.85
C LEU A 488 36.47 8.84 6.22
N LEU A 489 36.36 7.64 6.78
CA LEU A 489 35.64 7.45 8.04
C LEU A 489 36.57 7.41 9.24
N VAL A 490 37.75 8.01 9.15
CA VAL A 490 38.69 7.99 10.28
C VAL A 490 39.10 9.43 10.58
N PRO A 491 39.54 9.69 11.83
CA PRO A 491 39.94 11.06 12.18
C PRO A 491 41.06 11.60 11.34
N GLU A 492 41.98 10.73 10.90
CA GLU A 492 43.09 11.16 10.07
C GLU A 492 42.63 11.70 8.72
N ALA A 493 41.41 11.36 8.29
CA ALA A 493 40.86 11.92 7.06
C ALA A 493 40.58 13.41 7.14
N ALA A 494 40.77 14.05 8.30
CA ALA A 494 40.69 15.50 8.36
C ALA A 494 41.64 16.15 7.38
N SER A 495 42.75 15.47 7.05
CA SER A 495 43.71 15.99 6.08
C SER A 495 43.10 16.12 4.69
N LYS A 496 41.97 15.45 4.43
CA LYS A 496 41.27 15.54 3.16
C LYS A 496 40.17 16.60 3.17
N ALA A 497 39.87 17.18 4.32
CA ALA A 497 38.85 18.21 4.40
C ALA A 497 39.48 19.59 4.23
N GLY A 498 38.63 20.58 3.97
CA GLY A 498 39.07 21.96 3.94
C GLY A 498 39.59 22.39 5.30
N GLU A 499 40.20 23.59 5.31
CA GLU A 499 40.92 24.05 6.50
C GLU A 499 40.00 24.17 7.72
N GLY A 500 38.78 24.68 7.52
CA GLY A 500 37.90 24.87 8.66
C GLY A 500 37.35 23.58 9.21
N LEU A 501 36.87 22.71 8.32
CA LEU A 501 36.36 21.41 8.76
C LEU A 501 37.48 20.56 9.34
N ALA A 502 38.68 20.62 8.75
CA ALA A 502 39.80 19.87 9.33
C ALA A 502 40.08 20.33 10.74
N ALA A 503 40.01 21.64 10.99
CA ALA A 503 40.33 22.15 12.31
C ALA A 503 39.31 21.69 13.36
N VAL A 504 38.03 21.73 13.00
CA VAL A 504 37.00 21.28 13.93
C VAL A 504 37.10 19.78 14.18
N CYS A 505 37.32 19.01 13.12
CA CYS A 505 37.46 17.57 13.26
C CYS A 505 38.62 17.22 14.19
N ARG A 506 39.76 17.87 13.99
CA ARG A 506 40.92 17.59 14.82
C ARG A 506 40.69 17.99 16.27
N SER A 507 39.92 19.05 16.52
CA SER A 507 39.69 19.47 17.90
C SER A 507 38.72 18.54 18.61
N LEU A 508 37.82 17.88 17.88
CA LEU A 508 36.92 16.91 18.46
C LEU A 508 37.43 15.48 18.37
N GLY A 509 38.45 15.23 17.55
CA GLY A 509 38.94 13.89 17.35
C GLY A 509 38.07 13.00 16.50
N VAL A 510 37.32 13.58 15.57
CA VAL A 510 36.32 12.83 14.79
C VAL A 510 36.67 12.93 13.32
N PRO A 511 36.13 12.04 12.49
CA PRO A 511 36.33 12.12 11.04
C PRO A 511 35.54 13.28 10.45
N PRO A 512 35.87 13.69 9.22
CA PRO A 512 35.03 14.67 8.51
C PRO A 512 33.73 14.09 7.99
N VAL A 513 33.60 12.76 7.99
CA VAL A 513 32.39 12.05 7.61
C VAL A 513 31.98 11.23 8.82
N LEU A 514 30.75 11.46 9.32
CA LEU A 514 30.24 10.77 10.49
C LEU A 514 29.26 9.69 10.05
N HIS A 515 29.57 8.44 10.37
CA HIS A 515 28.64 7.35 10.11
C HIS A 515 27.50 7.40 11.11
N MET A 516 26.27 7.63 10.65
CA MET A 516 25.15 7.75 11.56
C MET A 516 24.19 6.57 11.50
N GLY A 517 24.50 5.55 10.71
CA GLY A 517 23.84 4.26 10.86
C GLY A 517 23.20 3.77 9.57
N SER A 518 22.10 3.05 9.74
CA SER A 518 21.38 2.41 8.65
C SER A 518 20.39 3.41 8.00
N CYS A 519 19.60 2.89 7.06
N CYS A 519 19.61 2.89 7.05
CA CYS A 519 18.60 3.72 6.39
CA CYS A 519 18.61 3.72 6.38
C CYS A 519 17.52 4.19 7.35
C CYS A 519 17.50 4.16 7.32
N VAL A 520 17.13 3.36 8.31
CA VAL A 520 16.14 3.84 9.27
C VAL A 520 16.76 4.94 10.12
N ASP A 521 18.07 4.88 10.34
CA ASP A 521 18.78 5.88 11.11
C ASP A 521 18.90 7.24 10.41
N ASN A 522 18.45 7.38 9.16
CA ASN A 522 18.23 8.74 8.66
C ASN A 522 17.28 9.53 9.56
N SER A 523 16.49 8.84 10.39
CA SER A 523 15.70 9.54 11.41
C SER A 523 16.59 10.29 12.38
N ARG A 524 17.82 9.80 12.65
CA ARG A 524 18.76 10.57 13.45
C ARG A 524 19.07 11.91 12.80
N ILE A 525 19.16 11.95 11.48
CA ILE A 525 19.46 13.22 10.82
C ILE A 525 18.28 14.18 10.97
N LEU A 526 17.05 13.68 10.84
CA LEU A 526 15.88 14.49 11.14
C LEU A 526 15.91 15.01 12.57
N GLN A 527 16.22 14.13 13.54
CA GLN A 527 16.25 14.56 14.93
C GLN A 527 17.29 15.67 15.13
N LEU A 528 18.47 15.50 14.55
CA LEU A 528 19.54 16.50 14.71
C LEU A 528 19.15 17.83 14.10
N CYS A 529 18.65 17.82 12.85
CA CYS A 529 18.12 19.03 12.24
C CYS A 529 17.06 19.69 13.12
N ALA A 530 16.12 18.87 13.64
CA ALA A 530 15.05 19.44 14.44
C ALA A 530 15.57 20.06 15.73
N LEU A 531 16.58 19.42 16.34
CA LEU A 531 17.20 19.99 17.55
C LEU A 531 17.87 21.32 17.25
N LEU A 532 18.61 21.41 16.13
CA LEU A 532 19.30 22.65 15.82
C LEU A 532 18.31 23.76 15.51
N ALA A 533 17.27 23.47 14.73
CA ALA A 533 16.28 24.49 14.42
C ALA A 533 15.56 24.95 15.67
N THR A 534 15.16 23.99 16.53
CA THR A 534 14.47 24.34 17.76
C THR A 534 15.36 25.19 18.67
N THR A 535 16.63 24.83 18.78
CA THR A 535 17.57 25.61 19.59
C THR A 535 17.71 27.03 19.06
N LEU A 536 17.81 27.17 17.74
CA LEU A 536 18.01 28.48 17.12
C LEU A 536 16.71 29.25 16.91
N GLY A 537 15.55 28.62 17.09
CA GLY A 537 14.32 29.32 16.85
C GLY A 537 13.99 29.56 15.39
N VAL A 538 14.43 28.68 14.51
CA VAL A 538 14.18 28.77 13.08
C VAL A 538 13.53 27.47 12.61
N ASP A 539 13.24 27.42 11.31
CA ASP A 539 12.73 26.22 10.66
C ASP A 539 13.90 25.37 10.18
N ILE A 540 13.61 24.08 9.91
CA ILE A 540 14.64 23.23 9.32
C ILE A 540 15.05 23.78 7.96
N SER A 541 14.10 24.38 7.23
CA SER A 541 14.37 25.02 5.93
C SER A 541 15.24 26.27 6.04
N ASP A 542 15.58 26.72 7.24
CA ASP A 542 16.53 27.81 7.42
C ASP A 542 17.94 27.34 7.72
N LEU A 543 18.14 26.03 8.00
CA LEU A 543 19.45 25.50 8.37
C LEU A 543 20.32 25.25 7.15
N PRO A 544 21.63 25.46 7.28
CA PRO A 544 22.57 25.17 6.17
C PRO A 544 22.82 23.67 6.08
N VAL A 545 21.83 22.95 5.54
CA VAL A 545 21.86 21.51 5.44
C VAL A 545 21.43 21.08 4.04
N GLY A 546 21.71 19.82 3.73
CA GLY A 546 21.28 19.22 2.48
C GLY A 546 21.31 17.72 2.63
N ALA A 547 20.75 17.03 1.65
CA ALA A 547 20.76 15.58 1.64
C ALA A 547 20.99 15.13 0.21
N SER A 548 21.60 13.96 0.06
CA SER A 548 21.90 13.47 -1.27
C SER A 548 21.86 11.95 -1.29
N SER A 549 21.31 11.41 -2.38
CA SER A 549 21.39 9.98 -2.67
C SER A 549 21.90 9.85 -4.10
N PRO A 550 23.22 9.86 -4.30
CA PRO A 550 23.74 9.91 -5.67
C PRO A 550 23.49 8.66 -6.50
N GLU A 551 23.33 7.49 -5.88
CA GLU A 551 23.24 6.22 -6.60
C GLU A 551 22.06 5.41 -6.10
N TRP A 552 20.92 6.04 -5.84
CA TRP A 552 19.80 5.33 -5.23
C TRP A 552 19.15 4.36 -6.21
N TYR A 553 18.42 3.39 -5.65
CA TYR A 553 17.61 2.47 -6.46
C TYR A 553 16.24 2.16 -5.86
N SER A 554 16.08 2.16 -4.53
CA SER A 554 14.94 1.54 -3.88
C SER A 554 13.79 2.52 -3.68
N GLU A 555 12.60 1.95 -3.48
CA GLU A 555 11.47 2.75 -3.01
C GLU A 555 11.77 3.36 -1.64
N LYS A 556 12.49 2.63 -0.78
N LYS A 556 12.48 2.62 -0.78
CA LYS A 556 12.83 3.16 0.54
CA LYS A 556 12.82 3.15 0.54
C LYS A 556 13.66 4.43 0.42
C LYS A 556 13.66 4.43 0.41
N ALA A 557 14.65 4.43 -0.48
CA ALA A 557 15.46 5.62 -0.69
C ALA A 557 14.64 6.79 -1.20
N ALA A 558 13.65 6.52 -2.07
CA ALA A 558 12.77 7.60 -2.54
C ALA A 558 11.93 8.15 -1.39
N ALA A 559 11.46 7.29 -0.49
CA ALA A 559 10.68 7.79 0.64
C ALA A 559 11.54 8.64 1.55
N ILE A 560 12.80 8.23 1.77
CA ILE A 560 13.71 9.05 2.57
C ILE A 560 13.90 10.42 1.94
N ALA A 561 14.18 10.45 0.63
CA ALA A 561 14.34 11.73 -0.07
C ALA A 561 13.09 12.59 0.07
N MET A 562 11.90 11.98 -0.05
CA MET A 562 10.67 12.75 0.03
C MET A 562 10.48 13.32 1.43
N TYR A 563 10.77 12.53 2.48
CA TYR A 563 10.56 13.10 3.81
C TYR A 563 11.66 14.09 4.18
N ALA A 564 12.86 13.97 3.61
CA ALA A 564 13.83 15.05 3.75
C ALA A 564 13.31 16.34 3.15
N VAL A 565 12.87 16.28 1.89
CA VAL A 565 12.35 17.45 1.19
C VAL A 565 11.16 18.06 1.97
N ALA A 566 10.20 17.21 2.34
CA ALA A 566 9.01 17.69 3.04
C ALA A 566 9.35 18.29 4.41
N SER A 567 10.49 17.95 4.99
CA SER A 567 10.93 18.51 6.25
C SER A 567 11.78 19.76 6.07
N GLY A 568 12.07 20.15 4.84
CA GLY A 568 12.78 21.37 4.56
C GLY A 568 14.24 21.20 4.17
N ILE A 569 14.68 19.99 3.83
CA ILE A 569 16.07 19.70 3.49
C ILE A 569 16.18 19.58 1.98
N PRO A 570 16.96 20.43 1.31
CA PRO A 570 17.16 20.26 -0.13
C PRO A 570 17.83 18.92 -0.40
N THR A 571 17.27 18.15 -1.34
CA THR A 571 17.69 16.76 -1.52
C THR A 571 18.06 16.50 -2.96
N HIS A 572 19.30 16.07 -3.17
CA HIS A 572 19.82 15.71 -4.49
C HIS A 572 19.64 14.22 -4.76
N LEU A 573 19.25 13.89 -5.99
CA LEU A 573 19.19 12.52 -6.45
C LEU A 573 20.05 12.39 -7.71
N GLY A 574 20.84 11.33 -7.79
CA GLY A 574 21.70 11.14 -8.95
C GLY A 574 20.94 10.74 -10.20
N LEU A 575 19.81 10.04 -10.03
CA LEU A 575 18.94 9.54 -11.08
C LEU A 575 17.52 9.99 -10.79
N PRO A 576 16.73 10.25 -11.83
CA PRO A 576 15.36 10.68 -11.61
C PRO A 576 14.49 9.49 -11.24
N PRO A 577 13.48 9.70 -10.40
CA PRO A 577 12.38 8.73 -10.34
C PRO A 577 11.68 8.63 -11.68
N ASN A 578 10.80 7.64 -11.82
CA ASN A 578 10.13 7.43 -13.11
C ASN A 578 8.95 8.40 -13.23
N ILE A 579 9.28 9.67 -13.45
CA ILE A 579 8.26 10.73 -13.46
C ILE A 579 8.42 11.71 -14.62
N LEU A 580 9.49 11.60 -15.42
CA LEU A 580 9.71 12.60 -16.46
C LEU A 580 8.64 12.58 -17.56
N GLY A 581 7.77 11.57 -17.59
CA GLY A 581 6.64 11.59 -18.51
C GLY A 581 5.61 12.68 -18.22
N SER A 582 5.65 13.29 -17.04
CA SER A 582 4.79 14.41 -16.71
C SER A 582 5.66 15.62 -16.39
N GLU A 583 5.62 16.64 -17.26
CA GLU A 583 6.34 17.88 -16.97
C GLU A 583 5.81 18.55 -15.70
N ASN A 584 4.49 18.47 -15.46
CA ASN A 584 3.90 19.10 -14.28
C ASN A 584 4.36 18.42 -13.00
N VAL A 585 4.37 17.08 -12.97
CA VAL A 585 4.84 16.40 -11.77
C VAL A 585 6.32 16.68 -11.57
N THR A 586 7.09 16.63 -12.65
CA THR A 586 8.52 16.92 -12.58
C THR A 586 8.77 18.34 -12.09
N ALA A 587 8.01 19.31 -12.60
CA ALA A 587 8.20 20.69 -12.15
C ALA A 587 7.83 20.86 -10.69
N MET A 588 6.78 20.17 -10.24
N MET A 588 6.80 20.14 -10.22
CA MET A 588 6.45 20.17 -8.82
CA MET A 588 6.46 20.21 -8.81
C MET A 588 7.64 19.68 -8.00
C MET A 588 7.58 19.63 -7.95
N ALA A 589 8.21 18.54 -8.40
CA ALA A 589 9.26 17.92 -7.60
C ALA A 589 10.52 18.79 -7.57
N LEU A 590 10.88 19.40 -8.70
CA LEU A 590 12.12 20.17 -8.78
C LEU A 590 11.95 21.64 -8.40
N HIS A 591 10.73 22.18 -8.46
CA HIS A 591 10.57 23.61 -8.26
C HIS A 591 9.37 23.94 -7.39
N GLY A 592 8.22 23.35 -7.69
CA GLY A 592 7.00 23.72 -6.98
C GLY A 592 7.09 23.45 -5.50
N LEU A 593 7.78 22.36 -5.11
CA LEU A 593 7.84 22.03 -3.69
C LEU A 593 8.61 23.07 -2.91
N GLN A 594 9.55 23.76 -3.56
CA GLN A 594 10.27 24.84 -2.90
C GLN A 594 9.31 25.88 -2.35
N ASP A 595 8.26 26.20 -3.13
CA ASP A 595 7.26 27.19 -2.71
C ASP A 595 6.40 26.74 -1.55
N VAL A 596 6.38 25.43 -1.30
N VAL A 596 6.28 25.44 -1.27
CA VAL A 596 5.40 24.78 -0.46
CA VAL A 596 5.37 24.98 -0.23
C VAL A 596 6.00 24.37 0.89
C VAL A 596 6.10 24.48 1.01
N VAL A 597 7.10 23.61 0.84
CA VAL A 597 7.80 23.08 2.01
C VAL A 597 9.18 23.68 2.21
N GLY A 598 9.63 24.58 1.34
CA GLY A 598 10.92 25.23 1.56
C GLY A 598 12.11 24.40 1.14
N ALA A 599 11.89 23.36 0.35
CA ALA A 599 12.94 22.53 -0.21
C ALA A 599 12.38 21.87 -1.45
N ALA A 600 13.27 21.31 -2.26
CA ALA A 600 12.84 20.59 -3.45
C ALA A 600 13.88 19.52 -3.79
N PHE A 601 13.50 18.63 -4.72
CA PHE A 601 14.41 17.65 -5.28
C PHE A 601 15.32 18.30 -6.31
N MET A 602 16.54 17.76 -6.42
CA MET A 602 17.44 18.09 -7.52
C MET A 602 17.86 16.78 -8.14
N VAL A 603 17.91 16.72 -9.46
CA VAL A 603 18.38 15.53 -10.15
C VAL A 603 19.62 15.90 -10.94
N GLU A 604 20.73 15.24 -10.65
CA GLU A 604 22.00 15.63 -11.24
C GLU A 604 22.98 14.48 -11.16
N PRO A 605 23.33 13.85 -12.28
CA PRO A 605 24.25 12.70 -12.23
C PRO A 605 25.73 13.07 -12.15
N ASP A 606 26.09 14.33 -12.40
CA ASP A 606 27.48 14.75 -12.21
C ASP A 606 27.68 15.12 -10.74
N PRO A 607 28.43 14.32 -9.97
CA PRO A 607 28.57 14.61 -8.53
C PRO A 607 29.28 15.93 -8.23
N VAL A 608 30.12 16.45 -9.13
CA VAL A 608 30.73 17.75 -8.85
C VAL A 608 29.69 18.85 -8.97
N LYS A 609 28.86 18.78 -10.02
CA LYS A 609 27.72 19.70 -10.15
C LYS A 609 26.73 19.52 -9.01
N ALA A 610 26.53 18.30 -8.52
CA ALA A 610 25.69 18.10 -7.35
C ALA A 610 26.25 18.81 -6.13
N ALA A 611 27.57 18.70 -5.91
CA ALA A 611 28.20 19.44 -4.82
C ALA A 611 27.97 20.94 -4.98
N ASP A 612 28.15 21.46 -6.19
CA ASP A 612 27.92 22.89 -6.43
C ASP A 612 26.51 23.31 -6.03
N MET A 613 25.51 22.49 -6.38
CA MET A 613 24.11 22.83 -6.11
C MET A 613 23.80 22.75 -4.61
N LEU A 614 24.26 21.69 -3.94
CA LEU A 614 24.07 21.58 -2.50
C LEU A 614 24.75 22.72 -1.76
N GLU A 615 25.96 23.07 -2.21
CA GLU A 615 26.71 24.17 -1.61
C GLU A 615 25.98 25.49 -1.80
N ALA A 616 25.42 25.70 -2.99
CA ALA A 616 24.70 26.95 -3.26
C ALA A 616 23.51 27.13 -2.32
N HIS A 617 22.75 26.05 -2.07
CA HIS A 617 21.64 26.14 -1.13
C HIS A 617 22.14 26.47 0.27
N ILE A 618 23.21 25.79 0.71
CA ILE A 618 23.77 26.05 2.02
C ILE A 618 24.19 27.51 2.15
N VAL A 619 24.84 28.05 1.12
CA VAL A 619 25.31 29.44 1.16
C VAL A 619 24.14 30.42 1.19
N ALA A 620 23.10 30.16 0.40
CA ALA A 620 21.90 30.99 0.46
C ALA A 620 21.29 30.97 1.86
N ARG A 621 21.29 29.81 2.51
CA ARG A 621 20.68 29.73 3.83
C ARG A 621 21.55 30.39 4.89
N ARG A 622 22.88 30.26 4.76
CA ARG A 622 23.78 30.98 5.66
C ARG A 622 23.55 32.47 5.59
N ALA A 623 23.39 32.99 4.37
CA ALA A 623 23.17 34.42 4.21
C ALA A 623 21.89 34.86 4.93
N ARG A 624 20.80 34.11 4.75
CA ARG A 624 19.54 34.42 5.44
C ARG A 624 19.69 34.37 6.95
N LEU A 625 20.61 33.56 7.47
CA LEU A 625 20.89 33.55 8.90
C LEU A 625 21.84 34.68 9.31
N GLY A 626 22.27 35.51 8.37
CA GLY A 626 23.21 36.55 8.72
C GLY A 626 24.61 36.05 8.96
N LEU A 627 24.97 34.91 8.40
CA LEU A 627 26.30 34.37 8.54
C LEU A 627 27.13 34.67 7.31
N THR A 628 28.46 34.68 7.51
CA THR A 628 29.38 34.68 6.39
C THR A 628 29.47 33.26 5.83
N SER A 629 29.83 33.15 4.55
CA SER A 629 29.94 31.84 3.90
C SER A 629 31.40 31.37 3.83
N SER B 4 -25.81 1.45 -35.82
CA SER B 4 -24.41 1.07 -35.92
C SER B 4 -24.14 -0.29 -35.28
N LYS B 5 -23.40 -1.13 -36.01
CA LYS B 5 -23.04 -2.45 -35.47
C LYS B 5 -21.97 -2.33 -34.38
N THR B 6 -21.07 -1.36 -34.50
CA THR B 6 -20.10 -1.13 -33.44
C THR B 6 -20.81 -0.69 -32.16
N ILE B 7 -21.79 0.21 -32.27
CA ILE B 7 -22.51 0.67 -31.09
C ILE B 7 -23.28 -0.47 -30.45
N ARG B 8 -24.01 -1.24 -31.26
CA ARG B 8 -24.73 -2.40 -30.75
C ARG B 8 -23.79 -3.38 -30.05
N SER B 9 -22.55 -3.49 -30.54
CA SER B 9 -21.59 -4.41 -29.95
C SER B 9 -21.09 -3.98 -28.58
N ARG B 10 -21.36 -2.75 -28.15
CA ARG B 10 -20.77 -2.24 -26.91
C ARG B 10 -21.67 -2.42 -25.70
N SER B 11 -22.96 -2.62 -25.89
CA SER B 11 -23.86 -2.77 -24.77
C SER B 11 -25.07 -3.55 -25.24
N ILE B 12 -25.73 -4.23 -24.29
CA ILE B 12 -27.00 -4.85 -24.64
C ILE B 12 -28.18 -3.89 -24.49
N TRP B 13 -27.98 -2.69 -23.94
CA TRP B 13 -29.10 -1.85 -23.51
C TRP B 13 -29.45 -0.76 -24.53
N ASP B 14 -30.76 -0.51 -24.67
CA ASP B 14 -31.25 0.54 -25.55
C ASP B 14 -30.82 1.93 -25.10
N ASP B 15 -30.81 2.17 -23.78
CA ASP B 15 -30.42 3.50 -23.35
C ASP B 15 -28.93 3.75 -23.59
N ALA B 16 -28.10 2.71 -23.48
CA ALA B 16 -26.69 2.86 -23.85
C ALA B 16 -26.53 3.13 -25.33
N HIS B 17 -27.24 2.38 -26.18
CA HIS B 17 -27.13 2.58 -27.63
C HIS B 17 -27.51 4.00 -28.02
N ALA B 18 -28.63 4.49 -27.51
CA ALA B 18 -29.09 5.83 -27.86
C ALA B 18 -28.06 6.88 -27.49
N MET B 19 -27.46 6.76 -26.30
CA MET B 19 -26.50 7.77 -25.87
C MET B 19 -25.16 7.62 -26.57
N LEU B 20 -24.79 6.39 -26.96
CA LEU B 20 -23.59 6.22 -27.78
C LEU B 20 -23.77 6.86 -29.14
N GLU B 21 -24.97 6.73 -29.74
CA GLU B 21 -25.26 7.43 -30.98
C GLU B 21 -25.18 8.95 -30.80
N LYS B 22 -25.78 9.45 -29.71
CA LYS B 22 -25.74 10.88 -29.43
C LYS B 22 -24.31 11.36 -29.20
N ALA B 23 -23.53 10.60 -28.41
CA ALA B 23 -22.12 10.93 -28.21
C ALA B 23 -21.37 10.98 -29.52
N LYS B 24 -21.61 9.99 -30.40
CA LYS B 24 -20.95 9.99 -31.71
C LYS B 24 -21.30 11.24 -32.50
N ALA B 25 -22.60 11.56 -32.57
CA ALA B 25 -23.03 12.72 -33.33
C ALA B 25 -22.43 14.01 -32.81
N GLU B 26 -22.19 14.09 -31.51
CA GLU B 26 -21.69 15.31 -30.89
C GLU B 26 -20.17 15.32 -30.75
N GLY B 27 -19.49 14.28 -31.21
CA GLY B 27 -18.04 14.22 -31.16
C GLY B 27 -17.46 14.00 -29.78
N ILE B 28 -18.18 13.33 -28.89
CA ILE B 28 -17.77 13.10 -27.51
C ILE B 28 -17.21 11.68 -27.41
N SER B 29 -15.98 11.57 -26.95
CA SER B 29 -15.33 10.27 -26.85
C SER B 29 -15.66 9.63 -25.51
N THR B 30 -15.87 8.32 -25.52
CA THR B 30 -16.30 7.60 -24.33
C THR B 30 -15.23 6.60 -23.91
N VAL B 31 -15.52 5.90 -22.82
CA VAL B 31 -14.64 4.84 -22.33
C VAL B 31 -14.38 3.81 -23.40
N TRP B 32 -15.39 3.50 -24.23
CA TRP B 32 -15.20 2.50 -25.28
C TRP B 32 -14.25 3.00 -26.35
N ASP B 33 -14.31 4.30 -26.66
CA ASP B 33 -13.37 4.86 -27.62
C ASP B 33 -11.95 4.79 -27.08
N ARG B 34 -11.76 5.14 -25.81
CA ARG B 34 -10.43 5.11 -25.23
C ARG B 34 -9.92 3.69 -25.09
N ALA B 35 -10.81 2.74 -24.78
CA ALA B 35 -10.41 1.33 -24.77
C ALA B 35 -9.92 0.88 -26.14
N ALA B 36 -10.56 1.35 -27.21
CA ALA B 36 -10.10 1.02 -28.55
C ALA B 36 -8.72 1.62 -28.84
N GLU B 37 -8.47 2.85 -28.37
CA GLU B 37 -7.15 3.44 -28.55
C GLU B 37 -6.06 2.65 -27.82
N GLN B 38 -6.39 2.06 -26.68
CA GLN B 38 -5.42 1.34 -25.87
C GLN B 38 -5.33 -0.15 -26.25
N THR B 39 -5.83 -0.51 -27.43
CA THR B 39 -5.83 -1.87 -27.95
C THR B 39 -5.03 -1.91 -29.25
N PRO B 40 -4.06 -2.84 -29.39
CA PRO B 40 -3.70 -3.84 -28.38
C PRO B 40 -2.82 -3.27 -27.28
N ALA B 41 -2.97 -3.82 -26.08
CA ALA B 41 -2.23 -3.37 -24.93
C ALA B 41 -0.89 -4.10 -24.81
N CYS B 42 -0.02 -3.55 -23.99
CA CYS B 42 1.30 -4.17 -23.82
C CYS B 42 1.16 -5.59 -23.28
N LYS B 43 1.79 -6.54 -23.97
CA LYS B 43 1.67 -7.94 -23.58
C LYS B 43 2.30 -8.20 -22.22
N PHE B 44 3.40 -7.51 -21.87
CA PHE B 44 3.98 -7.69 -20.54
C PHE B 44 3.03 -7.21 -19.46
N GLY B 45 2.33 -6.10 -19.70
CA GLY B 45 1.34 -5.64 -18.74
C GLY B 45 0.17 -6.60 -18.61
N GLU B 46 -0.30 -7.16 -19.73
CA GLU B 46 -1.39 -8.13 -19.68
C GLU B 46 -0.97 -9.39 -18.94
N LEU B 47 0.26 -9.86 -19.16
CA LEU B 47 0.70 -11.09 -18.52
C LEU B 47 1.15 -10.90 -17.07
N GLY B 48 1.38 -9.66 -16.65
CA GLY B 48 1.93 -9.40 -15.33
C GLY B 48 3.46 -9.48 -15.23
N THR B 49 4.16 -9.67 -16.34
CA THR B 49 5.60 -9.92 -16.35
C THR B 49 6.42 -8.65 -16.51
N CYS B 50 5.93 -7.53 -16.02
CA CYS B 50 6.65 -6.27 -16.00
C CYS B 50 6.74 -5.80 -14.55
N CYS B 51 7.91 -5.32 -14.16
CA CYS B 51 8.13 -4.85 -12.80
C CYS B 51 8.77 -3.47 -12.84
N ARG B 52 8.24 -2.57 -12.02
CA ARG B 52 8.77 -1.22 -11.87
C ARG B 52 8.89 -0.86 -10.40
N ASN B 53 9.23 -1.82 -9.55
CA ASN B 53 9.24 -1.55 -8.12
C ASN B 53 10.53 -0.92 -7.61
N CYS B 54 11.51 -0.71 -8.49
CA CYS B 54 12.70 0.05 -8.12
C CYS B 54 13.31 0.58 -9.42
N ILE B 55 14.28 1.47 -9.31
CA ILE B 55 14.88 2.04 -10.51
C ILE B 55 16.21 1.38 -10.88
N MET B 56 16.49 0.18 -10.35
CA MET B 56 17.27 -0.76 -11.16
C MET B 56 16.46 -1.20 -12.36
N GLY B 57 15.14 -1.23 -12.22
CA GLY B 57 14.25 -1.45 -13.34
C GLY B 57 14.06 -0.19 -14.15
N PRO B 58 13.06 -0.18 -15.07
CA PRO B 58 12.03 -1.20 -15.31
C PRO B 58 12.55 -2.54 -15.80
N CYS B 59 11.89 -3.62 -15.41
CA CYS B 59 12.25 -4.96 -15.83
C CYS B 59 11.08 -5.61 -16.54
N ARG B 60 11.37 -6.41 -17.55
CA ARG B 60 10.33 -7.25 -18.11
C ARG B 60 10.88 -8.66 -18.34
N ILE B 61 10.02 -9.65 -18.16
CA ILE B 61 10.39 -11.05 -18.30
C ILE B 61 9.91 -11.53 -19.66
N ALA B 62 10.83 -12.00 -20.49
CA ALA B 62 10.53 -12.54 -21.80
C ALA B 62 10.89 -14.02 -21.84
N ASN B 63 10.44 -14.69 -22.90
CA ASN B 63 10.79 -16.10 -23.16
C ASN B 63 11.60 -16.10 -24.45
N ARG B 64 12.92 -16.03 -24.32
CA ARG B 64 13.81 -15.85 -25.45
C ARG B 64 14.78 -17.02 -25.58
N LYS B 65 15.26 -17.22 -26.81
CA LYS B 65 16.12 -18.38 -27.11
C LYS B 65 17.45 -18.28 -26.35
N ASP B 66 18.08 -17.10 -26.38
CA ASP B 66 19.36 -16.94 -25.70
C ASP B 66 19.26 -17.00 -24.19
N GLY B 67 18.06 -17.17 -23.63
CA GLY B 67 17.87 -17.19 -22.19
C GLY B 67 17.95 -15.84 -21.52
N LYS B 68 18.04 -14.75 -22.28
CA LYS B 68 18.13 -13.43 -21.70
C LYS B 68 16.75 -12.91 -21.30
N MET B 69 16.74 -12.01 -20.31
CA MET B 69 15.52 -11.41 -19.77
C MET B 69 14.60 -12.44 -19.13
N ARG B 70 15.20 -13.51 -18.60
CA ARG B 70 14.49 -14.45 -17.75
C ARG B 70 14.31 -13.91 -16.34
N LEU B 71 15.15 -12.97 -15.92
CA LEU B 71 15.13 -12.46 -14.55
C LEU B 71 15.21 -10.94 -14.54
N GLY B 72 14.59 -10.33 -13.53
CA GLY B 72 14.79 -8.93 -13.25
C GLY B 72 16.20 -8.64 -12.78
N VAL B 73 16.52 -7.34 -12.71
CA VAL B 73 17.90 -6.95 -12.39
C VAL B 73 18.31 -7.48 -11.03
N CYS B 74 17.37 -7.48 -10.07
CA CYS B 74 17.59 -8.04 -8.74
C CYS B 74 17.58 -9.56 -8.73
N GLY B 75 17.28 -10.20 -9.85
CA GLY B 75 17.21 -11.66 -9.89
C GLY B 75 15.81 -12.24 -9.77
N ALA B 76 14.79 -11.40 -9.61
CA ALA B 76 13.43 -11.91 -9.44
C ALA B 76 12.93 -12.54 -10.74
N ASP B 77 12.25 -13.67 -10.64
CA ASP B 77 11.76 -14.35 -11.82
C ASP B 77 10.27 -14.02 -12.02
N ALA B 78 9.67 -14.64 -13.04
CA ALA B 78 8.30 -14.32 -13.41
C ALA B 78 7.31 -14.69 -12.29
N ASP B 79 7.55 -15.81 -11.61
CA ASP B 79 6.66 -16.17 -10.50
C ASP B 79 6.63 -15.06 -9.45
N VAL B 80 7.80 -14.55 -9.07
CA VAL B 80 7.85 -13.50 -8.05
C VAL B 80 7.26 -12.20 -8.57
N ILE B 81 7.64 -11.79 -9.78
CA ILE B 81 7.15 -10.51 -10.31
C ILE B 81 5.63 -10.52 -10.44
N VAL B 82 5.08 -11.60 -11.01
CA VAL B 82 3.62 -11.70 -11.17
C VAL B 82 2.92 -11.71 -9.82
N ALA B 83 3.42 -12.50 -8.87
CA ALA B 83 2.75 -12.58 -7.57
C ALA B 83 2.84 -11.25 -6.82
N ARG B 84 3.96 -10.52 -6.92
CA ARG B 84 4.02 -9.22 -6.26
C ARG B 84 3.05 -8.24 -6.90
N ASN B 85 2.94 -8.26 -8.23
CA ASN B 85 2.02 -7.35 -8.91
C ASN B 85 0.58 -7.65 -8.49
N PHE B 86 0.24 -8.94 -8.41
CA PHE B 86 -1.10 -9.32 -7.99
C PHE B 86 -1.33 -8.91 -6.54
N GLY B 87 -0.30 -9.03 -5.71
CA GLY B 87 -0.44 -8.66 -4.30
C GLY B 87 -0.70 -7.17 -4.11
N ARG B 88 0.05 -6.32 -4.82
CA ARG B 88 -0.24 -4.89 -4.76
C ARG B 88 -1.62 -4.59 -5.35
N PHE B 89 -2.00 -5.32 -6.39
CA PHE B 89 -3.33 -5.13 -6.99
C PHE B 89 -4.42 -5.37 -5.95
N ILE B 90 -4.33 -6.48 -5.22
CA ILE B 90 -5.28 -6.78 -4.15
C ILE B 90 -5.21 -5.73 -3.04
N ALA B 91 -4.00 -5.32 -2.67
CA ALA B 91 -3.87 -4.32 -1.61
C ALA B 91 -4.57 -3.01 -1.97
N GLY B 92 -4.51 -2.62 -3.24
CA GLY B 92 -5.21 -1.41 -3.65
C GLY B 92 -6.72 -1.57 -3.53
N GLY B 93 -7.23 -2.76 -3.80
CA GLY B 93 -8.66 -2.97 -3.67
C GLY B 93 -9.09 -3.01 -2.22
N ALA B 94 -8.34 -3.71 -1.39
CA ALA B 94 -8.59 -3.73 0.05
C ALA B 94 -8.51 -2.33 0.62
N ALA B 95 -7.54 -1.54 0.16
CA ALA B 95 -7.41 -0.18 0.66
C ALA B 95 -8.61 0.68 0.30
N GLY B 96 -9.15 0.50 -0.91
CA GLY B 96 -10.35 1.24 -1.28
C GLY B 96 -11.49 1.00 -0.31
N HIS B 97 -11.68 -0.25 0.11
CA HIS B 97 -12.76 -0.55 1.04
C HIS B 97 -12.42 -0.10 2.45
N SER B 98 -11.14 -0.23 2.84
CA SER B 98 -10.74 0.04 4.21
C SER B 98 -10.91 1.51 4.55
N ASP B 99 -10.47 2.41 3.67
CA ASP B 99 -10.62 3.83 3.92
C ASP B 99 -12.09 4.24 3.96
N HIS B 100 -12.93 3.57 3.16
CA HIS B 100 -14.36 3.76 3.24
C HIS B 100 -14.88 3.38 4.62
N GLY B 101 -14.49 2.21 5.10
CA GLY B 101 -14.92 1.80 6.43
C GLY B 101 -14.44 2.75 7.50
N ARG B 102 -13.18 3.22 7.39
CA ARG B 102 -12.62 4.16 8.35
C ARG B 102 -13.44 5.44 8.40
N ASP B 103 -13.88 5.93 7.24
CA ASP B 103 -14.74 7.10 7.19
C ASP B 103 -16.05 6.87 7.94
N LEU B 104 -16.62 5.66 7.85
CA LEU B 104 -17.86 5.40 8.59
C LEU B 104 -17.60 5.40 10.09
N ILE B 105 -16.44 4.90 10.54
CA ILE B 105 -16.13 4.97 11.96
C ILE B 105 -16.06 6.42 12.41
N GLU B 106 -15.35 7.26 11.63
CA GLU B 106 -15.23 8.67 11.98
C GLU B 106 -16.60 9.33 12.08
N THR B 107 -17.52 8.98 11.19
CA THR B 107 -18.85 9.57 11.21
C THR B 107 -19.63 9.13 12.45
N LEU B 108 -19.61 7.82 12.75
CA LEU B 108 -20.31 7.35 13.96
C LEU B 108 -19.72 8.01 15.21
N GLU B 109 -18.39 8.17 15.25
CA GLU B 109 -17.77 8.86 16.37
C GLU B 109 -18.25 10.31 16.46
N ALA B 110 -18.36 10.98 15.32
CA ALA B 110 -18.85 12.37 15.35
C ALA B 110 -20.30 12.44 15.85
N VAL B 111 -21.12 11.46 15.47
CA VAL B 111 -22.48 11.40 16.02
C VAL B 111 -22.47 11.13 17.51
N ALA B 112 -21.61 10.21 17.97
CA ALA B 112 -21.54 9.90 19.40
C ALA B 112 -21.10 11.11 20.21
N GLU B 113 -20.23 11.95 19.65
CA GLU B 113 -19.77 13.17 20.30
C GLU B 113 -20.75 14.33 20.17
N GLY B 114 -21.84 14.17 19.43
CA GLY B 114 -22.76 15.28 19.19
C GLY B 114 -22.20 16.35 18.29
N LYS B 115 -21.32 15.98 17.35
CA LYS B 115 -20.65 16.94 16.48
C LYS B 115 -20.90 16.64 15.01
N ALA B 116 -22.12 16.24 14.67
CA ALA B 116 -22.49 15.95 13.28
C ALA B 116 -23.93 16.38 13.03
N PRO B 117 -24.17 17.69 12.89
CA PRO B 117 -25.55 18.17 12.77
C PRO B 117 -26.26 17.49 11.60
N GLY B 118 -27.47 16.97 11.86
CA GLY B 118 -28.24 16.31 10.84
C GLY B 118 -28.03 14.81 10.74
N TYR B 119 -26.99 14.29 11.37
CA TYR B 119 -26.77 12.86 11.43
C TYR B 119 -27.28 12.34 12.76
N THR B 120 -27.65 11.06 12.77
CA THR B 120 -28.12 10.43 14.00
C THR B 120 -27.89 8.93 13.89
N ILE B 121 -28.12 8.24 15.01
CA ILE B 121 -28.18 6.79 15.01
C ILE B 121 -29.56 6.38 14.53
N ARG B 122 -29.70 6.13 13.23
CA ARG B 122 -31.03 5.78 12.71
C ARG B 122 -31.50 4.41 13.20
N ASP B 123 -30.59 3.48 13.48
CA ASP B 123 -30.97 2.12 13.88
C ASP B 123 -30.29 1.80 15.22
N VAL B 124 -30.89 2.27 16.31
CA VAL B 124 -30.30 2.05 17.63
C VAL B 124 -30.34 0.56 18.00
N ALA B 125 -31.39 -0.16 17.57
CA ALA B 125 -31.44 -1.58 17.87
C ALA B 125 -30.27 -2.32 17.24
N LYS B 126 -29.91 -2.01 15.99
CA LYS B 126 -28.76 -2.67 15.40
C LYS B 126 -27.45 -2.23 16.07
N LEU B 127 -27.36 -0.95 16.48
CA LEU B 127 -26.19 -0.53 17.25
C LEU B 127 -26.02 -1.39 18.50
N ARG B 128 -27.10 -1.59 19.27
CA ARG B 128 -26.99 -2.36 20.48
C ARG B 128 -26.65 -3.82 20.20
N ARG B 129 -27.20 -4.39 19.13
CA ARG B 129 -26.91 -5.78 18.77
C ARG B 129 -25.46 -5.96 18.34
N ILE B 130 -24.98 -5.09 17.44
CA ILE B 130 -23.60 -5.21 16.94
C ILE B 130 -22.61 -4.96 18.05
N ALA B 131 -22.85 -3.95 18.87
CA ALA B 131 -21.94 -3.65 19.97
C ALA B 131 -21.87 -4.81 20.96
N ALA B 132 -23.02 -5.40 21.29
CA ALA B 132 -23.03 -6.57 22.16
C ALA B 132 -22.24 -7.73 21.53
N GLU B 133 -22.47 -7.97 20.24
CA GLU B 133 -21.77 -9.03 19.53
C GLU B 133 -20.25 -8.88 19.62
N LEU B 134 -19.76 -7.64 19.54
CA LEU B 134 -18.32 -7.40 19.51
C LEU B 134 -17.72 -7.15 20.88
N GLY B 135 -18.52 -7.16 21.93
CA GLY B 135 -18.02 -7.14 23.27
C GLY B 135 -18.16 -5.83 24.04
N VAL B 136 -19.09 -4.95 23.65
CA VAL B 136 -19.36 -3.75 24.44
C VAL B 136 -20.18 -4.16 25.67
N ALA B 137 -19.70 -3.81 26.85
CA ALA B 137 -20.38 -4.23 28.07
C ALA B 137 -21.71 -3.47 28.21
N ASP B 138 -22.77 -4.20 28.56
CA ASP B 138 -24.08 -3.61 28.82
C ASP B 138 -24.59 -2.79 27.64
N ALA B 139 -24.26 -3.26 26.43
CA ALA B 139 -24.74 -2.60 25.22
C ALA B 139 -26.25 -2.53 25.19
N ALA B 140 -26.93 -3.45 25.89
CA ALA B 140 -28.38 -3.49 25.83
C ALA B 140 -29.02 -2.29 26.53
N THR B 141 -28.38 -1.74 27.55
CA THR B 141 -29.03 -0.75 28.40
C THR B 141 -28.32 0.59 28.53
N ARG B 142 -27.05 0.71 28.15
CA ARG B 142 -26.34 1.96 28.35
C ARG B 142 -26.84 3.02 27.37
N PRO B 143 -26.61 4.31 27.67
CA PRO B 143 -27.02 5.35 26.73
C PRO B 143 -26.44 5.09 25.34
N ALA B 144 -27.29 5.26 24.33
CA ALA B 144 -26.94 4.89 22.97
C ALA B 144 -25.62 5.52 22.50
N HIS B 145 -25.35 6.76 22.90
CA HIS B 145 -24.14 7.40 22.44
C HIS B 145 -22.90 6.86 23.14
N ASP B 146 -23.01 6.41 24.40
CA ASP B 146 -21.91 5.70 25.05
C ASP B 146 -21.63 4.38 24.36
N VAL B 147 -22.69 3.63 24.03
CA VAL B 147 -22.54 2.37 23.30
C VAL B 147 -21.87 2.62 21.96
N ALA B 148 -22.24 3.71 21.29
CA ALA B 148 -21.62 4.04 20.01
C ALA B 148 -20.14 4.37 20.17
N ALA B 149 -19.78 5.11 21.23
CA ALA B 149 -18.36 5.42 21.43
C ALA B 149 -17.53 4.17 21.68
N ASP B 150 -18.11 3.16 22.33
CA ASP B 150 -17.36 1.94 22.63
C ASP B 150 -17.24 1.06 21.39
N LEU B 151 -18.28 1.03 20.55
CA LEU B 151 -18.19 0.36 19.26
C LEU B 151 -17.16 1.05 18.37
N VAL B 152 -17.14 2.39 18.37
CA VAL B 152 -16.13 3.12 17.61
C VAL B 152 -14.73 2.68 18.03
N THR B 153 -14.50 2.56 19.33
CA THR B 153 -13.20 2.13 19.83
C THR B 153 -12.84 0.72 19.33
N ILE B 154 -13.80 -0.19 19.35
CA ILE B 154 -13.55 -1.54 18.84
C ILE B 154 -13.19 -1.51 17.36
N CYS B 155 -13.96 -0.74 16.58
CA CYS B 155 -13.67 -0.67 15.15
C CYS B 155 -12.32 -0.01 14.88
N TYR B 156 -12.00 1.06 15.60
CA TYR B 156 -10.68 1.69 15.42
C TYR B 156 -9.57 0.72 15.79
N ASN B 157 -9.77 -0.10 16.82
CA ASN B 157 -8.71 -1.05 17.19
C ASN B 157 -8.46 -2.07 16.10
N ASP B 158 -9.48 -2.38 15.28
CA ASP B 158 -9.21 -3.22 14.12
C ASP B 158 -8.38 -2.50 13.06
N PHE B 159 -8.30 -1.17 13.13
CA PHE B 159 -7.40 -0.40 12.28
C PHE B 159 -6.09 -0.09 13.00
N GLY B 160 -5.81 -0.83 14.07
CA GLY B 160 -4.55 -0.74 14.76
C GLY B 160 -3.72 -2.00 14.58
N SER B 161 -2.66 -2.09 15.38
CA SER B 161 -1.63 -3.09 15.19
C SER B 161 -1.49 -4.06 16.36
N ARG B 162 -2.51 -4.18 17.23
CA ARG B 162 -2.36 -5.01 18.41
C ARG B 162 -3.31 -6.20 18.47
N ARG B 163 -4.15 -6.42 17.46
CA ARG B 163 -5.08 -7.55 17.49
C ARG B 163 -4.41 -8.79 16.93
N ASN B 164 -4.85 -9.96 17.42
CA ASN B 164 -4.49 -11.22 16.78
C ASN B 164 -5.45 -11.62 15.69
N ALA B 165 -6.68 -11.08 15.70
CA ALA B 165 -7.71 -11.38 14.72
C ALA B 165 -8.72 -10.23 14.74
N LEU B 166 -9.23 -9.88 13.56
CA LEU B 166 -10.25 -8.84 13.46
C LEU B 166 -11.52 -9.21 14.23
N ALA B 167 -12.25 -8.18 14.68
CA ALA B 167 -13.42 -8.37 15.54
C ALA B 167 -14.50 -9.20 14.86
N PHE B 168 -14.81 -8.89 13.60
CA PHE B 168 -15.92 -9.60 12.95
C PHE B 168 -15.54 -11.01 12.50
N LEU B 169 -14.27 -11.40 12.60
CA LEU B 169 -13.88 -12.75 12.21
C LEU B 169 -14.59 -13.81 13.04
N ALA B 170 -15.04 -13.45 14.25
CA ALA B 170 -15.74 -14.40 15.10
C ALA B 170 -17.01 -14.94 14.45
N ARG B 171 -17.58 -14.24 13.47
CA ARG B 171 -18.75 -14.74 12.76
C ARG B 171 -18.45 -16.02 11.99
N ALA B 172 -17.22 -16.16 11.49
CA ALA B 172 -16.88 -17.31 10.67
C ALA B 172 -16.89 -18.57 11.53
N PRO B 173 -17.27 -19.72 10.96
CA PRO B 173 -17.28 -20.95 11.75
C PRO B 173 -15.88 -21.30 12.24
N GLN B 174 -15.84 -22.02 13.35
CA GLN B 174 -14.58 -22.30 14.02
C GLN B 174 -13.63 -23.06 13.10
N VAL B 175 -14.16 -23.99 12.31
CA VAL B 175 -13.31 -24.78 11.42
C VAL B 175 -12.60 -23.89 10.40
N ARG B 176 -13.25 -22.82 9.95
CA ARG B 176 -12.64 -21.88 9.02
C ARG B 176 -11.60 -20.99 9.72
N ARG B 177 -11.88 -20.57 10.95
CA ARG B 177 -10.89 -19.79 11.69
C ARG B 177 -9.66 -20.62 12.05
N ASP B 178 -9.86 -21.90 12.41
CA ASP B 178 -8.73 -22.78 12.65
C ASP B 178 -7.88 -22.95 11.38
N LEU B 179 -8.54 -23.07 10.23
CA LEU B 179 -7.80 -23.23 8.97
C LEU B 179 -6.99 -21.99 8.66
N TRP B 180 -7.61 -20.81 8.76
CA TRP B 180 -6.87 -19.56 8.55
C TRP B 180 -5.69 -19.44 9.49
N GLN B 181 -5.87 -19.82 10.76
CA GLN B 181 -4.77 -19.73 11.71
C GLN B 181 -3.63 -20.65 11.30
N ARG B 182 -3.94 -21.89 10.92
N ARG B 182 -3.94 -21.89 10.92
CA ARG B 182 -2.90 -22.83 10.51
CA ARG B 182 -2.89 -22.83 10.52
C ARG B 182 -2.16 -22.34 9.26
C ARG B 182 -2.18 -22.39 9.25
N LEU B 183 -2.89 -21.74 8.32
CA LEU B 183 -2.31 -21.26 7.07
C LEU B 183 -1.58 -19.93 7.23
N GLY B 184 -1.77 -19.22 8.34
CA GLY B 184 -1.16 -17.91 8.46
C GLY B 184 -1.93 -16.85 7.69
N MET B 185 -3.24 -17.05 7.52
CA MET B 185 -4.10 -16.15 6.77
C MET B 185 -4.96 -15.25 7.65
N THR B 186 -5.05 -15.52 8.95
CA THR B 186 -5.94 -14.76 9.80
C THR B 186 -5.66 -13.26 9.66
N PRO B 187 -6.64 -12.44 9.28
CA PRO B 187 -6.41 -10.99 9.24
C PRO B 187 -6.37 -10.41 10.65
N ARG B 188 -5.39 -9.55 10.87
CA ARG B 188 -5.11 -8.98 12.18
C ARG B 188 -5.43 -7.50 12.29
N GLY B 189 -5.16 -6.74 11.24
CA GLY B 189 -5.42 -5.30 11.26
C GLY B 189 -5.75 -4.87 9.86
N VAL B 190 -6.75 -4.00 9.71
CA VAL B 190 -7.21 -3.62 8.38
C VAL B 190 -6.11 -2.89 7.62
N ASP B 191 -5.53 -1.84 8.21
CA ASP B 191 -4.42 -1.17 7.56
C ASP B 191 -3.14 -1.99 7.64
N ARG B 192 -2.97 -2.78 8.70
CA ARG B 192 -1.70 -3.50 8.87
C ARG B 192 -1.45 -4.45 7.71
N GLU B 193 -2.47 -5.19 7.25
CA GLU B 193 -2.23 -6.16 6.19
C GLU B 193 -1.87 -5.48 4.87
N ILE B 194 -2.49 -4.32 4.59
CA ILE B 194 -2.15 -3.53 3.41
C ILE B 194 -0.71 -3.06 3.48
N ALA B 195 -0.31 -2.51 4.64
CA ALA B 195 1.05 -2.03 4.78
C ALA B 195 2.05 -3.17 4.65
N GLU B 196 1.74 -4.33 5.24
CA GLU B 196 2.65 -5.45 5.13
C GLU B 196 2.76 -5.94 3.67
N MET B 197 1.67 -5.87 2.92
CA MET B 197 1.76 -6.24 1.51
C MET B 197 2.70 -5.30 0.76
N MET B 198 2.61 -3.98 1.02
CA MET B 198 3.51 -3.07 0.34
C MET B 198 4.96 -3.31 0.74
N HIS B 199 5.19 -3.72 2.00
CA HIS B 199 6.55 -4.07 2.43
C HIS B 199 7.03 -5.33 1.74
N ARG B 200 6.17 -6.36 1.67
CA ARG B 200 6.55 -7.63 1.09
C ARG B 200 6.92 -7.49 -0.37
N THR B 201 6.32 -6.54 -1.08
CA THR B 201 6.54 -6.42 -2.51
C THR B 201 7.65 -5.41 -2.87
N HIS B 202 8.26 -4.78 -1.87
CA HIS B 202 9.51 -4.05 -2.10
C HIS B 202 10.58 -5.01 -2.60
N MET B 203 11.52 -4.49 -3.40
CA MET B 203 12.63 -5.34 -3.84
C MET B 203 13.24 -6.08 -2.66
N GLY B 204 13.52 -7.36 -2.85
CA GLY B 204 14.31 -8.10 -1.88
C GLY B 204 13.64 -8.34 -0.54
N CYS B 205 12.30 -8.40 -0.50
CA CYS B 205 11.61 -8.79 0.70
C CYS B 205 11.00 -10.15 0.44
N ASP B 206 9.71 -10.24 0.08
CA ASP B 206 9.07 -11.53 -0.17
C ASP B 206 9.30 -11.92 -1.62
N ASN B 207 10.06 -12.98 -1.82
CA ASN B 207 10.45 -13.49 -3.13
C ASN B 207 10.05 -14.97 -3.24
N ASP B 208 8.84 -15.26 -2.80
CA ASP B 208 8.27 -16.60 -2.90
C ASP B 208 6.81 -16.46 -3.28
N HIS B 209 6.44 -16.97 -4.45
CA HIS B 209 5.11 -16.65 -4.95
C HIS B 209 4.02 -17.25 -4.06
N THR B 210 4.28 -18.39 -3.42
CA THR B 210 3.27 -18.96 -2.53
C THR B 210 3.03 -18.06 -1.33
N SER B 211 4.11 -17.64 -0.68
CA SER B 211 4.04 -16.72 0.44
C SER B 211 3.25 -15.46 0.07
N LEU B 212 3.58 -14.89 -1.10
CA LEU B 212 2.95 -13.65 -1.53
C LEU B 212 1.44 -13.83 -1.72
N LEU B 213 1.02 -14.95 -2.32
CA LEU B 213 -0.41 -15.15 -2.55
C LEU B 213 -1.15 -15.46 -1.25
N VAL B 214 -0.48 -16.11 -0.30
CA VAL B 214 -1.09 -16.34 1.00
C VAL B 214 -1.28 -15.00 1.72
N HIS B 215 -0.29 -14.12 1.66
CA HIS B 215 -0.55 -12.81 2.29
C HIS B 215 -1.60 -12.02 1.50
N ALA B 216 -1.69 -12.23 0.18
CA ALA B 216 -2.76 -11.56 -0.57
C ALA B 216 -4.12 -12.02 -0.06
N ALA B 217 -4.25 -13.30 0.26
CA ALA B 217 -5.50 -13.80 0.83
C ALA B 217 -5.76 -13.15 2.20
N ARG B 218 -4.72 -13.01 3.01
CA ARG B 218 -4.87 -12.38 4.32
C ARG B 218 -5.26 -10.91 4.19
N THR B 219 -4.71 -10.22 3.20
CA THR B 219 -5.04 -8.83 2.96
C THR B 219 -6.49 -8.69 2.50
N ALA B 220 -6.94 -9.58 1.63
CA ALA B 220 -8.33 -9.53 1.18
C ALA B 220 -9.28 -9.88 2.32
N LEU B 221 -8.92 -10.88 3.15
CA LEU B 221 -9.79 -11.21 4.28
C LEU B 221 -9.93 -10.03 5.23
N ALA B 222 -8.89 -9.20 5.34
CA ALA B 222 -8.96 -8.03 6.22
C ALA B 222 -9.92 -6.99 5.67
N ASP B 223 -10.19 -7.05 4.37
CA ASP B 223 -11.23 -6.24 3.76
C ASP B 223 -12.61 -6.84 4.04
N GLY B 224 -12.85 -8.07 3.55
CA GLY B 224 -14.19 -8.65 3.64
C GLY B 224 -14.71 -8.76 5.06
N TRP B 225 -13.86 -9.15 6.00
CA TRP B 225 -14.22 -9.31 7.39
C TRP B 225 -13.78 -8.13 8.24
N GLY B 226 -13.32 -7.05 7.61
CA GLY B 226 -12.82 -5.90 8.32
C GLY B 226 -13.33 -4.60 7.73
N GLY B 227 -12.58 -4.02 6.79
CA GLY B 227 -12.97 -2.73 6.24
C GLY B 227 -14.38 -2.71 5.68
N SER B 228 -14.71 -3.73 4.87
CA SER B 228 -16.03 -3.76 4.23
C SER B 228 -17.13 -4.09 5.24
N MET B 229 -16.90 -5.06 6.13
CA MET B 229 -17.94 -5.43 7.08
C MET B 229 -18.22 -4.29 8.05
N ILE B 230 -17.17 -3.62 8.52
CA ILE B 230 -17.35 -2.43 9.34
C ILE B 230 -18.11 -1.37 8.56
N GLY B 231 -17.74 -1.16 7.31
CA GLY B 231 -18.44 -0.16 6.50
C GLY B 231 -19.92 -0.46 6.37
N THR B 232 -20.26 -1.73 6.09
CA THR B 232 -21.67 -2.09 5.95
C THR B 232 -22.42 -1.94 7.27
N GLU B 233 -21.88 -2.50 8.35
CA GLU B 233 -22.66 -2.54 9.57
C GLU B 233 -22.81 -1.15 10.18
N LEU B 234 -21.77 -0.32 10.10
CA LEU B 234 -21.92 1.05 10.59
C LEU B 234 -22.81 1.89 9.69
N SER B 235 -22.79 1.65 8.38
CA SER B 235 -23.72 2.37 7.51
C SER B 235 -25.17 2.08 7.88
N ASP B 236 -25.49 0.82 8.18
CA ASP B 236 -26.84 0.47 8.62
C ASP B 236 -27.18 1.18 9.94
N ILE B 237 -26.22 1.24 10.86
CA ILE B 237 -26.46 1.88 12.15
C ILE B 237 -26.75 3.37 11.97
N LEU B 238 -25.98 4.02 11.09
CA LEU B 238 -26.11 5.45 10.90
C LEU B 238 -27.30 5.81 10.03
N PHE B 239 -27.58 5.02 8.99
CA PHE B 239 -28.55 5.42 7.98
C PHE B 239 -29.75 4.49 7.86
N GLY B 240 -29.79 3.40 8.60
CA GLY B 240 -30.97 2.53 8.63
C GLY B 240 -30.63 1.19 8.02
N THR B 241 -31.22 0.12 8.57
CA THR B 241 -31.02 -1.21 7.98
C THR B 241 -31.98 -1.35 6.79
N PRO B 242 -31.49 -1.78 5.63
CA PRO B 242 -32.37 -1.87 4.45
C PRO B 242 -33.52 -2.84 4.68
N ARG B 243 -34.68 -2.47 4.14
CA ARG B 243 -35.86 -3.31 4.07
C ARG B 243 -36.39 -3.28 2.64
N PRO B 244 -37.14 -4.31 2.24
CA PRO B 244 -37.54 -4.40 0.83
C PRO B 244 -38.42 -3.23 0.41
N ARG B 245 -38.12 -2.67 -0.76
CA ARG B 245 -38.90 -1.55 -1.29
C ARG B 245 -38.82 -1.55 -2.80
N GLN B 246 -39.74 -0.79 -3.40
CA GLN B 246 -39.82 -0.66 -4.84
C GLN B 246 -39.05 0.58 -5.30
N SER B 247 -38.38 0.46 -6.44
CA SER B 247 -37.77 1.61 -7.08
C SER B 247 -37.72 1.36 -8.59
N THR B 248 -36.85 2.09 -9.30
CA THR B 248 -36.74 2.00 -10.75
C THR B 248 -35.28 2.17 -11.15
N VAL B 249 -34.98 1.79 -12.39
CA VAL B 249 -33.60 1.80 -12.87
C VAL B 249 -33.59 2.18 -14.35
N ASN B 250 -32.50 2.85 -14.77
CA ASN B 250 -31.97 3.13 -16.11
C ASN B 250 -32.02 4.64 -16.37
N LEU B 251 -31.57 5.09 -17.55
CA LEU B 251 -31.44 6.52 -17.76
C LEU B 251 -32.77 7.25 -17.72
N GLY B 252 -33.87 6.52 -17.93
CA GLY B 252 -35.18 7.13 -17.85
C GLY B 252 -35.61 7.57 -16.46
N VAL B 253 -34.82 7.28 -15.44
CA VAL B 253 -35.12 7.83 -14.11
C VAL B 253 -34.80 9.31 -14.04
N LEU B 254 -33.98 9.81 -14.96
CA LEU B 254 -33.83 11.25 -15.14
C LEU B 254 -35.11 11.86 -15.69
N ARG B 255 -35.40 13.10 -15.28
CA ARG B 255 -36.64 13.79 -15.63
C ARG B 255 -36.34 15.14 -16.28
N LYS B 256 -36.93 15.36 -17.46
CA LYS B 256 -36.73 16.64 -18.15
C LYS B 256 -37.22 17.82 -17.30
N ASP B 257 -38.33 17.64 -16.58
CA ASP B 257 -38.95 18.74 -15.85
C ASP B 257 -38.39 18.94 -14.45
N ALA B 258 -37.28 18.27 -14.11
CA ALA B 258 -36.70 18.39 -12.78
C ALA B 258 -35.24 18.79 -12.87
N VAL B 259 -34.74 19.34 -11.77
CA VAL B 259 -33.30 19.40 -11.54
C VAL B 259 -32.83 18.00 -11.23
N ASN B 260 -31.91 17.47 -12.05
CA ASN B 260 -31.43 16.10 -11.86
C ASN B 260 -30.05 16.15 -11.22
N ILE B 261 -29.92 15.49 -10.08
CA ILE B 261 -28.66 15.40 -9.35
C ILE B 261 -28.26 13.92 -9.30
N LEU B 262 -27.11 13.60 -9.89
CA LEU B 262 -26.59 12.24 -9.83
C LEU B 262 -25.54 12.17 -8.73
N VAL B 263 -25.72 11.23 -7.81
CA VAL B 263 -24.69 10.97 -6.79
C VAL B 263 -23.85 9.79 -7.26
N HIS B 264 -22.53 9.93 -7.15
CA HIS B 264 -21.60 8.97 -7.73
C HIS B 264 -20.47 8.71 -6.74
N GLY B 265 -19.95 7.49 -6.77
CA GLY B 265 -18.92 7.14 -5.81
C GLY B 265 -19.43 6.07 -4.86
N HIS B 266 -19.09 6.20 -3.58
N HIS B 266 -19.13 6.22 -3.57
CA HIS B 266 -19.28 5.10 -2.63
CA HIS B 266 -19.34 5.11 -2.64
C HIS B 266 -19.87 5.49 -1.28
C HIS B 266 -19.81 5.47 -1.24
N ASN B 267 -19.72 6.73 -0.82
CA ASN B 267 -19.95 7.06 0.57
C ASN B 267 -21.39 7.53 0.82
N PRO B 268 -22.22 6.75 1.50
CA PRO B 268 -23.56 7.25 1.86
C PRO B 268 -23.51 8.44 2.82
N VAL B 269 -22.37 8.70 3.45
CA VAL B 269 -22.28 9.84 4.36
C VAL B 269 -22.59 11.13 3.62
N VAL B 270 -22.23 11.22 2.34
CA VAL B 270 -22.54 12.42 1.56
C VAL B 270 -23.90 12.30 0.87
N SER B 271 -24.15 11.19 0.16
CA SER B 271 -25.38 11.10 -0.63
C SER B 271 -26.62 11.21 0.26
N GLU B 272 -26.56 10.66 1.47
CA GLU B 272 -27.73 10.75 2.35
C GLU B 272 -28.05 12.19 2.73
N MET B 273 -27.03 13.02 2.88
CA MET B 273 -27.27 14.40 3.27
C MET B 273 -27.61 15.28 2.07
N ILE B 274 -27.14 14.90 0.88
CA ILE B 274 -27.60 15.53 -0.36
C ILE B 274 -29.10 15.29 -0.52
N LEU B 275 -29.53 14.04 -0.35
CA LEU B 275 -30.95 13.71 -0.43
C LEU B 275 -31.75 14.54 0.55
N ALA B 276 -31.30 14.61 1.80
CA ALA B 276 -32.01 15.40 2.81
C ALA B 276 -32.07 16.87 2.41
N ALA B 277 -30.98 17.40 1.83
CA ALA B 277 -31.00 18.79 1.40
C ALA B 277 -32.04 19.03 0.33
N THR B 278 -32.24 18.05 -0.58
CA THR B 278 -33.17 18.27 -1.69
C THR B 278 -34.62 18.29 -1.21
N ARG B 279 -34.90 17.81 0.00
CA ARG B 279 -36.24 17.75 0.54
C ARG B 279 -36.60 18.95 1.40
N GLU B 280 -35.65 19.84 1.66
CA GLU B 280 -35.95 21.05 2.41
C GLU B 280 -36.84 21.97 1.58
N PRO B 281 -37.87 22.58 2.20
CA PRO B 281 -38.82 23.39 1.42
C PRO B 281 -38.20 24.59 0.70
N ALA B 282 -37.25 25.28 1.33
CA ALA B 282 -36.66 26.45 0.69
C ALA B 282 -35.83 26.06 -0.52
N VAL B 283 -35.13 24.93 -0.41
CA VAL B 283 -34.36 24.40 -1.54
C VAL B 283 -35.30 24.01 -2.68
N ARG B 284 -36.36 23.27 -2.36
CA ARG B 284 -37.35 22.93 -3.39
C ARG B 284 -37.96 24.17 -4.02
N GLN B 285 -38.26 25.19 -3.20
CA GLN B 285 -38.83 26.41 -3.76
C GLN B 285 -37.85 27.11 -4.70
N ALA B 286 -36.56 27.07 -4.37
CA ALA B 286 -35.55 27.63 -5.27
C ALA B 286 -35.58 26.94 -6.63
N ALA B 287 -35.72 25.61 -6.63
CA ALA B 287 -35.81 24.88 -7.89
C ALA B 287 -37.06 25.28 -8.66
N GLN B 288 -38.20 25.36 -7.97
CA GLN B 288 -39.43 25.75 -8.64
C GLN B 288 -39.34 27.19 -9.17
N ASP B 289 -38.70 28.09 -8.42
CA ASP B 289 -38.50 29.44 -8.95
C ASP B 289 -37.61 29.43 -10.19
N ALA B 290 -36.76 28.42 -10.33
CA ALA B 290 -35.88 28.31 -11.50
C ALA B 290 -36.59 27.69 -12.70
N GLY B 291 -37.83 27.23 -12.53
CA GLY B 291 -38.60 26.65 -13.61
C GLY B 291 -38.81 25.16 -13.50
N ALA B 292 -38.15 24.49 -12.56
CA ALA B 292 -38.25 23.04 -12.43
C ALA B 292 -39.49 22.64 -11.64
N ALA B 293 -39.99 21.43 -11.92
CA ALA B 293 -41.12 20.91 -11.17
C ALA B 293 -40.71 20.36 -9.81
N ASP B 294 -39.46 19.91 -9.66
CA ASP B 294 -38.97 19.37 -8.40
C ASP B 294 -37.46 19.15 -8.54
N ILE B 295 -36.86 18.52 -7.54
CA ILE B 295 -35.46 18.09 -7.57
C ILE B 295 -35.45 16.58 -7.58
N ASN B 296 -34.68 15.99 -8.50
CA ASN B 296 -34.69 14.56 -8.74
C ASN B 296 -33.29 14.01 -8.49
N VAL B 297 -33.11 13.25 -7.40
CA VAL B 297 -31.84 12.59 -7.12
C VAL B 297 -31.88 11.21 -7.73
N ALA B 298 -30.82 10.83 -8.45
CA ALA B 298 -30.68 9.48 -8.95
C ALA B 298 -29.26 9.01 -8.69
N GLY B 299 -29.09 7.69 -8.53
CA GLY B 299 -27.84 7.12 -8.09
C GLY B 299 -27.00 6.53 -9.21
N LEU B 300 -25.69 6.58 -9.02
CA LEU B 300 -24.73 5.91 -9.87
C LEU B 300 -23.83 5.05 -8.99
N CYS B 301 -23.49 3.87 -9.51
N CYS B 301 -23.32 3.97 -9.55
CA CYS B 301 -22.60 2.92 -8.87
CA CYS B 301 -22.22 3.19 -8.90
C CYS B 301 -22.93 2.70 -7.39
C CYS B 301 -22.73 2.70 -7.54
N CYS B 302 -21.92 2.60 -6.53
N CYS B 302 -21.87 2.64 -6.52
CA CYS B 302 -22.18 2.04 -5.22
CA CYS B 302 -22.24 2.04 -5.25
C CYS B 302 -22.91 3.00 -4.29
C CYS B 302 -22.94 3.00 -4.31
N THR B 303 -22.61 4.29 -4.36
CA THR B 303 -23.39 5.23 -3.56
C THR B 303 -24.84 5.23 -4.02
N GLY B 304 -25.09 5.00 -5.31
CA GLY B 304 -26.45 4.78 -5.77
C GLY B 304 -27.06 3.50 -5.25
N ASN B 305 -26.27 2.42 -5.19
CA ASN B 305 -26.74 1.20 -4.55
C ASN B 305 -27.16 1.46 -3.11
N GLU B 306 -26.35 2.22 -2.38
CA GLU B 306 -26.65 2.52 -0.98
C GLU B 306 -27.96 3.28 -0.84
N LEU B 307 -28.17 4.29 -1.69
CA LEU B 307 -29.38 5.09 -1.58
C LEU B 307 -30.60 4.32 -2.04
N LEU B 308 -30.40 3.40 -2.99
CA LEU B 308 -31.49 2.52 -3.41
C LEU B 308 -31.88 1.58 -2.27
N MET B 309 -30.90 0.93 -1.63
CA MET B 309 -31.16 -0.03 -0.56
C MET B 309 -31.91 0.63 0.61
N ARG B 310 -31.50 1.82 1.00
CA ARG B 310 -32.05 2.43 2.22
C ARG B 310 -33.16 3.43 1.95
N GLN B 311 -33.20 4.05 0.77
CA GLN B 311 -34.16 5.10 0.53
C GLN B 311 -35.00 4.87 -0.71
N GLY B 312 -34.80 3.76 -1.42
CA GLY B 312 -35.56 3.52 -2.63
C GLY B 312 -35.26 4.49 -3.75
N ILE B 313 -34.12 5.16 -3.70
CA ILE B 313 -33.81 6.18 -4.70
C ILE B 313 -33.48 5.50 -6.02
N PRO B 314 -34.09 5.91 -7.13
CA PRO B 314 -33.83 5.27 -8.43
C PRO B 314 -32.36 5.34 -8.83
N MET B 315 -31.91 4.29 -9.51
CA MET B 315 -30.52 4.19 -9.96
C MET B 315 -30.47 4.44 -11.45
N ALA B 316 -29.68 5.42 -11.86
CA ALA B 316 -29.59 5.76 -13.28
C ALA B 316 -28.76 4.76 -14.06
N GLY B 317 -27.72 4.17 -13.46
CA GLY B 317 -26.91 3.26 -14.23
C GLY B 317 -25.70 2.80 -13.46
N ASN B 318 -25.00 1.86 -14.08
CA ASN B 318 -23.78 1.28 -13.52
C ASN B 318 -22.56 1.86 -14.24
N HIS B 319 -21.39 1.23 -14.02
CA HIS B 319 -20.08 1.77 -14.42
C HIS B 319 -20.06 2.35 -15.83
N LEU B 320 -20.33 1.55 -16.85
CA LEU B 320 -20.17 2.08 -18.21
C LEU B 320 -21.35 2.96 -18.65
N MET B 321 -22.40 3.10 -17.84
CA MET B 321 -23.44 4.09 -18.13
C MET B 321 -23.09 5.49 -17.63
N THR B 322 -22.02 5.66 -16.85
CA THR B 322 -21.83 6.91 -16.12
C THR B 322 -21.58 8.09 -17.07
N GLU B 323 -20.75 7.91 -18.10
CA GLU B 323 -20.57 8.97 -19.08
C GLU B 323 -21.85 9.22 -19.86
N LEU B 324 -22.58 8.16 -20.17
CA LEU B 324 -23.80 8.25 -20.95
C LEU B 324 -24.89 9.01 -20.24
N ALA B 325 -24.91 8.97 -18.90
CA ALA B 325 -25.87 9.76 -18.15
C ALA B 325 -25.67 11.25 -18.41
N ILE B 326 -24.42 11.69 -18.56
CA ILE B 326 -24.19 13.11 -18.84
C ILE B 326 -24.64 13.44 -20.26
N VAL B 327 -24.43 12.51 -21.20
CA VAL B 327 -24.79 12.73 -22.60
C VAL B 327 -26.31 12.87 -22.78
N THR B 328 -27.12 12.45 -21.81
CA THR B 328 -28.56 12.74 -21.92
C THR B 328 -28.82 14.24 -21.99
N GLY B 329 -27.87 15.06 -21.55
CA GLY B 329 -28.09 16.49 -21.52
C GLY B 329 -28.94 16.97 -20.38
N ALA B 330 -29.38 16.07 -19.49
CA ALA B 330 -30.28 16.42 -18.41
C ALA B 330 -29.66 16.28 -17.03
N ALA B 331 -28.40 15.86 -16.95
CA ALA B 331 -27.71 15.78 -15.66
C ALA B 331 -27.23 17.18 -15.29
N ASP B 332 -27.83 17.76 -14.26
CA ASP B 332 -27.49 19.13 -13.90
C ASP B 332 -26.34 19.20 -12.91
N ALA B 333 -26.14 18.15 -12.12
CA ALA B 333 -24.91 18.04 -11.33
C ALA B 333 -24.59 16.57 -11.14
N ILE B 334 -23.29 16.28 -11.10
CA ILE B 334 -22.77 15.02 -10.55
C ILE B 334 -22.13 15.37 -9.21
N VAL B 335 -22.54 14.67 -8.16
CA VAL B 335 -21.93 14.87 -6.85
C VAL B 335 -21.12 13.62 -6.53
N ALA B 336 -19.80 13.77 -6.52
CA ALA B 336 -18.89 12.65 -6.46
C ALA B 336 -18.19 12.60 -5.10
N ASP B 337 -17.89 11.39 -4.64
CA ASP B 337 -17.02 11.26 -3.48
C ASP B 337 -15.75 10.52 -3.89
N TYR B 338 -15.71 9.19 -3.82
CA TYR B 338 -14.48 8.53 -4.27
C TYR B 338 -14.75 7.12 -4.78
N GLN B 339 -13.81 6.66 -5.63
CA GLN B 339 -13.64 5.31 -6.17
C GLN B 339 -14.53 5.05 -7.37
N CYS B 340 -13.93 4.58 -8.47
N CYS B 340 -13.93 4.57 -8.47
CA CYS B 340 -14.59 4.21 -9.73
CA CYS B 340 -14.64 4.20 -9.70
C CYS B 340 -15.21 5.39 -10.47
C CYS B 340 -15.36 5.39 -10.34
N ILE B 341 -14.93 6.61 -10.04
CA ILE B 341 -15.45 7.81 -10.70
C ILE B 341 -14.47 8.16 -11.82
N MET B 342 -14.85 7.90 -13.07
CA MET B 342 -13.91 8.09 -14.18
C MET B 342 -13.61 9.57 -14.37
N PRO B 343 -12.34 9.98 -14.46
CA PRO B 343 -12.04 11.40 -14.62
C PRO B 343 -12.51 11.98 -15.94
N SER B 344 -12.82 11.14 -16.93
CA SER B 344 -13.44 11.62 -18.16
C SER B 344 -14.75 12.35 -17.89
N LEU B 345 -15.42 12.03 -16.78
CA LEU B 345 -16.69 12.70 -16.48
C LEU B 345 -16.51 14.21 -16.32
N VAL B 346 -15.36 14.65 -15.82
CA VAL B 346 -15.15 16.09 -15.70
C VAL B 346 -15.15 16.74 -17.07
N GLN B 347 -14.48 16.11 -18.04
CA GLN B 347 -14.41 16.70 -19.37
C GLN B 347 -15.73 16.57 -20.13
N ILE B 348 -16.46 15.49 -19.91
CA ILE B 348 -17.77 15.36 -20.55
C ILE B 348 -18.76 16.33 -19.94
N ALA B 349 -18.73 16.50 -18.61
CA ALA B 349 -19.56 17.53 -17.98
C ALA B 349 -19.28 18.90 -18.57
N ALA B 350 -18.01 19.20 -18.87
CA ALA B 350 -17.67 20.47 -19.48
C ALA B 350 -18.20 20.61 -20.91
N CYS B 351 -18.59 19.52 -21.55
CA CYS B 351 -19.24 19.64 -22.84
C CYS B 351 -20.69 20.11 -22.71
N TYR B 352 -21.22 20.12 -21.50
CA TYR B 352 -22.60 20.50 -21.22
C TYR B 352 -22.58 21.60 -20.17
N HIS B 353 -23.70 21.74 -19.47
CA HIS B 353 -23.85 22.66 -18.37
C HIS B 353 -23.56 22.01 -17.02
N THR B 354 -23.40 20.68 -17.02
CA THR B 354 -23.34 19.90 -15.79
C THR B 354 -22.27 20.37 -14.82
N ARG B 355 -22.65 20.56 -13.57
CA ARG B 355 -21.68 20.85 -12.52
C ARG B 355 -21.13 19.54 -12.00
N PHE B 356 -19.81 19.36 -12.05
CA PHE B 356 -19.13 18.20 -11.47
C PHE B 356 -18.54 18.62 -10.13
N VAL B 357 -19.11 18.12 -9.03
CA VAL B 357 -18.78 18.57 -7.69
C VAL B 357 -18.10 17.42 -6.94
N THR B 358 -16.89 17.68 -6.43
CA THR B 358 -16.21 16.71 -5.57
C THR B 358 -16.45 17.08 -4.11
N THR B 359 -16.43 16.07 -3.25
CA THR B 359 -16.79 16.31 -1.85
C THR B 359 -15.82 15.72 -0.85
N SER B 360 -14.87 14.89 -1.28
CA SER B 360 -13.94 14.21 -0.38
C SER B 360 -12.51 14.72 -0.55
N PRO B 361 -11.76 14.88 0.54
CA PRO B 361 -10.34 15.22 0.41
C PRO B 361 -9.54 14.16 -0.34
N LYS B 362 -10.07 12.95 -0.46
CA LYS B 362 -9.42 11.85 -1.15
C LYS B 362 -9.81 11.75 -2.61
N GLY B 363 -10.93 12.36 -3.00
CA GLY B 363 -11.39 12.26 -4.37
C GLY B 363 -11.24 13.58 -5.08
N ARG B 364 -10.01 14.01 -5.35
CA ARG B 364 -9.78 15.28 -6.00
C ARG B 364 -9.67 15.09 -7.50
N PHE B 365 -10.33 15.98 -8.27
CA PHE B 365 -10.32 15.88 -9.72
C PHE B 365 -9.97 17.24 -10.29
N THR B 366 -8.84 17.33 -10.99
CA THR B 366 -8.43 18.61 -11.55
C THR B 366 -9.55 19.16 -12.44
N GLY B 367 -9.96 20.40 -12.17
CA GLY B 367 -11.03 21.05 -12.91
C GLY B 367 -12.42 20.91 -12.29
N ALA B 368 -12.58 20.11 -11.24
CA ALA B 368 -13.87 19.95 -10.61
C ALA B 368 -14.16 21.13 -9.66
N THR B 369 -15.43 21.29 -9.30
CA THR B 369 -15.82 22.22 -8.26
C THR B 369 -15.77 21.49 -6.93
N HIS B 370 -14.83 21.88 -6.04
CA HIS B 370 -14.63 21.14 -4.80
C HIS B 370 -15.41 21.81 -3.67
N VAL B 371 -16.35 21.07 -3.08
CA VAL B 371 -17.12 21.53 -1.93
C VAL B 371 -16.97 20.44 -0.88
N GLU B 372 -15.94 20.56 -0.05
CA GLU B 372 -15.57 19.43 0.81
C GLU B 372 -16.59 19.22 1.92
N VAL B 373 -16.97 17.96 2.13
CA VAL B 373 -18.01 17.60 3.08
C VAL B 373 -17.40 16.77 4.19
N HIS B 374 -17.66 17.16 5.44
CA HIS B 374 -17.33 16.40 6.63
C HIS B 374 -18.56 16.38 7.52
N PRO B 375 -18.66 15.42 8.45
CA PRO B 375 -19.87 15.34 9.27
C PRO B 375 -20.24 16.64 9.95
N HIS B 376 -19.25 17.45 10.35
CA HIS B 376 -19.56 18.68 11.07
C HIS B 376 -20.16 19.76 10.17
N ASN B 377 -19.95 19.71 8.85
CA ASN B 377 -20.47 20.75 7.97
C ASN B 377 -21.38 20.21 6.87
N ALA B 378 -21.70 18.91 6.88
CA ALA B 378 -22.40 18.29 5.76
C ALA B 378 -23.75 18.95 5.50
N GLN B 379 -24.47 19.31 6.57
CA GLN B 379 -25.81 19.86 6.40
C GLN B 379 -25.78 21.17 5.63
N GLU B 380 -24.85 22.07 5.94
CA GLU B 380 -24.80 23.30 5.16
C GLU B 380 -24.12 23.12 3.81
N ARG B 381 -23.11 22.26 3.73
CA ARG B 381 -22.39 22.09 2.48
C ARG B 381 -23.26 21.39 1.43
N CYS B 382 -24.03 20.39 1.84
CA CYS B 382 -24.91 19.72 0.89
C CYS B 382 -26.01 20.65 0.42
N ARG B 383 -26.51 21.52 1.30
CA ARG B 383 -27.42 22.56 0.88
C ARG B 383 -26.78 23.42 -0.20
N GLU B 384 -25.54 23.85 0.04
CA GLU B 384 -24.81 24.65 -0.94
C GLU B 384 -24.66 23.91 -2.27
N ILE B 385 -24.34 22.61 -2.20
CA ILE B 385 -24.18 21.80 -3.41
C ILE B 385 -25.50 21.72 -4.19
N VAL B 386 -26.61 21.52 -3.50
CA VAL B 386 -27.88 21.44 -4.22
C VAL B 386 -28.21 22.77 -4.87
N MET B 387 -27.90 23.89 -4.20
CA MET B 387 -28.11 25.19 -4.82
C MET B 387 -27.26 25.35 -6.08
N LEU B 388 -26.04 24.79 -6.08
CA LEU B 388 -25.23 24.82 -7.28
C LEU B 388 -25.87 24.02 -8.41
N ALA B 389 -26.52 22.91 -8.06
CA ALA B 389 -27.20 22.11 -9.08
C ALA B 389 -28.37 22.88 -9.66
N ILE B 390 -29.11 23.60 -8.82
CA ILE B 390 -30.24 24.39 -9.31
C ILE B 390 -29.75 25.48 -10.25
N ASP B 391 -28.63 26.13 -9.92
CA ASP B 391 -28.05 27.13 -10.81
C ASP B 391 -27.65 26.50 -12.15
N ALA B 392 -27.09 25.29 -12.09
CA ALA B 392 -26.71 24.61 -13.33
C ALA B 392 -27.95 24.29 -14.16
N TYR B 393 -29.03 23.86 -13.51
CA TYR B 393 -30.29 23.64 -14.23
C TYR B 393 -30.72 24.85 -15.04
N THR B 394 -30.51 26.06 -14.52
CA THR B 394 -30.94 27.24 -15.29
C THR B 394 -30.10 27.45 -16.55
N ARG B 395 -28.99 26.73 -16.68
N ARG B 395 -28.98 26.74 -16.69
CA ARG B 395 -28.11 26.81 -17.84
CA ARG B 395 -28.15 26.84 -17.87
C ARG B 395 -28.27 25.62 -18.78
C ARG B 395 -28.25 25.60 -18.77
N ARG B 396 -29.17 24.69 -18.48
CA ARG B 396 -29.36 23.53 -19.33
C ARG B 396 -29.90 23.97 -20.69
N ASP B 397 -29.25 23.48 -21.76
CA ASP B 397 -29.70 23.69 -23.12
C ASP B 397 -30.76 22.65 -23.44
N PRO B 398 -32.03 23.05 -23.51
CA PRO B 398 -33.10 22.06 -23.73
C PRO B 398 -33.00 21.35 -25.07
N ALA B 399 -32.31 21.95 -26.03
CA ALA B 399 -32.18 21.35 -27.35
C ALA B 399 -31.25 20.15 -27.37
N ARG B 400 -30.38 20.02 -26.37
CA ARG B 400 -29.45 18.90 -26.30
C ARG B 400 -29.93 17.80 -25.35
N VAL B 401 -31.17 17.86 -24.88
CA VAL B 401 -31.71 16.88 -23.95
C VAL B 401 -32.29 15.71 -24.73
N ASP B 402 -31.92 14.49 -24.33
CA ASP B 402 -32.46 13.26 -24.89
C ASP B 402 -32.38 12.19 -23.79
N ILE B 403 -33.49 11.99 -23.08
CA ILE B 403 -33.58 10.94 -22.07
C ILE B 403 -34.23 9.74 -22.75
N PRO B 404 -33.50 8.64 -22.98
CA PRO B 404 -33.89 7.70 -24.05
C PRO B 404 -34.92 6.62 -23.69
N SER B 405 -35.23 6.39 -22.42
CA SER B 405 -35.97 5.18 -22.08
C SER B 405 -37.03 5.49 -21.03
N GLN B 406 -37.98 4.54 -20.87
CA GLN B 406 -38.84 4.48 -19.70
C GLN B 406 -38.18 3.64 -18.61
N PRO B 407 -38.23 4.08 -17.36
CA PRO B 407 -37.57 3.35 -16.28
C PRO B 407 -38.23 2.00 -15.98
N VAL B 408 -37.41 1.07 -15.48
CA VAL B 408 -37.80 -0.31 -15.24
C VAL B 408 -37.97 -0.52 -13.74
N SER B 409 -39.07 -1.15 -13.35
CA SER B 409 -39.32 -1.36 -11.92
C SER B 409 -38.37 -2.41 -11.35
N ILE B 410 -37.97 -2.19 -10.10
CA ILE B 410 -37.12 -3.11 -9.35
C ILE B 410 -37.58 -3.14 -7.91
N MET B 411 -37.16 -4.19 -7.20
CA MET B 411 -37.26 -4.27 -5.75
C MET B 411 -35.85 -4.37 -5.18
N SER B 412 -35.61 -3.65 -4.08
CA SER B 412 -34.30 -3.57 -3.44
C SER B 412 -34.49 -3.75 -1.94
N GLY B 413 -33.38 -3.74 -1.21
CA GLY B 413 -33.42 -3.68 0.24
C GLY B 413 -33.23 -4.99 0.97
N PHE B 414 -32.60 -5.98 0.34
CA PHE B 414 -32.47 -7.29 0.96
C PHE B 414 -31.16 -7.39 1.74
N SER B 415 -31.14 -6.66 2.85
CA SER B 415 -30.19 -6.97 3.91
C SER B 415 -30.45 -8.38 4.46
N ASN B 416 -29.47 -8.91 5.21
CA ASN B 416 -29.70 -10.17 5.90
C ASN B 416 -30.84 -10.04 6.90
N GLU B 417 -30.95 -8.87 7.55
CA GLU B 417 -32.07 -8.62 8.45
C GLU B 417 -33.41 -8.75 7.72
N ALA B 418 -33.49 -8.21 6.50
CA ALA B 418 -34.72 -8.32 5.73
C ALA B 418 -34.96 -9.75 5.25
N ILE B 419 -33.90 -10.48 4.93
CA ILE B 419 -34.04 -11.87 4.48
C ILE B 419 -34.57 -12.73 5.63
N LEU B 420 -33.92 -12.65 6.79
CA LEU B 420 -34.39 -13.40 7.94
C LEU B 420 -35.83 -13.03 8.30
N GLU B 421 -36.16 -11.74 8.23
CA GLU B 421 -37.53 -11.34 8.54
C GLU B 421 -38.52 -11.91 7.53
N ALA B 422 -38.16 -11.90 6.25
CA ALA B 422 -39.02 -12.52 5.24
C ALA B 422 -39.17 -14.02 5.45
N LEU B 423 -38.19 -14.65 6.11
CA LEU B 423 -38.23 -16.08 6.39
C LEU B 423 -38.94 -16.43 7.70
N GLY B 424 -39.50 -15.43 8.39
CA GLY B 424 -40.13 -15.67 9.67
C GLY B 424 -39.22 -15.47 10.87
N GLY B 425 -37.97 -15.10 10.67
CA GLY B 425 -37.07 -14.83 11.78
C GLY B 425 -35.98 -15.84 12.00
N THR B 426 -35.93 -16.92 11.22
CA THR B 426 -34.89 -17.93 11.31
C THR B 426 -34.53 -18.37 9.90
N PRO B 427 -33.29 -18.85 9.69
CA PRO B 427 -32.92 -19.40 8.38
C PRO B 427 -33.49 -20.78 8.10
N LYS B 428 -34.28 -21.34 9.01
CA LYS B 428 -34.78 -22.70 8.84
C LYS B 428 -35.58 -22.90 7.56
N PRO B 429 -36.54 -22.05 7.21
CA PRO B 429 -37.22 -22.22 5.91
C PRO B 429 -36.26 -22.20 4.73
N LEU B 430 -35.23 -21.37 4.78
CA LEU B 430 -34.23 -21.39 3.71
C LEU B 430 -33.47 -22.70 3.70
N ILE B 431 -33.04 -23.17 4.87
CA ILE B 431 -32.33 -24.46 4.95
C ILE B 431 -33.20 -25.59 4.42
N ASP B 432 -34.48 -25.60 4.81
CA ASP B 432 -35.39 -26.65 4.36
C ASP B 432 -35.54 -26.65 2.84
N ALA B 433 -35.65 -25.46 2.25
CA ALA B 433 -35.76 -25.38 0.79
C ALA B 433 -34.50 -25.92 0.11
N VAL B 434 -33.32 -25.60 0.66
CA VAL B 434 -32.07 -26.16 0.12
C VAL B 434 -32.03 -27.67 0.29
N VAL B 435 -32.42 -28.16 1.46
CA VAL B 435 -32.43 -29.61 1.70
C VAL B 435 -33.36 -30.31 0.73
N ALA B 436 -34.56 -29.76 0.53
CA ALA B 436 -35.53 -30.37 -0.38
C ALA B 436 -35.10 -30.27 -1.84
N GLY B 437 -34.14 -29.41 -2.17
CA GLY B 437 -33.75 -29.22 -3.55
C GLY B 437 -34.53 -28.17 -4.31
N GLN B 438 -35.45 -27.47 -3.66
CA GLN B 438 -36.17 -26.38 -4.32
C GLN B 438 -35.20 -25.26 -4.71
N ILE B 439 -34.37 -24.83 -3.78
CA ILE B 439 -33.26 -23.93 -4.07
C ILE B 439 -32.00 -24.79 -4.00
N ARG B 440 -31.39 -25.04 -5.16
CA ARG B 440 -30.24 -25.94 -5.19
C ARG B 440 -29.01 -25.28 -4.57
N GLY B 441 -28.85 -23.98 -4.75
CA GLY B 441 -27.75 -23.28 -4.14
C GLY B 441 -27.94 -21.79 -4.28
N PHE B 442 -26.87 -21.03 -3.99
CA PHE B 442 -26.86 -19.58 -4.10
C PHE B 442 -25.58 -19.15 -4.78
N VAL B 443 -25.68 -18.14 -5.64
CA VAL B 443 -24.49 -17.51 -6.21
C VAL B 443 -24.61 -16.01 -6.02
N GLY B 444 -23.57 -15.41 -5.45
CA GLY B 444 -23.47 -13.98 -5.46
C GLY B 444 -22.86 -13.51 -6.76
N ILE B 445 -23.59 -12.69 -7.51
CA ILE B 445 -23.07 -12.12 -8.74
C ILE B 445 -22.79 -10.66 -8.47
N VAL B 446 -21.51 -10.30 -8.56
CA VAL B 446 -20.99 -9.07 -8.00
C VAL B 446 -20.10 -8.42 -9.07
N GLY B 447 -19.59 -7.26 -8.78
CA GLY B 447 -18.63 -6.77 -9.74
C GLY B 447 -19.21 -5.90 -10.85
N CYS B 448 -18.33 -5.56 -11.79
N CYS B 448 -18.34 -5.63 -11.81
CA CYS B 448 -18.41 -4.32 -12.53
CA CYS B 448 -18.29 -4.39 -12.58
C CYS B 448 -18.89 -4.54 -13.97
C CYS B 448 -18.90 -4.53 -13.97
N ASN B 449 -18.62 -3.55 -14.83
CA ASN B 449 -18.59 -3.68 -16.28
C ASN B 449 -17.13 -3.56 -16.71
N ASN B 450 -16.87 -3.91 -17.97
CA ASN B 450 -15.52 -3.80 -18.50
C ASN B 450 -15.67 -3.65 -20.01
N PRO B 451 -15.09 -2.60 -20.61
CA PRO B 451 -15.27 -2.41 -22.07
C PRO B 451 -14.84 -3.60 -22.91
N LYS B 452 -14.07 -4.52 -22.33
CA LYS B 452 -13.67 -5.71 -23.08
C LYS B 452 -14.86 -6.63 -23.35
N ILE B 453 -15.95 -6.48 -22.61
CA ILE B 453 -17.12 -7.34 -22.73
C ILE B 453 -18.33 -6.47 -23.01
N ARG B 454 -19.13 -6.88 -24.01
CA ARG B 454 -20.38 -6.20 -24.30
C ARG B 454 -21.17 -5.94 -23.02
N GLN B 455 -21.45 -4.67 -22.75
CA GLN B 455 -21.90 -4.27 -21.41
C GLN B 455 -23.12 -5.07 -20.97
N ASP B 456 -22.96 -5.74 -19.82
CA ASP B 456 -23.98 -6.51 -19.10
C ASP B 456 -24.41 -7.77 -19.83
N SER B 457 -23.81 -8.10 -20.97
CA SER B 457 -24.17 -9.32 -21.68
C SER B 457 -23.89 -10.55 -20.82
N ALA B 458 -22.75 -10.57 -20.12
CA ALA B 458 -22.45 -11.74 -19.31
C ALA B 458 -23.16 -11.67 -17.97
N ASN B 459 -23.22 -10.49 -17.36
CA ASN B 459 -23.96 -10.30 -16.11
C ASN B 459 -25.39 -10.83 -16.21
N VAL B 460 -26.11 -10.46 -17.28
CA VAL B 460 -27.51 -10.88 -17.40
C VAL B 460 -27.60 -12.36 -17.79
N THR B 461 -26.81 -12.80 -18.75
CA THR B 461 -26.90 -14.21 -19.17
C THR B 461 -26.62 -15.15 -17.99
N LEU B 462 -25.58 -14.87 -17.20
CA LEU B 462 -25.27 -15.73 -16.07
C LEU B 462 -26.40 -15.72 -15.05
N THR B 463 -26.93 -14.53 -14.75
CA THR B 463 -28.06 -14.43 -13.83
C THR B 463 -29.23 -15.28 -14.33
N ARG B 464 -29.59 -15.13 -15.62
CA ARG B 464 -30.72 -15.88 -16.16
C ARG B 464 -30.45 -17.38 -16.10
N GLU B 465 -29.22 -17.79 -16.41
CA GLU B 465 -28.88 -19.20 -16.41
C GLU B 465 -29.04 -19.81 -15.03
N LEU B 466 -28.52 -19.12 -14.01
CA LEU B 466 -28.56 -19.67 -12.65
C LEU B 466 -29.99 -19.78 -12.13
N ILE B 467 -30.81 -18.74 -12.29
CA ILE B 467 -32.15 -18.85 -11.70
C ILE B 467 -32.99 -19.90 -12.43
N ARG B 468 -32.69 -20.17 -13.71
CA ARG B 468 -33.40 -21.24 -14.41
C ARG B 468 -33.02 -22.60 -13.86
N ARG B 469 -31.81 -22.73 -13.30
CA ARG B 469 -31.36 -23.98 -12.70
C ARG B 469 -31.67 -24.06 -11.21
N ASP B 470 -32.61 -23.24 -10.73
CA ASP B 470 -33.02 -23.21 -9.32
C ASP B 470 -31.87 -22.81 -8.40
N ILE B 471 -31.00 -21.93 -8.87
CA ILE B 471 -29.95 -21.33 -8.06
C ILE B 471 -30.30 -19.86 -7.85
N MET B 472 -30.55 -19.49 -6.60
CA MET B 472 -30.91 -18.11 -6.30
C MET B 472 -29.69 -17.23 -6.41
N VAL B 473 -29.87 -16.04 -6.97
CA VAL B 473 -28.77 -15.11 -7.20
C VAL B 473 -28.87 -13.95 -6.21
N LEU B 474 -27.74 -13.60 -5.61
CA LEU B 474 -27.60 -12.45 -4.73
C LEU B 474 -26.78 -11.42 -5.49
N ALA B 475 -27.37 -10.24 -5.75
CA ALA B 475 -26.74 -9.26 -6.63
C ALA B 475 -26.27 -8.03 -5.85
N THR B 476 -25.06 -7.57 -6.17
CA THR B 476 -24.50 -6.38 -5.56
C THR B 476 -23.76 -5.58 -6.63
N GLY B 477 -23.40 -4.35 -6.30
CA GLY B 477 -22.57 -3.56 -7.20
C GLY B 477 -23.25 -3.27 -8.52
N CYS B 478 -22.47 -3.25 -9.58
N CYS B 478 -22.42 -3.21 -9.58
CA CYS B 478 -23.04 -2.85 -10.87
CA CYS B 478 -22.90 -2.95 -10.93
C CYS B 478 -23.81 -3.97 -11.55
C CYS B 478 -23.98 -3.92 -11.35
N VAL B 479 -23.81 -5.19 -10.99
CA VAL B 479 -24.71 -6.22 -11.45
C VAL B 479 -26.15 -5.86 -11.10
N THR B 480 -26.33 -5.09 -10.01
CA THR B 480 -27.65 -4.63 -9.62
C THR B 480 -28.39 -4.00 -10.79
N THR B 481 -27.73 -3.06 -11.47
CA THR B 481 -28.36 -2.35 -12.58
C THR B 481 -28.64 -3.30 -13.73
N ALA B 482 -27.75 -4.26 -13.95
CA ALA B 482 -27.93 -5.22 -15.03
C ALA B 482 -29.13 -6.11 -14.78
N ALA B 483 -29.18 -6.72 -13.60
CA ALA B 483 -30.34 -7.52 -13.24
C ALA B 483 -31.60 -6.68 -13.20
N GLY B 484 -31.48 -5.42 -12.75
CA GLY B 484 -32.65 -4.55 -12.70
C GLY B 484 -33.21 -4.25 -14.08
N LYS B 485 -32.34 -3.85 -15.00
CA LYS B 485 -32.82 -3.50 -16.34
C LYS B 485 -33.33 -4.71 -17.10
N ALA B 486 -32.87 -5.91 -16.74
CA ALA B 486 -33.40 -7.15 -17.31
C ALA B 486 -34.70 -7.59 -16.66
N GLY B 487 -35.26 -6.81 -15.74
CA GLY B 487 -36.51 -7.18 -15.09
C GLY B 487 -36.42 -8.33 -14.11
N LEU B 488 -35.22 -8.63 -13.62
CA LEU B 488 -35.03 -9.79 -12.74
C LEU B 488 -35.15 -9.46 -11.27
N LEU B 489 -35.29 -8.18 -10.90
CA LEU B 489 -35.32 -7.81 -9.50
C LEU B 489 -36.74 -7.60 -8.98
N VAL B 490 -37.75 -8.21 -9.61
CA VAL B 490 -39.12 -8.03 -9.13
C VAL B 490 -39.71 -9.39 -8.79
N PRO B 491 -40.68 -9.47 -7.89
CA PRO B 491 -41.25 -10.79 -7.53
C PRO B 491 -41.79 -11.54 -8.72
N GLU B 492 -42.34 -10.84 -9.71
CA GLU B 492 -42.90 -11.50 -10.88
C GLU B 492 -41.84 -12.18 -11.73
N ALA B 493 -40.56 -11.91 -11.47
CA ALA B 493 -39.47 -12.60 -12.14
C ALA B 493 -39.35 -14.07 -11.71
N ALA B 494 -40.08 -14.49 -10.68
CA ALA B 494 -40.21 -15.91 -10.39
C ALA B 494 -40.54 -16.68 -11.66
N SER B 495 -41.33 -16.08 -12.55
CA SER B 495 -41.70 -16.70 -13.82
C SER B 495 -40.49 -16.99 -14.70
N LYS B 496 -39.35 -16.37 -14.45
CA LYS B 496 -38.14 -16.66 -15.21
C LYS B 496 -37.26 -17.71 -14.56
N ALA B 497 -37.61 -18.19 -13.37
CA ALA B 497 -36.80 -19.15 -12.64
C ALA B 497 -37.33 -20.57 -12.84
N GLY B 498 -36.52 -21.54 -12.42
CA GLY B 498 -36.94 -22.93 -12.41
C GLY B 498 -38.07 -23.17 -11.42
N GLU B 499 -38.68 -24.36 -11.51
CA GLU B 499 -39.88 -24.65 -10.73
C GLU B 499 -39.63 -24.49 -9.24
N GLY B 500 -38.49 -24.98 -8.75
CA GLY B 500 -38.26 -24.97 -7.31
C GLY B 500 -38.05 -23.58 -6.76
N LEU B 501 -37.23 -22.79 -7.45
CA LEU B 501 -36.96 -21.43 -6.99
C LEU B 501 -38.18 -20.54 -7.18
N ALA B 502 -38.88 -20.69 -8.30
CA ALA B 502 -40.14 -19.97 -8.50
C ALA B 502 -41.11 -20.24 -7.36
N ALA B 503 -41.24 -21.49 -6.95
CA ALA B 503 -42.20 -21.81 -5.89
C ALA B 503 -41.81 -21.14 -4.58
N VAL B 504 -40.52 -21.17 -4.24
CA VAL B 504 -40.06 -20.55 -3.00
C VAL B 504 -40.21 -19.03 -3.08
N CYS B 505 -39.80 -18.44 -4.20
CA CYS B 505 -39.94 -17.00 -4.37
C CYS B 505 -41.39 -16.56 -4.21
N ARG B 506 -42.31 -17.25 -4.88
CA ARG B 506 -43.72 -16.88 -4.80
C ARG B 506 -44.28 -17.11 -3.39
N SER B 507 -43.76 -18.10 -2.66
CA SER B 507 -44.26 -18.31 -1.30
C SER B 507 -43.80 -17.19 -0.37
N LEU B 508 -42.64 -16.59 -0.64
CA LEU B 508 -42.12 -15.49 0.18
C LEU B 508 -42.47 -14.13 -0.40
N GLY B 509 -42.93 -14.06 -1.65
CA GLY B 509 -43.16 -12.80 -2.30
C GLY B 509 -41.90 -12.02 -2.61
N VAL B 510 -40.80 -12.71 -2.94
CA VAL B 510 -39.54 -12.03 -3.22
C VAL B 510 -39.12 -12.34 -4.65
N PRO B 511 -38.19 -11.56 -5.21
CA PRO B 511 -37.62 -11.90 -6.53
C PRO B 511 -36.71 -13.11 -6.44
N PRO B 512 -36.39 -13.72 -7.59
CA PRO B 512 -35.35 -14.76 -7.61
C PRO B 512 -33.94 -14.20 -7.57
N VAL B 513 -33.79 -12.88 -7.70
CA VAL B 513 -32.51 -12.18 -7.60
C VAL B 513 -32.69 -11.13 -6.50
N LEU B 514 -31.97 -11.31 -5.39
CA LEU B 514 -32.08 -10.43 -4.24
C LEU B 514 -30.98 -9.39 -4.28
N HIS B 515 -31.37 -8.12 -4.36
CA HIS B 515 -30.39 -7.03 -4.30
C HIS B 515 -29.92 -6.86 -2.86
N MET B 516 -28.63 -7.15 -2.63
CA MET B 516 -28.05 -7.07 -1.29
C MET B 516 -27.12 -5.88 -1.11
N GLY B 517 -26.95 -5.04 -2.14
CA GLY B 517 -26.40 -3.71 -1.91
C GLY B 517 -25.17 -3.34 -2.74
N SER B 518 -24.26 -2.57 -2.13
CA SER B 518 -23.08 -2.03 -2.79
C SER B 518 -21.96 -3.05 -2.75
N CYS B 519 -20.77 -2.64 -3.21
N CYS B 519 -20.77 -2.64 -3.22
CA CYS B 519 -19.63 -3.56 -3.18
CA CYS B 519 -19.63 -3.54 -3.18
C CYS B 519 -19.16 -3.84 -1.76
C CYS B 519 -19.18 -3.85 -1.76
N VAL B 520 -19.29 -2.88 -0.84
CA VAL B 520 -18.91 -3.18 0.55
C VAL B 520 -19.89 -4.15 1.14
N ASP B 521 -21.15 -4.10 0.66
CA ASP B 521 -22.19 -5.00 1.12
C ASP B 521 -22.00 -6.43 0.67
N ASN B 522 -20.97 -6.74 -0.14
CA ASN B 522 -20.63 -8.16 -0.25
C ASN B 522 -20.28 -8.76 1.10
N SER B 523 -19.97 -7.92 2.09
CA SER B 523 -19.81 -8.42 3.46
C SER B 523 -21.09 -9.08 3.96
N ARG B 524 -22.26 -8.63 3.50
CA ARG B 524 -23.49 -9.30 3.87
C ARG B 524 -23.52 -10.74 3.37
N ILE B 525 -22.91 -11.00 2.22
CA ILE B 525 -22.92 -12.36 1.71
C ILE B 525 -21.99 -13.24 2.55
N LEU B 526 -20.83 -12.72 2.93
CA LEU B 526 -19.98 -13.39 3.91
C LEU B 526 -20.76 -13.69 5.18
N GLN B 527 -21.44 -12.67 5.73
CA GLN B 527 -22.19 -12.86 6.98
C GLN B 527 -23.24 -13.95 6.81
N LEU B 528 -23.96 -13.93 5.69
CA LEU B 528 -25.00 -14.92 5.47
C LEU B 528 -24.40 -16.32 5.38
N CYS B 529 -23.30 -16.46 4.63
CA CYS B 529 -22.63 -17.76 4.52
C CYS B 529 -22.16 -18.24 5.90
N ALA B 530 -21.56 -17.36 6.69
CA ALA B 530 -21.06 -17.77 7.99
C ALA B 530 -22.20 -18.18 8.91
N LEU B 531 -23.33 -17.49 8.81
CA LEU B 531 -24.49 -17.83 9.62
C LEU B 531 -25.01 -19.22 9.26
N LEU B 532 -25.16 -19.52 7.97
CA LEU B 532 -25.64 -20.83 7.56
C LEU B 532 -24.65 -21.92 7.95
N ALA B 533 -23.36 -21.68 7.70
CA ALA B 533 -22.35 -22.68 8.03
C ALA B 533 -22.29 -22.92 9.53
N THR B 534 -22.34 -21.84 10.32
CA THR B 534 -22.33 -22.00 11.78
C THR B 534 -23.59 -22.72 12.24
N THR B 535 -24.75 -22.36 11.68
CA THR B 535 -26.00 -23.04 12.03
C THR B 535 -25.95 -24.53 11.74
N LEU B 536 -25.39 -24.90 10.59
CA LEU B 536 -25.31 -26.29 10.17
C LEU B 536 -24.15 -27.05 10.80
N GLY B 537 -23.17 -26.34 11.34
CA GLY B 537 -22.01 -26.98 11.90
C GLY B 537 -21.02 -27.47 10.88
N VAL B 538 -20.89 -26.77 9.75
CA VAL B 538 -19.97 -27.13 8.68
C VAL B 538 -19.11 -25.90 8.35
N ASP B 539 -18.25 -26.05 7.35
CA ASP B 539 -17.44 -24.92 6.88
C ASP B 539 -18.21 -24.19 5.80
N ILE B 540 -17.78 -22.95 5.52
CA ILE B 540 -18.33 -22.24 4.37
C ILE B 540 -18.03 -23.01 3.09
N SER B 541 -16.90 -23.72 3.06
CA SER B 541 -16.50 -24.53 1.93
C SER B 541 -17.36 -25.78 1.76
N ASP B 542 -18.27 -26.03 2.70
CA ASP B 542 -19.25 -27.11 2.57
C ASP B 542 -20.61 -26.63 2.08
N LEU B 543 -20.81 -25.26 1.93
CA LEU B 543 -22.13 -24.77 1.55
C LEU B 543 -22.28 -24.77 0.03
N PRO B 544 -23.49 -25.02 -0.48
CA PRO B 544 -23.75 -24.93 -1.94
C PRO B 544 -23.85 -23.48 -2.40
N VAL B 545 -22.69 -22.83 -2.45
CA VAL B 545 -22.62 -21.41 -2.77
C VAL B 545 -21.56 -21.20 -3.84
N GLY B 546 -21.63 -20.04 -4.48
CA GLY B 546 -20.59 -19.63 -5.40
C GLY B 546 -20.62 -18.12 -5.51
N ALA B 547 -19.60 -17.58 -6.14
CA ALA B 547 -19.55 -16.14 -6.40
C ALA B 547 -19.05 -15.93 -7.83
N SER B 548 -19.43 -14.79 -8.41
CA SER B 548 -19.08 -14.55 -9.81
C SER B 548 -19.00 -13.07 -10.08
N SER B 549 -17.95 -12.65 -10.76
CA SER B 549 -17.87 -11.30 -11.33
C SER B 549 -17.60 -11.45 -12.82
N PRO B 550 -18.65 -11.58 -13.65
CA PRO B 550 -18.44 -11.86 -15.07
C PRO B 550 -17.76 -10.73 -15.84
N GLU B 551 -17.86 -9.49 -15.38
CA GLU B 551 -17.36 -8.35 -16.15
C GLU B 551 -16.55 -7.41 -15.27
N TRP B 552 -15.75 -7.95 -14.36
CA TRP B 552 -15.05 -7.11 -13.40
C TRP B 552 -13.99 -6.24 -14.09
N TYR B 553 -13.60 -5.16 -13.40
CA TYR B 553 -12.46 -4.36 -13.86
C TYR B 553 -11.53 -3.90 -12.72
N SER B 554 -12.03 -3.69 -11.51
CA SER B 554 -11.33 -2.92 -10.48
C SER B 554 -10.47 -3.79 -9.56
N GLU B 555 -9.51 -3.12 -8.90
CA GLU B 555 -8.78 -3.76 -7.80
C GLU B 555 -9.73 -4.19 -6.69
N LYS B 556 -10.76 -3.37 -6.41
N LYS B 556 -10.73 -3.35 -6.39
CA LYS B 556 -11.73 -3.72 -5.37
CA LYS B 556 -11.74 -3.71 -5.38
C LYS B 556 -12.46 -5.01 -5.71
C LYS B 556 -12.42 -5.03 -5.73
N ALA B 557 -12.80 -5.22 -7.00
CA ALA B 557 -13.48 -6.45 -7.39
C ALA B 557 -12.55 -7.65 -7.22
N ALA B 558 -11.26 -7.49 -7.52
CA ALA B 558 -10.31 -8.57 -7.33
C ALA B 558 -10.15 -8.92 -5.86
N ALA B 559 -10.12 -7.91 -4.99
CA ALA B 559 -10.04 -8.18 -3.55
C ALA B 559 -11.29 -8.91 -3.06
N ILE B 560 -12.47 -8.51 -3.54
CA ILE B 560 -13.69 -9.24 -3.19
C ILE B 560 -13.59 -10.69 -3.64
N ALA B 561 -13.18 -10.92 -4.88
CA ALA B 561 -13.05 -12.30 -5.36
C ALA B 561 -12.04 -13.08 -4.52
N MET B 562 -10.94 -12.44 -4.11
CA MET B 562 -9.97 -13.12 -3.28
C MET B 562 -10.53 -13.43 -1.89
N TYR B 563 -11.23 -12.49 -1.24
CA TYR B 563 -11.72 -12.84 0.08
C TYR B 563 -12.89 -13.83 0.02
N ALA B 564 -13.63 -13.88 -1.09
CA ALA B 564 -14.61 -14.94 -1.28
C ALA B 564 -13.91 -16.30 -1.35
N VAL B 565 -12.90 -16.42 -2.22
CA VAL B 565 -12.14 -17.66 -2.37
C VAL B 565 -11.52 -18.07 -1.05
N ALA B 566 -10.83 -17.14 -0.37
CA ALA B 566 -10.17 -17.49 0.87
C ALA B 566 -11.16 -17.82 1.98
N SER B 567 -12.43 -17.45 1.82
CA SER B 567 -13.46 -17.82 2.78
C SER B 567 -14.15 -19.14 2.44
N GLY B 568 -13.82 -19.75 1.32
CA GLY B 568 -14.39 -21.05 0.96
C GLY B 568 -15.43 -21.02 -0.12
N ILE B 569 -15.57 -19.93 -0.86
CA ILE B 569 -16.61 -19.73 -1.87
C ILE B 569 -15.96 -19.84 -3.25
N PRO B 570 -16.31 -20.83 -4.07
CA PRO B 570 -15.76 -20.87 -5.44
C PRO B 570 -16.17 -19.61 -6.17
N THR B 571 -15.19 -18.97 -6.84
CA THR B 571 -15.41 -17.65 -7.40
C THR B 571 -15.02 -17.62 -8.87
N HIS B 572 -15.98 -17.29 -9.72
CA HIS B 572 -15.78 -17.19 -11.15
C HIS B 572 -15.45 -15.75 -11.55
N LEU B 573 -14.51 -15.59 -12.48
CA LEU B 573 -14.21 -14.30 -13.08
C LEU B 573 -14.33 -14.41 -14.58
N GLY B 574 -14.95 -13.43 -15.21
CA GLY B 574 -15.07 -13.46 -16.66
C GLY B 574 -13.75 -13.22 -17.38
N LEU B 575 -12.86 -12.45 -16.76
CA LEU B 575 -11.57 -12.09 -17.32
C LEU B 575 -10.47 -12.45 -16.33
N PRO B 576 -9.30 -12.85 -16.82
CA PRO B 576 -8.19 -13.14 -15.93
C PRO B 576 -7.60 -11.86 -15.36
N PRO B 577 -7.15 -11.88 -14.11
CA PRO B 577 -6.22 -10.84 -13.65
C PRO B 577 -4.96 -10.93 -14.48
N ASN B 578 -4.06 -9.97 -14.28
CA ASN B 578 -2.84 -9.91 -15.09
C ASN B 578 -1.79 -10.84 -14.51
N ILE B 579 -2.04 -12.15 -14.63
CA ILE B 579 -1.20 -13.16 -13.97
C ILE B 579 -0.79 -14.30 -14.89
N LEU B 580 -1.27 -14.34 -16.14
CA LEU B 580 -1.01 -15.54 -16.92
C LEU B 580 0.44 -15.66 -17.38
N GLY B 581 1.27 -14.63 -17.16
CA GLY B 581 2.69 -14.81 -17.42
C GLY B 581 3.41 -15.73 -16.47
N SER B 582 2.76 -16.13 -15.37
CA SER B 582 3.31 -17.13 -14.46
C SER B 582 2.36 -18.32 -14.44
N GLU B 583 2.80 -19.45 -15.01
CA GLU B 583 1.99 -20.65 -14.92
C GLU B 583 1.83 -21.12 -13.48
N ASN B 584 2.84 -20.88 -12.65
CA ASN B 584 2.74 -21.33 -11.25
C ASN B 584 1.76 -20.48 -10.45
N VAL B 585 1.81 -19.15 -10.62
CA VAL B 585 0.80 -18.31 -9.97
C VAL B 585 -0.58 -18.63 -10.52
N THR B 586 -0.69 -18.83 -11.84
CA THR B 586 -2.00 -19.12 -12.42
C THR B 586 -2.54 -20.44 -11.89
N ALA B 587 -1.68 -21.46 -11.79
CA ALA B 587 -2.13 -22.77 -11.31
C ALA B 587 -2.54 -22.70 -9.85
N MET B 588 -1.81 -21.94 -9.03
N MET B 588 -1.82 -21.92 -9.03
CA MET B 588 -2.23 -21.72 -7.65
CA MET B 588 -2.24 -21.73 -7.65
C MET B 588 -3.63 -21.11 -7.60
C MET B 588 -3.61 -21.08 -7.57
N ALA B 589 -3.86 -20.06 -8.39
CA ALA B 589 -5.13 -19.37 -8.35
C ALA B 589 -6.29 -20.26 -8.78
N LEU B 590 -6.10 -21.04 -9.86
CA LEU B 590 -7.17 -21.86 -10.39
C LEU B 590 -7.30 -23.23 -9.73
N HIS B 591 -6.22 -23.77 -9.16
CA HIS B 591 -6.23 -25.15 -8.69
C HIS B 591 -5.65 -25.29 -7.30
N GLY B 592 -4.44 -24.75 -7.10
CA GLY B 592 -3.76 -24.94 -5.84
C GLY B 592 -4.54 -24.47 -4.62
N LEU B 593 -5.24 -23.33 -4.75
CA LEU B 593 -5.99 -22.80 -3.61
C LEU B 593 -7.08 -23.76 -3.15
N GLN B 594 -7.59 -24.59 -4.06
CA GLN B 594 -8.63 -25.56 -3.69
C GLN B 594 -8.14 -26.48 -2.58
N ASP B 595 -6.88 -26.92 -2.65
CA ASP B 595 -6.27 -27.79 -1.66
C ASP B 595 -5.87 -27.06 -0.40
N VAL B 596 -6.09 -25.76 -0.32
CA VAL B 596 -5.62 -24.93 0.78
C VAL B 596 -6.79 -24.29 1.53
N VAL B 597 -7.67 -23.60 0.81
CA VAL B 597 -8.80 -22.90 1.44
C VAL B 597 -10.14 -23.51 1.07
N GLY B 598 -10.17 -24.59 0.28
CA GLY B 598 -11.41 -25.23 -0.07
C GLY B 598 -12.16 -24.57 -1.21
N ALA B 599 -11.55 -23.60 -1.89
CA ALA B 599 -12.14 -22.94 -3.04
C ALA B 599 -11.03 -22.45 -3.95
N ALA B 600 -11.39 -22.08 -5.17
CA ALA B 600 -10.42 -21.50 -6.09
C ALA B 600 -11.12 -20.54 -7.05
N PHE B 601 -10.30 -19.79 -7.77
CA PHE B 601 -10.76 -18.95 -8.86
C PHE B 601 -11.09 -19.80 -10.07
N MET B 602 -12.04 -19.34 -10.86
CA MET B 602 -12.35 -19.87 -12.18
C MET B 602 -12.40 -18.71 -13.15
N VAL B 603 -11.77 -18.87 -14.31
CA VAL B 603 -11.77 -17.82 -15.33
C VAL B 603 -12.47 -18.39 -16.55
N GLU B 604 -13.57 -17.75 -16.96
CA GLU B 604 -14.37 -18.29 -18.05
C GLU B 604 -15.22 -17.18 -18.66
N PRO B 605 -14.95 -16.77 -19.91
CA PRO B 605 -15.69 -15.66 -20.50
C PRO B 605 -17.03 -16.04 -21.10
N ASP B 606 -17.31 -17.32 -21.27
CA ASP B 606 -18.61 -17.78 -21.74
C ASP B 606 -19.52 -17.90 -20.51
N PRO B 607 -20.54 -17.03 -20.36
CA PRO B 607 -21.35 -17.08 -19.13
C PRO B 607 -22.18 -18.35 -18.99
N VAL B 608 -22.48 -19.06 -20.09
CA VAL B 608 -23.20 -20.33 -19.95
C VAL B 608 -22.29 -21.40 -19.40
N LYS B 609 -21.06 -21.48 -19.91
CA LYS B 609 -20.05 -22.35 -19.33
C LYS B 609 -19.76 -21.96 -17.89
N ALA B 610 -19.76 -20.66 -17.59
CA ALA B 610 -19.58 -20.22 -16.21
C ALA B 610 -20.67 -20.79 -15.32
N ALA B 611 -21.92 -20.73 -15.77
CA ALA B 611 -23.02 -21.29 -15.02
C ALA B 611 -22.84 -22.80 -14.81
N ASP B 612 -22.41 -23.52 -15.85
CA ASP B 612 -22.15 -24.95 -15.70
C ASP B 612 -21.11 -25.21 -14.61
N MET B 613 -20.04 -24.41 -14.56
CA MET B 613 -18.98 -24.64 -13.58
C MET B 613 -19.46 -24.31 -12.16
N LEU B 614 -20.16 -23.18 -12.00
CA LEU B 614 -20.69 -22.85 -10.68
C LEU B 614 -21.69 -23.89 -10.21
N GLU B 615 -22.57 -24.33 -11.10
CA GLU B 615 -23.53 -25.36 -10.75
C GLU B 615 -22.83 -26.66 -10.37
N ALA B 616 -21.75 -27.00 -11.08
CA ALA B 616 -21.04 -28.25 -10.79
C ALA B 616 -20.48 -28.25 -9.37
N HIS B 617 -19.86 -27.15 -8.95
CA HIS B 617 -19.39 -27.04 -7.57
C HIS B 617 -20.55 -27.17 -6.58
N ILE B 618 -21.67 -26.52 -6.88
CA ILE B 618 -22.82 -26.58 -5.99
C ILE B 618 -23.32 -28.00 -5.84
N VAL B 619 -23.40 -28.74 -6.96
CA VAL B 619 -23.87 -30.11 -6.92
C VAL B 619 -22.93 -31.00 -6.11
N ALA B 620 -21.62 -30.79 -6.28
CA ALA B 620 -20.63 -31.55 -5.50
C ALA B 620 -20.76 -31.26 -4.01
N ARG B 621 -20.98 -29.99 -3.64
CA ARG B 621 -21.14 -29.68 -2.23
C ARG B 621 -22.48 -30.19 -1.70
N ARG B 622 -23.52 -30.22 -2.54
CA ARG B 622 -24.77 -30.85 -2.12
C ARG B 622 -24.56 -32.32 -1.82
N ALA B 623 -23.82 -33.03 -2.67
CA ALA B 623 -23.54 -34.44 -2.45
C ALA B 623 -22.73 -34.66 -1.18
N ARG B 624 -21.76 -33.78 -0.90
CA ARG B 624 -21.01 -33.91 0.35
C ARG B 624 -21.88 -33.66 1.58
N LEU B 625 -22.96 -32.91 1.44
CA LEU B 625 -23.93 -32.77 2.51
C LEU B 625 -24.96 -33.89 2.52
N GLY B 626 -24.81 -34.89 1.66
CA GLY B 626 -25.79 -35.95 1.60
C GLY B 626 -27.13 -35.50 1.05
N LEU B 627 -27.15 -34.47 0.21
CA LEU B 627 -28.38 -33.93 -0.35
C LEU B 627 -28.58 -34.40 -1.78
N THR B 628 -29.79 -34.17 -2.27
CA THR B 628 -30.17 -34.51 -3.64
C THR B 628 -29.90 -33.33 -4.59
FE1 SF4 C . -4.94 2.95 -14.98
FE2 SF4 C . -5.97 2.52 -17.42
FE3 SF4 C . -7.30 4.18 -15.62
FE4 SF4 C . -7.19 1.47 -15.21
S1 SF4 C . -8.19 2.54 -16.96
S2 SF4 C . -6.80 3.08 -13.67
S3 SF4 C . -5.12 0.94 -16.01
S4 SF4 C . -5.23 4.56 -16.60
FE1 SF4 D . 4.43 -2.76 -20.81
FE2 SF4 D . 6.31 -0.85 -20.50
FE3 SF4 D . 5.77 -2.59 -18.47
FE4 SF4 D . 3.98 -0.70 -19.09
S1 SF4 D . 6.10 -0.33 -18.31
S2 SF4 D . 3.54 -2.89 -18.73
S3 SF4 D . 4.18 -0.54 -21.32
S4 SF4 D . 6.65 -3.11 -20.49
FE1 XCC E . 18.76 -0.90 0.55
FE2 XCC E . 19.07 -0.43 3.78
FE3 XCC E . 19.55 1.46 -0.33
FE4 XCC E . 21.58 0.15 0.79
S1 XCC E . 21.05 2.39 1.24
S2 XCC E . 20.46 -0.58 -0.97
S4 XCC E . 17.52 1.04 0.56
S3 XCC E . 20.39 -1.45 2.19
NI XCC E . 19.26 1.38 2.19
NI CUV F . 17.86 -0.20 4.00
S1 CUV F . 21.10 2.58 1.15
S2 CUV F . 20.45 -0.62 -0.61
S3 CUV F . 22.61 -0.37 2.94
S4 CUV F . 17.56 1.37 0.59
FE1 CUV F . 18.58 -0.69 0.79
FE2 CUV F . 20.41 -1.28 3.15
FE3 CUV F . 19.64 1.52 -0.24
FE4 CUV F . 21.85 0.41 0.88
C1 GOL G . 17.02 26.05 -0.35
O1 GOL G . 15.87 25.24 -0.24
C2 GOL G . 16.61 27.49 -0.13
O2 GOL G . 16.42 27.75 1.24
C3 GOL G . 17.69 28.39 -0.60
O3 GOL G . 17.22 29.69 -0.35
C1 GOL H . 2.41 17.91 -18.91
O1 GOL H . 2.55 17.59 -17.53
C2 GOL H . 3.04 16.86 -19.80
O2 GOL H . 4.40 16.66 -19.47
C3 GOL H . 2.29 15.54 -19.79
O3 GOL H . 0.89 15.76 -19.86
C1 GOL I . -3.62 16.62 2.10
O1 GOL I . -4.23 16.57 3.38
C2 GOL I . -4.63 16.39 1.00
O2 GOL I . -5.75 15.63 1.43
C3 GOL I . -4.04 15.82 -0.26
O3 GOL I . -4.79 16.27 -1.38
FE1 SF4 J . 11.39 -5.20 -9.96
FE2 SF4 J . 13.53 -5.08 -11.58
FE3 SF4 J . 13.72 -6.42 -9.18
FE4 SF4 J . 13.50 -3.66 -9.26
S1 SF4 J . 15.23 -4.93 -10.08
S2 SF4 J . 12.31 -5.09 -7.90
S3 SF4 J . 12.15 -3.34 -11.06
S4 SF4 J . 12.41 -6.99 -10.95
FE1 XCC K . -16.76 0.04 -8.94
FE2 XCC K . -18.46 0.18 -6.16
FE3 XCC K . -17.04 -2.42 -9.74
FE4 XCC K . -19.34 -1.02 -9.99
S1 XCC K . -19.14 -3.12 -9.03
S2 XCC K . -17.40 -0.60 -11.06
S4 XCC K . -15.79 -1.81 -7.97
S3 XCC K . -19.03 0.70 -8.38
NI XCC K . -18.17 -1.87 -7.49
NI CUV L . -17.69 -0.01 -5.54
S1 CUV L . -19.27 -3.39 -9.14
S2 CUV L . -17.70 -0.52 -10.83
S3 CUV L . -21.26 -0.26 -8.88
S4 CUV L . -15.85 -2.16 -8.05
FE1 CUV L . -16.72 -0.17 -8.74
FE2 CUV L . -19.54 0.84 -7.70
FE3 CUV L . -17.26 -2.54 -9.77
FE4 CUV L . -19.67 -1.38 -10.14
C1 GOL M . -15.87 -26.88 -4.50
O1 GOL M . -15.01 -25.82 -4.13
C2 GOL M . -15.59 -28.16 -3.73
O2 GOL M . -16.25 -28.09 -2.47
C3 GOL M . -16.31 -29.24 -4.50
O3 GOL M . -16.22 -30.41 -3.71
C1 GOL N . 6.23 -20.79 -14.53
O1 GOL N . 5.56 -20.17 -13.45
C2 GOL N . 6.35 -19.90 -15.75
O2 GOL N . 5.09 -19.63 -16.33
C3 GOL N . 7.13 -18.63 -15.54
O3 GOL N . 8.36 -18.90 -14.89
#